data_8K1C
#
_entry.id   8K1C
#
_cell.length_a   54.049
_cell.length_b   78.161
_cell.length_c   105.327
_cell.angle_alpha   103.88
_cell.angle_beta   93.73
_cell.angle_gamma   110.19
#
_symmetry.space_group_name_H-M   'P 1'
#
loop_
_entity.id
_entity.type
_entity.pdbx_description
1 polymer 'Acetyl-CoA acetyltransferase'
2 water water
#
_entity_poly.entity_id   1
_entity_poly.type   'polypeptide(L)'
_entity_poly.pdbx_seq_one_letter_code
;MSKVYVVAAKRSAIGSFLGTLSPLKPGDLGAQIVKNILEETKVDPANIDEVIVGNVLSAGQAQGVGRQVAIRAGIPYEVP
AYSVNIICGSGMKSVITAFSNIKAGEADLVIAGGTESMSGAGFILPGAIRGGHKMADLTMKDHMILDALTDAYHNIHMGI
TAENIAERYGITREEQDAFALDSQLKAIAAVDSGRFKDEIAPVVIPNKKGDIIFDTDEYPNRKTDAEKLAKLKPAFKKDG
SVTAGNASGLNDGASFLMLASEEAVKKYNLKPLVEIVATGTGGVDPLVMGMGPVPAIRKAFNKTDLKLKDMELIELNEAF
AAQSLGVIKELCKEHGVTPEWIKERTNVNGGAIALGHPVGASGNRITVTLIYEMKKRGVEYGLASLCIGGGMGTALILKN
VK
;
_entity_poly.pdbx_strand_id   A,B,C,D
#
# COMPACT_ATOMS: atom_id res chain seq x y z
N MET A 1 52.22 -13.11 -6.66
CA MET A 1 50.86 -13.08 -6.13
C MET A 1 50.76 -13.72 -4.74
N SER A 2 50.18 -13.00 -3.80
CA SER A 2 50.09 -13.48 -2.42
C SER A 2 49.13 -14.66 -2.28
N LYS A 3 49.40 -15.49 -1.29
CA LYS A 3 48.40 -16.45 -0.83
C LYS A 3 47.31 -15.71 -0.07
N VAL A 4 46.13 -16.31 0.03
CA VAL A 4 44.99 -15.65 0.68
C VAL A 4 44.62 -16.43 1.93
N TYR A 5 44.69 -15.76 3.08
CA TYR A 5 44.47 -16.40 4.36
C TYR A 5 43.21 -15.89 5.03
N VAL A 6 42.47 -16.79 5.65
CA VAL A 6 41.35 -16.43 6.50
C VAL A 6 41.95 -16.28 7.90
N VAL A 7 41.90 -15.07 8.44
CA VAL A 7 42.45 -14.80 9.77
C VAL A 7 41.37 -14.57 10.82
N ALA A 8 40.11 -14.42 10.43
CA ALA A 8 39.03 -14.34 11.41
C ALA A 8 37.75 -14.89 10.78
N ALA A 9 36.87 -15.42 11.62
CA ALA A 9 35.67 -16.08 11.10
C ALA A 9 34.62 -16.11 12.20
N LYS A 10 33.49 -15.43 11.99
CA LYS A 10 32.42 -15.39 12.98
C LYS A 10 31.09 -15.28 12.25
N ARG A 11 30.08 -15.89 12.85
CA ARG A 11 28.73 -15.80 12.32
C ARG A 11 27.80 -15.52 13.47
N SER A 12 26.64 -14.93 13.16
CA SER A 12 25.55 -14.90 14.11
C SER A 12 24.96 -16.30 14.25
N ALA A 13 24.29 -16.53 15.37
CA ALA A 13 23.31 -17.61 15.38
C ALA A 13 22.23 -17.25 14.35
N ILE A 14 21.57 -18.28 13.83
CA ILE A 14 20.58 -18.12 12.77
C ILE A 14 19.19 -18.03 13.40
N GLY A 15 18.46 -16.97 13.05
CA GLY A 15 17.13 -16.76 13.60
C GLY A 15 16.04 -17.34 12.72
N SER A 16 14.94 -17.72 13.38
CA SER A 16 13.77 -18.18 12.63
C SER A 16 13.03 -16.98 12.06
N PHE A 17 12.17 -17.25 11.08
CA PHE A 17 11.41 -16.19 10.43
C PHE A 17 10.48 -15.52 11.44
N LEU A 18 10.56 -14.19 11.52
CA LEU A 18 9.89 -13.39 12.55
C LEU A 18 10.36 -13.77 13.95
N GLY A 19 11.58 -14.30 14.09
CA GLY A 19 12.09 -14.82 15.34
C GLY A 19 12.93 -13.82 16.12
N THR A 20 13.96 -14.33 16.80
CA THR A 20 14.66 -13.50 17.78
C THR A 20 15.45 -12.37 17.11
N LEU A 21 15.90 -12.55 15.87
CA LEU A 21 16.65 -11.53 15.17
C LEU A 21 15.76 -10.57 14.38
N SER A 22 14.45 -10.87 14.29
CA SER A 22 13.52 -10.14 13.44
C SER A 22 13.51 -8.61 13.64
N PRO A 23 13.75 -8.06 14.83
CA PRO A 23 13.81 -6.58 14.94
C PRO A 23 15.02 -5.95 14.30
N LEU A 24 16.08 -6.71 13.99
CA LEU A 24 17.35 -6.14 13.55
C LEU A 24 17.36 -5.93 12.05
N LYS A 25 17.67 -4.70 11.62
CA LYS A 25 17.94 -4.45 10.22
C LYS A 25 19.24 -5.13 9.81
N PRO A 26 19.37 -5.52 8.53
CA PRO A 26 20.56 -6.29 8.12
C PRO A 26 21.88 -5.54 8.30
N GLY A 27 21.92 -4.26 7.97
CA GLY A 27 23.10 -3.48 8.26
C GLY A 27 23.51 -3.57 9.71
N ASP A 28 22.53 -3.43 10.62
CA ASP A 28 22.82 -3.48 12.05
C ASP A 28 23.29 -4.88 12.47
N LEU A 29 22.56 -5.92 12.03
CA LEU A 29 22.93 -7.30 12.34
C LEU A 29 24.36 -7.61 11.87
N GLY A 30 24.67 -7.25 10.63
CA GLY A 30 26.03 -7.51 10.13
C GLY A 30 27.09 -6.74 10.89
N ALA A 31 26.77 -5.52 11.33
CA ALA A 31 27.77 -4.71 12.01
C ALA A 31 28.19 -5.31 13.35
N GLN A 32 27.25 -5.94 14.07
CA GLN A 32 27.60 -6.58 15.34
C GLN A 32 28.62 -7.70 15.14
N ILE A 33 28.48 -8.47 14.05
CA ILE A 33 29.39 -9.58 13.77
C ILE A 33 30.77 -9.06 13.37
N VAL A 34 30.81 -8.05 12.48
CA VAL A 34 32.09 -7.45 12.11
C VAL A 34 32.75 -6.83 13.33
N LYS A 35 31.96 -6.21 14.20
CA LYS A 35 32.58 -5.60 15.38
C LYS A 35 33.10 -6.66 16.34
N ASN A 36 32.41 -7.82 16.43
CA ASN A 36 32.98 -8.93 17.20
C ASN A 36 34.35 -9.31 16.67
N ILE A 37 34.45 -9.43 15.34
CA ILE A 37 35.72 -9.79 14.70
C ILE A 37 36.78 -8.72 14.96
N LEU A 38 36.38 -7.45 15.04
CA LEU A 38 37.33 -6.38 15.30
C LEU A 38 37.84 -6.46 16.73
N GLU A 39 36.92 -6.62 17.66
CA GLU A 39 37.28 -6.74 19.08
C GLU A 39 38.24 -7.91 19.32
N GLU A 40 38.12 -9.00 18.59
CA GLU A 40 38.86 -10.22 19.01
C GLU A 40 40.25 -10.20 18.36
N THR A 41 40.31 -9.84 17.08
CA THR A 41 41.61 -9.78 16.38
C THR A 41 42.38 -8.53 16.81
N LYS A 42 41.69 -7.54 17.34
CA LYS A 42 42.25 -6.27 17.80
C LYS A 42 42.98 -5.51 16.68
N VAL A 43 42.69 -5.82 15.42
CA VAL A 43 43.27 -5.07 14.31
C VAL A 43 42.68 -3.66 14.30
N ASP A 44 43.55 -2.67 14.05
CA ASP A 44 43.05 -1.32 13.86
C ASP A 44 42.15 -1.32 12.62
N PRO A 45 40.88 -0.94 12.75
CA PRO A 45 39.97 -0.97 11.59
C PRO A 45 40.41 -0.07 10.45
N ALA A 46 41.19 0.98 10.73
CA ALA A 46 41.72 1.87 9.71
C ALA A 46 42.69 1.16 8.77
N ASN A 47 43.19 -0.02 9.14
CA ASN A 47 44.07 -0.80 8.29
C ASN A 47 43.32 -1.77 7.37
N ILE A 48 42.00 -1.83 7.47
CA ILE A 48 41.21 -2.65 6.55
C ILE A 48 41.13 -1.93 5.22
N ASP A 49 41.28 -2.68 4.13
CA ASP A 49 41.22 -2.08 2.80
C ASP A 49 39.80 -1.96 2.28
N GLU A 50 38.96 -2.94 2.55
CA GLU A 50 37.59 -2.92 2.08
C GLU A 50 36.74 -3.86 2.91
N VAL A 51 35.45 -3.58 2.93
CA VAL A 51 34.42 -4.47 3.46
C VAL A 51 33.45 -4.79 2.33
N ILE A 52 33.29 -6.08 2.01
CA ILE A 52 32.41 -6.54 0.93
C ILE A 52 31.31 -7.40 1.54
N VAL A 53 30.05 -7.03 1.31
CA VAL A 53 28.91 -7.59 2.07
C VAL A 53 27.87 -8.17 1.12
N GLY A 54 27.68 -9.48 1.17
CA GLY A 54 26.56 -10.08 0.46
C GLY A 54 25.24 -9.65 1.09
N ASN A 55 24.28 -9.27 0.23
CA ASN A 55 22.95 -8.87 0.70
C ASN A 55 21.98 -8.83 -0.46
N VAL A 56 20.86 -9.54 -0.33
CA VAL A 56 19.88 -9.70 -1.41
C VAL A 56 18.72 -8.72 -1.28
N LEU A 57 18.11 -8.65 -0.10
CA LEU A 57 16.86 -7.92 0.08
C LEU A 57 17.19 -6.52 0.64
N SER A 58 17.53 -5.62 -0.27
CA SER A 58 18.09 -4.31 0.09
C SER A 58 17.04 -3.20 0.12
N ALA A 59 15.81 -3.47 -0.31
CA ALA A 59 14.77 -2.44 -0.28
C ALA A 59 14.51 -1.97 1.13
N GLY A 60 14.28 -0.66 1.28
CA GLY A 60 13.82 -0.11 2.54
C GLY A 60 14.89 0.07 3.59
N GLN A 61 16.17 0.04 3.25
CA GLN A 61 17.22 0.14 4.30
C GLN A 61 17.98 1.46 4.26
N ALA A 62 17.68 2.25 3.24
CA ALA A 62 18.44 3.43 2.83
C ALA A 62 19.78 3.01 2.18
N GLN A 63 20.56 3.97 1.77
CA GLN A 63 21.78 3.68 0.99
C GLN A 63 22.71 2.61 1.62
N GLY A 64 23.05 1.62 0.80
CA GLY A 64 24.09 0.59 0.98
C GLY A 64 24.23 -0.12 2.30
N VAL A 65 23.63 -1.30 2.36
CA VAL A 65 23.69 -2.17 3.56
C VAL A 65 25.16 -2.49 3.85
N GLY A 66 25.95 -2.70 2.81
CA GLY A 66 27.36 -3.03 3.05
C GLY A 66 28.11 -1.93 3.78
N ARG A 67 27.91 -0.69 3.36
CA ARG A 67 28.51 0.44 4.06
C ARG A 67 27.92 0.62 5.46
N GLN A 68 26.62 0.32 5.65
CA GLN A 68 26.07 0.40 7.02
C GLN A 68 26.75 -0.61 7.94
N VAL A 69 27.04 -1.81 7.42
CA VAL A 69 27.74 -2.83 8.21
C VAL A 69 29.08 -2.29 8.70
N ALA A 70 29.85 -1.69 7.79
CA ALA A 70 31.17 -1.19 8.15
C ALA A 70 31.08 0.00 9.11
N ILE A 71 30.24 0.99 8.79
CA ILE A 71 30.15 2.21 9.60
C ILE A 71 29.69 1.89 11.02
N ARG A 72 28.64 1.08 11.13
CA ARG A 72 28.12 0.78 12.47
C ARG A 72 29.00 -0.17 13.26
N ALA A 73 29.98 -0.80 12.63
CA ALA A 73 30.94 -1.62 13.34
C ALA A 73 32.14 -0.83 13.84
N GLY A 74 32.23 0.46 13.49
CA GLY A 74 33.35 1.26 13.90
C GLY A 74 34.49 1.32 12.91
N ILE A 75 34.24 0.98 11.65
CA ILE A 75 35.27 1.08 10.63
C ILE A 75 35.25 2.51 10.07
N PRO A 76 36.39 3.19 10.00
CA PRO A 76 36.38 4.62 9.65
C PRO A 76 35.92 4.88 8.22
N TYR A 77 35.47 6.12 8.02
CA TYR A 77 34.87 6.54 6.75
C TYR A 77 35.77 6.28 5.55
N GLU A 78 37.08 6.26 5.76
CA GLU A 78 38.03 6.16 4.65
C GLU A 78 38.07 4.76 4.06
N VAL A 79 37.52 3.77 4.74
CA VAL A 79 37.52 2.38 4.28
C VAL A 79 36.24 2.16 3.48
N PRO A 80 36.33 1.96 2.17
CA PRO A 80 35.09 1.74 1.40
C PRO A 80 34.45 0.40 1.77
N ALA A 81 33.14 0.34 1.57
CA ALA A 81 32.32 -0.81 1.92
C ALA A 81 31.09 -0.81 1.03
N TYR A 82 30.70 -1.99 0.54
CA TYR A 82 29.62 -2.07 -0.44
C TYR A 82 29.05 -3.49 -0.42
N SER A 83 28.00 -3.70 -1.23
CA SER A 83 27.23 -4.93 -1.20
C SER A 83 27.25 -5.61 -2.56
N VAL A 84 27.02 -6.92 -2.55
CA VAL A 84 26.96 -7.72 -3.77
C VAL A 84 25.77 -8.65 -3.66
N ASN A 85 25.19 -8.91 -4.83
CA ASN A 85 23.98 -9.74 -4.88
C ASN A 85 24.08 -10.77 -6.00
N ILE A 86 24.34 -12.02 -5.61
CA ILE A 86 24.34 -13.22 -6.48
C ILE A 86 23.44 -14.22 -5.72
N ILE A 87 22.29 -13.70 -5.34
CA ILE A 87 21.25 -14.38 -4.52
C ILE A 87 21.91 -15.20 -3.40
N CYS A 88 21.68 -16.50 -3.39
CA CYS A 88 22.16 -17.40 -2.31
C CYS A 88 23.69 -17.45 -2.19
N GLY A 89 24.44 -17.18 -3.25
CA GLY A 89 25.89 -17.24 -3.15
C GLY A 89 26.53 -15.96 -2.64
N SER A 90 25.72 -14.97 -2.27
CA SER A 90 26.24 -13.63 -2.02
C SER A 90 27.26 -13.60 -0.89
N GLY A 91 27.02 -14.37 0.17
CA GLY A 91 27.96 -14.41 1.28
C GLY A 91 29.26 -15.14 0.97
N MET A 92 29.29 -15.96 -0.08
CA MET A 92 30.54 -16.57 -0.51
C MET A 92 31.22 -15.77 -1.61
N LYS A 93 30.42 -15.20 -2.53
CA LYS A 93 31.01 -14.42 -3.62
C LYS A 93 31.77 -13.21 -3.09
N SER A 94 31.30 -12.59 -2.00
CA SER A 94 32.08 -11.51 -1.39
C SER A 94 33.48 -11.98 -1.02
N VAL A 95 33.60 -13.17 -0.45
CA VAL A 95 34.90 -13.75 -0.12
C VAL A 95 35.70 -14.01 -1.39
N ILE A 96 35.04 -14.52 -2.44
CA ILE A 96 35.72 -14.84 -3.69
C ILE A 96 36.31 -13.58 -4.32
N THR A 97 35.55 -12.47 -4.30
CA THR A 97 36.08 -11.16 -4.74
C THR A 97 37.24 -10.69 -3.88
N ALA A 98 37.11 -10.81 -2.54
CA ALA A 98 38.25 -10.50 -1.68
C ALA A 98 39.48 -11.31 -2.06
N PHE A 99 39.28 -12.59 -2.38
CA PHE A 99 40.39 -13.44 -2.80
C PHE A 99 41.04 -12.90 -4.06
N SER A 100 40.22 -12.46 -5.03
CA SER A 100 40.72 -11.79 -6.23
C SER A 100 41.54 -10.56 -5.87
N ASN A 101 40.98 -9.67 -5.05
CA ASN A 101 41.66 -8.42 -4.73
C ASN A 101 43.01 -8.66 -4.10
N ILE A 102 43.11 -9.65 -3.21
CA ILE A 102 44.38 -9.92 -2.55
C ILE A 102 45.37 -10.53 -3.54
N LYS A 103 44.93 -11.54 -4.28
CA LYS A 103 45.77 -12.12 -5.33
C LYS A 103 46.32 -11.05 -6.27
N ALA A 104 45.47 -10.12 -6.69
CA ALA A 104 45.86 -9.13 -7.68
C ALA A 104 46.70 -8.01 -7.11
N GLY A 105 46.98 -8.03 -5.80
CA GLY A 105 47.66 -6.94 -5.14
C GLY A 105 46.85 -5.68 -4.98
N GLU A 106 45.53 -5.74 -5.12
CA GLU A 106 44.69 -4.57 -4.96
C GLU A 106 44.26 -4.33 -3.52
N ALA A 107 44.59 -5.24 -2.61
CA ALA A 107 44.18 -5.14 -1.22
C ALA A 107 45.05 -6.08 -0.41
N ASP A 108 45.16 -5.78 0.90
CA ASP A 108 45.89 -6.65 1.79
C ASP A 108 45.08 -7.18 2.96
N LEU A 109 43.97 -6.53 3.30
CA LEU A 109 43.17 -6.97 4.44
C LEU A 109 41.73 -6.64 4.12
N VAL A 110 40.86 -7.64 4.12
CA VAL A 110 39.47 -7.46 3.69
C VAL A 110 38.55 -8.18 4.66
N ILE A 111 37.41 -7.55 4.95
CA ILE A 111 36.31 -8.22 5.63
C ILE A 111 35.26 -8.54 4.58
N ALA A 112 34.95 -9.82 4.42
CA ALA A 112 33.98 -10.24 3.42
C ALA A 112 32.99 -11.21 4.05
N GLY A 113 31.71 -10.98 3.80
CA GLY A 113 30.67 -11.80 4.37
C GLY A 113 29.33 -11.49 3.76
N GLY A 114 28.28 -11.60 4.57
CA GLY A 114 26.94 -11.36 4.07
C GLY A 114 25.99 -11.21 5.25
N THR A 115 24.81 -10.68 4.94
CA THR A 115 23.84 -10.38 5.97
C THR A 115 22.46 -10.36 5.33
N GLU A 116 21.49 -10.96 6.01
CA GLU A 116 20.14 -10.97 5.46
C GLU A 116 19.13 -10.96 6.58
N SER A 117 18.12 -10.09 6.45
CA SER A 117 16.99 -10.15 7.37
C SER A 117 15.81 -10.45 6.48
N MET A 118 15.50 -11.75 6.32
CA MET A 118 14.26 -12.07 5.61
C MET A 118 13.04 -11.56 6.38
N SER A 119 13.12 -11.47 7.72
CA SER A 119 11.98 -10.97 8.50
C SER A 119 11.65 -9.51 8.19
N GLY A 120 12.68 -8.70 7.93
CA GLY A 120 12.47 -7.28 7.76
C GLY A 120 12.09 -6.86 6.36
N ALA A 121 12.22 -7.75 5.37
CA ALA A 121 11.85 -7.40 4.01
C ALA A 121 10.37 -7.05 3.95
N GLY A 122 10.05 -5.99 3.24
CA GLY A 122 8.69 -5.52 3.14
C GLY A 122 7.98 -5.91 1.86
N PHE A 123 7.11 -5.02 1.40
CA PHE A 123 6.23 -5.29 0.27
C PHE A 123 6.28 -4.10 -0.68
N ILE A 124 6.13 -4.37 -1.97
CA ILE A 124 6.51 -3.44 -3.04
C ILE A 124 5.31 -3.05 -3.86
N LEU A 125 4.93 -1.78 -3.78
CA LEU A 125 4.03 -1.18 -4.75
C LEU A 125 4.81 -0.89 -6.03
N PRO A 126 4.41 -1.44 -7.17
CA PRO A 126 5.26 -1.33 -8.37
C PRO A 126 5.39 0.09 -8.89
N GLY A 127 6.57 0.39 -9.43
CA GLY A 127 6.86 1.74 -9.87
C GLY A 127 5.94 2.28 -10.95
N ALA A 128 5.19 1.41 -11.64
CA ALA A 128 4.27 1.86 -12.69
C ALA A 128 3.19 2.80 -12.18
N ILE A 129 3.03 2.93 -10.85
CA ILE A 129 2.02 3.84 -10.32
C ILE A 129 2.47 5.29 -10.46
N ARG A 130 3.77 5.53 -10.65
CA ARG A 130 4.26 6.90 -10.84
C ARG A 130 3.53 7.58 -11.98
N GLY A 131 3.28 6.84 -13.07
CA GLY A 131 2.51 7.35 -14.18
C GLY A 131 1.01 7.28 -13.99
N GLY A 132 0.55 6.63 -12.93
CA GLY A 132 -0.86 6.55 -12.64
C GLY A 132 -1.38 5.13 -12.62
N HIS A 133 -2.45 4.92 -11.86
CA HIS A 133 -3.17 3.63 -11.76
C HIS A 133 -4.66 3.98 -11.73
N LYS A 134 -5.24 4.09 -12.92
CA LYS A 134 -6.64 4.54 -13.14
C LYS A 134 -7.66 3.76 -12.29
N MET A 135 -7.60 2.43 -12.25
CA MET A 135 -8.58 1.60 -11.50
C MET A 135 -8.12 0.16 -11.40
N ALA A 136 -8.88 -0.63 -10.68
CA ALA A 136 -8.75 -2.07 -10.37
C ALA A 136 -7.76 -2.30 -9.22
N ASP A 137 -7.65 -3.54 -8.82
CA ASP A 137 -6.85 -3.86 -7.63
C ASP A 137 -5.37 -3.60 -7.85
N LEU A 138 -4.72 -3.25 -6.74
CA LEU A 138 -3.30 -2.93 -6.67
C LEU A 138 -2.62 -3.97 -5.81
N THR A 139 -1.74 -4.76 -6.41
CA THR A 139 -1.07 -5.84 -5.71
C THR A 139 0.34 -5.40 -5.35
N MET A 140 0.66 -5.46 -4.06
CA MET A 140 2.02 -5.25 -3.58
C MET A 140 2.72 -6.60 -3.49
N LYS A 141 3.92 -6.68 -4.07
CA LYS A 141 4.67 -7.92 -4.06
C LYS A 141 5.45 -8.09 -2.77
N ASP A 142 5.49 -9.33 -2.28
CA ASP A 142 6.38 -9.64 -1.16
C ASP A 142 7.83 -9.52 -1.65
N HIS A 143 8.59 -8.58 -1.06
CA HIS A 143 9.98 -8.35 -1.46
C HIS A 143 10.80 -9.63 -1.29
N MET A 144 10.60 -10.33 -0.16
N MET A 144 10.61 -10.33 -0.16
CA MET A 144 11.37 -11.53 0.13
CA MET A 144 11.40 -11.53 0.10
C MET A 144 11.09 -12.64 -0.88
C MET A 144 11.09 -12.62 -0.92
N ILE A 145 9.81 -12.89 -1.17
CA ILE A 145 9.45 -13.99 -2.05
C ILE A 145 9.87 -13.68 -3.48
N LEU A 146 9.55 -12.48 -3.96
CA LEU A 146 9.86 -12.12 -5.34
C LEU A 146 11.37 -11.99 -5.56
N ASP A 147 12.03 -11.17 -4.75
CA ASP A 147 13.40 -10.79 -5.03
C ASP A 147 14.44 -11.76 -4.47
N ALA A 148 14.10 -12.59 -3.47
CA ALA A 148 15.04 -13.63 -3.07
C ALA A 148 14.63 -15.03 -3.52
N LEU A 149 13.34 -15.33 -3.69
CA LEU A 149 12.93 -16.70 -3.93
C LEU A 149 12.28 -16.98 -5.28
N THR A 150 12.07 -15.98 -6.14
CA THR A 150 11.32 -16.19 -7.37
C THR A 150 12.22 -16.07 -8.59
N ASP A 151 12.24 -17.11 -9.41
CA ASP A 151 13.03 -17.10 -10.63
C ASP A 151 12.57 -16.00 -11.58
N ALA A 152 13.52 -15.31 -12.19
CA ALA A 152 13.20 -14.16 -13.02
C ALA A 152 12.78 -14.54 -14.44
N TYR A 153 13.00 -15.80 -14.86
CA TYR A 153 12.75 -16.24 -16.22
C TYR A 153 11.55 -17.16 -16.35
N HIS A 154 11.17 -17.84 -15.27
CA HIS A 154 10.05 -18.76 -15.29
C HIS A 154 8.97 -18.42 -14.28
N ASN A 155 9.19 -17.40 -13.44
CA ASN A 155 8.22 -17.00 -12.43
C ASN A 155 7.79 -18.19 -11.57
N ILE A 156 8.77 -18.99 -11.14
CA ILE A 156 8.51 -20.08 -10.21
C ILE A 156 9.30 -19.84 -8.94
N HIS A 157 8.73 -20.33 -7.84
CA HIS A 157 9.42 -20.37 -6.55
C HIS A 157 10.63 -21.28 -6.64
N MET A 158 11.64 -21.00 -5.83
CA MET A 158 12.80 -21.90 -5.79
C MET A 158 12.37 -23.34 -5.47
N GLY A 159 11.23 -23.51 -4.78
CA GLY A 159 10.72 -24.85 -4.47
C GLY A 159 10.38 -25.66 -5.70
N ILE A 160 9.91 -24.98 -6.76
CA ILE A 160 9.61 -25.68 -8.02
C ILE A 160 10.89 -26.21 -8.65
N THR A 161 11.99 -25.45 -8.58
CA THR A 161 13.25 -25.97 -9.10
C THR A 161 13.73 -27.19 -8.30
N ALA A 162 13.41 -27.26 -7.01
CA ALA A 162 13.68 -28.47 -6.25
C ALA A 162 12.84 -29.64 -6.77
N GLU A 163 11.56 -29.39 -7.08
CA GLU A 163 10.73 -30.44 -7.67
C GLU A 163 11.31 -30.91 -9.01
N ASN A 164 11.83 -29.97 -9.80
CA ASN A 164 12.39 -30.35 -11.09
C ASN A 164 13.58 -31.29 -10.91
N ILE A 165 14.39 -31.05 -9.88
CA ILE A 165 15.52 -31.93 -9.64
C ILE A 165 15.04 -33.31 -9.16
N ALA A 166 14.05 -33.35 -8.26
CA ALA A 166 13.53 -34.64 -7.80
C ALA A 166 13.03 -35.47 -8.96
N GLU A 167 12.26 -34.84 -9.88
CA GLU A 167 11.76 -35.54 -11.07
C GLU A 167 12.89 -36.00 -11.96
N ARG A 168 13.76 -35.09 -12.40
CA ARG A 168 14.81 -35.46 -13.35
C ARG A 168 15.76 -36.51 -12.78
N TYR A 169 16.07 -36.43 -11.50
CA TYR A 169 17.08 -37.31 -10.92
C TYR A 169 16.49 -38.44 -10.08
N GLY A 170 15.18 -38.63 -10.13
CA GLY A 170 14.53 -39.75 -9.46
C GLY A 170 14.69 -39.78 -7.95
N ILE A 171 14.70 -38.62 -7.30
CA ILE A 171 14.93 -38.54 -5.86
C ILE A 171 13.58 -38.60 -5.14
N THR A 172 13.36 -39.66 -4.37
CA THR A 172 12.02 -39.92 -3.87
C THR A 172 11.68 -39.06 -2.66
N ARG A 173 10.38 -38.97 -2.38
CA ARG A 173 9.93 -38.30 -1.17
C ARG A 173 10.60 -38.89 0.06
N GLU A 174 10.72 -40.22 0.12
CA GLU A 174 11.24 -40.85 1.32
C GLU A 174 12.72 -40.57 1.48
N GLU A 175 13.47 -40.58 0.37
CA GLU A 175 14.88 -40.18 0.41
C GLU A 175 15.03 -38.73 0.88
N GLN A 176 14.17 -37.82 0.39
CA GLN A 176 14.26 -36.44 0.84
C GLN A 176 14.02 -36.34 2.33
N ASP A 177 13.01 -37.05 2.83
CA ASP A 177 12.65 -36.96 4.24
C ASP A 177 13.70 -37.61 5.13
N ALA A 178 14.37 -38.66 4.63
CA ALA A 178 15.47 -39.27 5.37
C ALA A 178 16.66 -38.31 5.50
N PHE A 179 17.02 -37.66 4.38
CA PHE A 179 18.07 -36.64 4.39
C PHE A 179 17.72 -35.52 5.38
N ALA A 180 16.49 -35.01 5.32
CA ALA A 180 16.05 -33.93 6.19
C ALA A 180 16.14 -34.33 7.66
N LEU A 181 15.63 -35.52 8.00
CA LEU A 181 15.67 -35.97 9.39
C LEU A 181 17.11 -36.04 9.91
N ASP A 182 18.00 -36.59 9.08
CA ASP A 182 19.41 -36.68 9.47
C ASP A 182 20.00 -35.31 9.74
N SER A 183 19.70 -34.34 8.89
CA SER A 183 20.20 -32.98 9.10
C SER A 183 19.71 -32.42 10.43
N GLN A 184 18.44 -32.68 10.78
CA GLN A 184 17.92 -32.20 12.05
C GLN A 184 18.68 -32.83 13.22
N LEU A 185 18.91 -34.14 13.16
CA LEU A 185 19.61 -34.84 14.24
C LEU A 185 21.03 -34.30 14.40
N LYS A 186 21.77 -34.17 13.30
CA LYS A 186 23.16 -33.69 13.42
C LYS A 186 23.20 -32.27 13.96
N ALA A 187 22.27 -31.41 13.52
CA ALA A 187 22.24 -30.03 13.97
C ALA A 187 21.97 -29.95 15.47
N ILE A 188 20.95 -30.69 15.93
CA ILE A 188 20.62 -30.72 17.36
C ILE A 188 21.81 -31.20 18.18
N ALA A 189 22.43 -32.30 17.75
CA ALA A 189 23.65 -32.79 18.38
C ALA A 189 24.72 -31.72 18.47
N ALA A 190 25.02 -31.07 17.34
CA ALA A 190 26.05 -30.04 17.31
C ALA A 190 25.71 -28.89 18.25
N VAL A 191 24.48 -28.38 18.17
CA VAL A 191 24.08 -27.26 19.02
C VAL A 191 24.25 -27.65 20.48
N ASP A 192 23.73 -28.81 20.87
CA ASP A 192 23.60 -29.16 22.28
C ASP A 192 24.90 -29.61 22.89
N SER A 193 25.85 -30.07 22.07
CA SER A 193 27.18 -30.37 22.58
C SER A 193 28.09 -29.15 22.60
N GLY A 194 27.58 -27.97 22.25
CA GLY A 194 28.41 -26.78 22.25
C GLY A 194 29.38 -26.66 21.10
N ARG A 195 29.16 -27.39 20.00
CA ARG A 195 30.11 -27.40 18.91
C ARG A 195 30.15 -26.08 18.13
N PHE A 196 29.06 -25.31 18.16
CA PHE A 196 29.01 -24.02 17.49
C PHE A 196 29.46 -22.87 18.39
N LYS A 197 29.74 -23.12 19.67
CA LYS A 197 30.08 -22.03 20.58
C LYS A 197 31.24 -21.18 20.06
N ASP A 198 32.26 -21.83 19.49
CA ASP A 198 33.45 -21.10 19.05
C ASP A 198 33.13 -20.11 17.93
N GLU A 199 32.35 -20.56 16.93
CA GLU A 199 32.15 -19.76 15.73
C GLU A 199 31.12 -18.66 15.91
N ILE A 200 30.24 -18.75 16.90
CA ILE A 200 29.08 -17.85 16.99
C ILE A 200 29.45 -16.60 17.78
N ALA A 201 29.22 -15.46 17.18
CA ALA A 201 29.29 -14.20 17.90
C ALA A 201 27.91 -13.86 18.47
N PRO A 202 27.80 -13.54 19.76
CA PRO A 202 26.49 -13.22 20.32
C PRO A 202 25.94 -11.94 19.72
N VAL A 203 24.62 -11.87 19.59
CA VAL A 203 23.96 -10.70 19.05
C VAL A 203 23.03 -10.12 20.11
N VAL A 204 23.09 -8.80 20.29
CA VAL A 204 22.22 -8.09 21.22
C VAL A 204 21.09 -7.40 20.45
N ILE A 205 19.85 -7.73 20.79
CA ILE A 205 18.67 -7.06 20.24
C ILE A 205 18.15 -6.10 21.28
N PRO A 206 18.25 -4.77 21.08
CA PRO A 206 17.78 -3.82 22.08
C PRO A 206 16.27 -3.95 22.26
N ASN A 207 15.83 -4.05 23.53
CA ASN A 207 14.44 -4.35 23.86
C ASN A 207 14.03 -3.95 25.29
N GLY A 210 14.32 -4.73 28.36
CA GLY A 210 15.68 -5.20 28.53
C GLY A 210 16.26 -5.88 27.30
N ASP A 211 17.56 -5.75 27.09
CA ASP A 211 18.19 -6.26 25.87
C ASP A 211 18.26 -7.78 25.87
N ILE A 212 18.09 -8.37 24.68
CA ILE A 212 18.15 -9.83 24.50
C ILE A 212 19.47 -10.21 23.85
N ILE A 213 20.14 -11.21 24.41
CA ILE A 213 21.35 -11.81 23.85
C ILE A 213 20.95 -13.07 23.10
N PHE A 214 21.22 -13.11 21.79
CA PHE A 214 20.92 -14.27 20.95
C PHE A 214 22.24 -14.94 20.60
N ASP A 215 22.37 -16.22 20.93
CA ASP A 215 23.64 -16.89 20.66
C ASP A 215 23.48 -18.37 20.35
N THR A 216 22.27 -18.89 20.17
CA THR A 216 22.04 -20.31 19.92
C THR A 216 21.06 -20.46 18.76
N ASP A 217 21.50 -21.15 17.71
CA ASP A 217 20.64 -21.40 16.55
C ASP A 217 19.27 -21.91 16.98
N GLU A 218 18.21 -21.19 16.58
CA GLU A 218 16.87 -21.48 17.09
C GLU A 218 15.96 -22.15 16.07
N TYR A 219 16.43 -22.46 14.87
CA TYR A 219 15.57 -23.06 13.86
C TYR A 219 15.43 -24.59 13.94
N PRO A 220 16.41 -25.37 14.44
CA PRO A 220 16.27 -26.83 14.40
C PRO A 220 15.02 -27.34 15.08
N ASN A 221 14.38 -28.34 14.45
CA ASN A 221 13.08 -28.84 14.88
C ASN A 221 13.33 -30.05 15.78
N ARG A 222 13.23 -29.82 17.08
CA ARG A 222 13.43 -30.85 18.08
C ARG A 222 12.20 -31.75 18.28
N LYS A 223 11.10 -31.51 17.58
CA LYS A 223 9.92 -32.35 17.75
C LYS A 223 9.42 -32.83 16.38
N THR A 224 10.31 -33.51 15.64
CA THR A 224 9.89 -34.13 14.38
C THR A 224 10.50 -35.53 14.31
N ASP A 225 10.03 -36.30 13.33
CA ASP A 225 10.46 -37.70 13.19
C ASP A 225 10.03 -38.19 11.81
N ALA A 226 10.44 -39.41 11.49
CA ALA A 226 10.19 -39.94 10.15
C ALA A 226 8.71 -39.90 9.82
N GLU A 227 7.85 -40.25 10.79
CA GLU A 227 6.42 -40.35 10.50
C GLU A 227 5.81 -38.96 10.25
N LYS A 228 6.14 -37.99 11.10
CA LYS A 228 5.62 -36.64 10.92
C LYS A 228 6.06 -36.06 9.58
N LEU A 229 7.33 -36.25 9.22
CA LEU A 229 7.80 -35.70 7.94
C LEU A 229 7.05 -36.33 6.77
N ALA A 230 6.77 -37.63 6.85
CA ALA A 230 6.05 -38.31 5.78
C ALA A 230 4.60 -37.85 5.67
N LYS A 231 4.03 -37.28 6.73
CA LYS A 231 2.63 -36.88 6.67
C LYS A 231 2.44 -35.42 6.28
N LEU A 232 3.52 -34.66 6.07
CA LEU A 232 3.38 -33.29 5.60
C LEU A 232 2.87 -33.23 4.15
N LYS A 233 2.19 -32.15 3.83
CA LYS A 233 1.70 -32.05 2.46
C LYS A 233 2.68 -31.26 1.59
N PRO A 234 2.68 -31.48 0.28
CA PRO A 234 3.63 -30.78 -0.60
C PRO A 234 3.50 -29.27 -0.48
N ALA A 235 4.64 -28.59 -0.50
CA ALA A 235 4.66 -27.15 -0.24
C ALA A 235 4.56 -26.30 -1.51
N PHE A 236 4.84 -26.85 -2.70
CA PHE A 236 4.96 -26.02 -3.90
C PHE A 236 4.21 -26.54 -5.13
N LYS A 237 3.85 -27.83 -5.20
CA LYS A 237 2.99 -28.30 -6.27
C LYS A 237 2.23 -29.53 -5.81
N LYS A 238 0.95 -29.59 -6.17
CA LYS A 238 0.15 -30.79 -5.95
C LYS A 238 0.90 -32.02 -6.44
N ASP A 239 0.85 -33.09 -5.64
CA ASP A 239 1.51 -34.35 -5.94
C ASP A 239 3.04 -34.24 -5.92
N GLY A 240 3.58 -33.17 -5.36
CA GLY A 240 5.02 -32.99 -5.29
C GLY A 240 5.63 -33.75 -4.13
N SER A 241 6.96 -33.69 -4.05
CA SER A 241 7.72 -34.30 -2.95
C SER A 241 8.34 -33.30 -1.99
N VAL A 242 8.42 -32.02 -2.36
CA VAL A 242 9.04 -31.03 -1.50
C VAL A 242 8.02 -30.53 -0.48
N THR A 243 8.39 -30.54 0.79
CA THR A 243 7.54 -30.08 1.86
C THR A 243 8.26 -29.02 2.66
N ALA A 244 7.52 -28.35 3.56
CA ALA A 244 8.18 -27.50 4.53
C ALA A 244 9.21 -28.26 5.36
N GLY A 245 9.11 -29.59 5.39
CA GLY A 245 9.96 -30.40 6.25
C GLY A 245 11.26 -30.85 5.62
N ASN A 246 11.30 -30.98 4.29
CA ASN A 246 12.53 -31.36 3.61
C ASN A 246 13.09 -30.22 2.76
N ALA A 247 12.63 -28.99 3.03
CA ALA A 247 13.19 -27.76 2.47
C ALA A 247 13.79 -26.95 3.60
N SER A 248 14.68 -26.02 3.26
CA SER A 248 15.14 -25.07 4.26
C SER A 248 14.05 -24.08 4.63
N GLY A 249 14.32 -23.26 5.64
CA GLY A 249 13.38 -22.26 6.10
C GLY A 249 13.72 -20.85 5.62
N LEU A 250 12.93 -19.91 6.11
CA LEU A 250 13.18 -18.48 5.93
C LEU A 250 13.81 -17.96 7.22
N ASN A 251 14.93 -17.27 7.10
CA ASN A 251 15.75 -17.03 8.29
C ASN A 251 16.50 -15.72 8.18
N ASP A 252 17.01 -15.29 9.33
CA ASP A 252 17.79 -14.07 9.49
C ASP A 252 19.17 -14.44 10.03
N GLY A 253 20.20 -13.76 9.56
CA GLY A 253 21.53 -14.05 10.09
C GLY A 253 22.61 -13.35 9.29
N ALA A 254 23.83 -13.37 9.85
CA ALA A 254 24.99 -12.77 9.19
C ALA A 254 26.22 -13.58 9.55
N SER A 255 27.25 -13.43 8.71
CA SER A 255 28.46 -14.24 8.81
C SER A 255 29.58 -13.49 8.10
N PHE A 256 30.79 -13.55 8.66
CA PHE A 256 31.89 -12.79 8.07
C PHE A 256 33.22 -13.49 8.25
N LEU A 257 34.14 -13.18 7.34
CA LEU A 257 35.53 -13.58 7.39
C LEU A 257 36.40 -12.35 7.18
N MET A 258 37.59 -12.38 7.77
N MET A 258 37.58 -12.39 7.77
CA MET A 258 38.62 -11.40 7.46
CA MET A 258 38.63 -11.42 7.48
C MET A 258 39.73 -12.11 6.70
C MET A 258 39.70 -12.14 6.67
N LEU A 259 40.12 -11.53 5.56
CA LEU A 259 41.08 -12.15 4.67
C LEU A 259 42.32 -11.28 4.58
N ALA A 260 43.48 -11.91 4.46
CA ALA A 260 44.73 -11.20 4.60
C ALA A 260 45.75 -11.73 3.63
N SER A 261 46.56 -10.82 3.10
CA SER A 261 47.72 -11.17 2.30
C SER A 261 48.79 -11.80 3.18
N GLU A 262 49.92 -12.14 2.57
CA GLU A 262 51.08 -12.57 3.38
C GLU A 262 51.67 -11.33 4.08
N GLU A 263 51.72 -10.19 3.41
CA GLU A 263 52.30 -8.99 4.06
C GLU A 263 51.47 -8.59 5.27
N ALA A 264 50.14 -8.70 5.16
CA ALA A 264 49.20 -8.38 6.25
C ALA A 264 49.37 -9.40 7.39
N VAL A 265 49.42 -10.68 7.09
CA VAL A 265 49.62 -11.66 8.15
C VAL A 265 50.87 -11.31 8.95
N LYS A 266 51.95 -10.93 8.27
CA LYS A 266 53.19 -10.59 8.96
C LYS A 266 53.08 -9.25 9.68
N LYS A 267 52.62 -8.21 8.99
CA LYS A 267 52.68 -6.87 9.55
C LYS A 267 51.76 -6.69 10.76
N TYR A 268 50.62 -7.39 10.79
CA TYR A 268 49.65 -7.27 11.87
C TYR A 268 49.63 -8.51 12.77
N ASN A 269 50.50 -9.48 12.50
CA ASN A 269 50.71 -10.69 13.30
C ASN A 269 49.38 -11.40 13.60
N LEU A 270 48.77 -11.89 12.53
CA LEU A 270 47.50 -12.60 12.60
C LEU A 270 47.74 -14.04 12.16
N LYS A 271 47.43 -15.00 13.03
CA LYS A 271 47.60 -16.40 12.66
C LYS A 271 46.47 -16.83 11.73
N PRO A 272 46.77 -17.26 10.51
CA PRO A 272 45.72 -17.81 9.65
C PRO A 272 45.05 -19.00 10.30
N LEU A 273 43.72 -19.02 10.22
CA LEU A 273 42.97 -20.24 10.50
C LEU A 273 43.13 -21.23 9.34
N VAL A 274 42.82 -20.80 8.12
CA VAL A 274 42.96 -21.63 6.93
C VAL A 274 43.45 -20.73 5.81
N GLU A 275 43.86 -21.39 4.72
CA GLU A 275 44.21 -20.73 3.47
C GLU A 275 43.16 -21.05 2.42
N ILE A 276 42.73 -20.04 1.68
CA ILE A 276 41.85 -20.27 0.53
C ILE A 276 42.69 -20.74 -0.65
N VAL A 277 42.57 -22.02 -1.00
CA VAL A 277 43.39 -22.57 -2.09
C VAL A 277 42.82 -22.21 -3.46
N ALA A 278 41.51 -22.28 -3.64
CA ALA A 278 40.93 -21.94 -4.94
C ALA A 278 39.45 -21.62 -4.77
N THR A 279 38.88 -21.01 -5.82
CA THR A 279 37.49 -20.59 -5.85
C THR A 279 36.84 -21.10 -7.13
N GLY A 280 35.51 -21.09 -7.15
CA GLY A 280 34.79 -21.49 -8.34
C GLY A 280 33.42 -20.83 -8.39
N THR A 281 33.00 -20.42 -9.58
CA THR A 281 31.65 -19.89 -9.80
C THR A 281 31.13 -20.52 -11.08
N GLY A 282 30.03 -21.28 -10.98
CA GLY A 282 29.50 -22.02 -12.10
C GLY A 282 28.07 -21.62 -12.43
N GLY A 283 27.61 -22.07 -13.59
CA GLY A 283 26.24 -21.84 -14.02
C GLY A 283 25.59 -23.09 -14.55
N VAL A 284 24.26 -23.18 -14.36
CA VAL A 284 23.41 -24.27 -14.84
C VAL A 284 22.10 -23.65 -15.30
N ASP A 285 21.20 -24.50 -15.80
CA ASP A 285 19.87 -24.06 -16.16
C ASP A 285 19.14 -23.51 -14.93
N PRO A 286 18.47 -22.35 -15.03
CA PRO A 286 17.71 -21.85 -13.89
C PRO A 286 16.63 -22.80 -13.41
N LEU A 287 16.09 -23.62 -14.30
CA LEU A 287 15.03 -24.63 -13.99
C LEU A 287 15.54 -25.68 -12.99
N VAL A 288 16.84 -25.89 -12.94
CA VAL A 288 17.45 -26.85 -11.97
C VAL A 288 18.63 -26.16 -11.26
N MET A 289 18.38 -24.96 -10.74
CA MET A 289 19.40 -24.11 -10.08
C MET A 289 20.13 -24.87 -8.98
N GLY A 290 19.46 -25.79 -8.33
CA GLY A 290 20.08 -26.52 -7.25
C GLY A 290 21.32 -27.29 -7.67
N MET A 291 21.48 -27.55 -8.97
CA MET A 291 22.62 -28.31 -9.45
C MET A 291 23.87 -27.43 -9.54
N GLY A 292 23.71 -26.12 -9.31
CA GLY A 292 24.81 -25.18 -9.45
C GLY A 292 26.13 -25.55 -8.82
N PRO A 293 26.14 -26.21 -7.64
CA PRO A 293 27.44 -26.62 -7.07
C PRO A 293 28.28 -27.50 -7.99
N VAL A 294 27.67 -28.23 -8.93
CA VAL A 294 28.42 -29.20 -9.72
C VAL A 294 29.43 -28.48 -10.61
N PRO A 295 29.05 -27.48 -11.42
CA PRO A 295 30.09 -26.78 -12.20
C PRO A 295 31.01 -25.92 -11.36
N ALA A 296 30.51 -25.31 -10.27
CA ALA A 296 31.38 -24.51 -9.41
C ALA A 296 32.47 -25.37 -8.79
N ILE A 297 32.11 -26.55 -8.30
CA ILE A 297 33.10 -27.43 -7.69
C ILE A 297 34.13 -27.87 -8.73
N ARG A 298 33.66 -28.22 -9.94
CA ARG A 298 34.55 -28.59 -11.03
C ARG A 298 35.50 -27.46 -11.39
N LYS A 299 35.00 -26.22 -11.43
CA LYS A 299 35.88 -25.11 -11.80
C LYS A 299 36.95 -24.89 -10.75
N ALA A 300 36.59 -25.01 -9.46
CA ALA A 300 37.57 -24.79 -8.41
C ALA A 300 38.67 -25.86 -8.45
N PHE A 301 38.29 -27.13 -8.60
CA PHE A 301 39.30 -28.18 -8.58
C PHE A 301 40.24 -28.11 -9.79
N ASN A 302 39.73 -27.67 -10.93
CA ASN A 302 40.57 -27.64 -12.14
C ASN A 302 41.67 -26.59 -12.06
N LYS A 303 41.63 -25.69 -11.09
CA LYS A 303 42.71 -24.74 -10.84
C LYS A 303 43.81 -25.34 -9.95
N THR A 304 43.63 -26.56 -9.47
CA THR A 304 44.55 -27.18 -8.53
C THR A 304 44.91 -28.57 -9.02
N ASP A 305 45.83 -29.21 -8.29
CA ASP A 305 46.12 -30.62 -8.50
C ASP A 305 45.38 -31.49 -7.50
N LEU A 306 44.36 -30.94 -6.85
CA LEU A 306 43.56 -31.67 -5.88
C LEU A 306 42.39 -32.36 -6.57
N LYS A 307 41.91 -33.43 -5.93
CA LYS A 307 40.70 -34.12 -6.33
C LYS A 307 39.68 -34.04 -5.21
N LEU A 308 38.42 -34.32 -5.54
CA LEU A 308 37.39 -34.34 -4.52
C LEU A 308 37.75 -35.31 -3.40
N LYS A 309 38.41 -36.43 -3.73
CA LYS A 309 38.81 -37.39 -2.71
C LYS A 309 39.77 -36.80 -1.69
N ASP A 310 40.39 -35.66 -1.98
CA ASP A 310 41.28 -35.02 -1.01
C ASP A 310 40.52 -34.24 0.05
N MET A 311 39.22 -34.00 -0.14
CA MET A 311 38.43 -33.31 0.88
C MET A 311 38.15 -34.24 2.06
N GLU A 312 38.44 -33.76 3.27
CA GLU A 312 38.06 -34.48 4.48
C GLU A 312 36.78 -33.94 5.12
N LEU A 313 36.38 -32.71 4.80
CA LEU A 313 35.11 -32.16 5.27
C LEU A 313 34.48 -31.40 4.14
N ILE A 314 33.14 -31.45 4.04
CA ILE A 314 32.41 -30.74 3.01
C ILE A 314 31.22 -30.04 3.64
N GLU A 315 30.94 -28.82 3.19
CA GLU A 315 29.69 -28.13 3.47
C GLU A 315 29.02 -27.85 2.14
N LEU A 316 27.86 -28.47 1.91
CA LEU A 316 27.02 -28.20 0.74
C LEU A 316 25.68 -27.72 1.27
N ASN A 317 25.32 -26.47 0.98
CA ASN A 317 24.16 -25.88 1.62
C ASN A 317 22.90 -26.63 1.25
N GLU A 318 22.03 -26.84 2.24
CA GLU A 318 20.81 -27.62 2.05
C GLU A 318 19.63 -26.69 1.76
N ALA A 319 19.62 -26.12 0.55
CA ALA A 319 18.45 -25.35 0.13
C ALA A 319 17.20 -26.23 0.12
N PHE A 320 17.32 -27.43 -0.43
CA PHE A 320 16.27 -28.44 -0.42
C PHE A 320 16.93 -29.81 -0.38
N ALA A 321 16.25 -30.75 0.29
CA ALA A 321 16.76 -32.13 0.30
C ALA A 321 16.85 -32.68 -1.13
N ALA A 322 15.82 -32.41 -1.96
CA ALA A 322 15.87 -32.85 -3.34
C ALA A 322 17.12 -32.32 -4.03
N GLN A 323 17.42 -31.04 -3.79
CA GLN A 323 18.55 -30.42 -4.47
C GLN A 323 19.87 -31.02 -3.98
N SER A 324 20.01 -31.17 -2.66
CA SER A 324 21.27 -31.67 -2.10
C SER A 324 21.52 -33.11 -2.53
N LEU A 325 20.48 -33.95 -2.52
CA LEU A 325 20.67 -35.34 -2.94
C LEU A 325 20.98 -35.40 -4.42
N GLY A 326 20.37 -34.51 -5.21
CA GLY A 326 20.71 -34.44 -6.62
C GLY A 326 22.15 -34.08 -6.86
N VAL A 327 22.68 -33.13 -6.08
CA VAL A 327 24.08 -32.74 -6.20
C VAL A 327 24.98 -33.91 -5.80
N ILE A 328 24.67 -34.57 -4.69
CA ILE A 328 25.47 -35.70 -4.24
C ILE A 328 25.54 -36.77 -5.32
N LYS A 329 24.40 -37.08 -5.94
CA LYS A 329 24.38 -38.13 -6.96
C LYS A 329 25.32 -37.78 -8.12
N GLU A 330 25.26 -36.54 -8.61
CA GLU A 330 26.09 -36.16 -9.74
C GLU A 330 27.56 -36.09 -9.38
N LEU A 331 27.89 -35.64 -8.15
CA LEU A 331 29.28 -35.51 -7.72
C LEU A 331 29.95 -36.88 -7.55
N CYS A 332 29.24 -37.83 -6.95
CA CYS A 332 29.77 -39.19 -6.85
C CYS A 332 30.18 -39.71 -8.23
N LYS A 333 29.29 -39.54 -9.19
CA LYS A 333 29.54 -39.97 -10.57
C LYS A 333 30.77 -39.29 -11.15
N GLU A 334 30.77 -37.95 -11.12
CA GLU A 334 31.82 -37.20 -11.79
C GLU A 334 33.17 -37.44 -11.15
N HIS A 335 33.22 -37.54 -9.81
CA HIS A 335 34.49 -37.56 -9.09
C HIS A 335 34.89 -38.94 -8.58
N GLY A 336 34.09 -39.98 -8.85
CA GLY A 336 34.47 -41.33 -8.46
C GLY A 336 34.49 -41.61 -6.97
N VAL A 337 33.54 -41.04 -6.22
CA VAL A 337 33.40 -41.31 -4.80
C VAL A 337 32.00 -41.88 -4.59
N THR A 338 31.80 -42.48 -3.43
CA THR A 338 30.51 -43.12 -3.21
C THR A 338 29.59 -42.21 -2.40
N PRO A 339 28.26 -42.40 -2.52
CA PRO A 339 27.34 -41.67 -1.65
C PRO A 339 27.70 -41.75 -0.17
N GLU A 340 28.07 -42.95 0.28
CA GLU A 340 28.43 -43.14 1.69
C GLU A 340 29.66 -42.33 2.05
N TRP A 341 30.65 -42.26 1.15
CA TRP A 341 31.84 -41.45 1.40
C TRP A 341 31.49 -39.98 1.53
N ILE A 342 30.59 -39.48 0.68
CA ILE A 342 30.17 -38.07 0.77
C ILE A 342 29.36 -37.84 2.03
N LYS A 343 28.38 -38.72 2.28
CA LYS A 343 27.48 -38.57 3.42
C LYS A 343 28.26 -38.39 4.73
N GLU A 344 29.28 -39.23 4.95
CA GLU A 344 29.96 -39.26 6.25
C GLU A 344 30.78 -38.00 6.52
N ARG A 345 31.13 -37.22 5.50
CA ARG A 345 31.94 -36.01 5.73
C ARG A 345 31.24 -34.73 5.33
N THR A 346 29.96 -34.79 4.94
CA THR A 346 29.26 -33.60 4.45
C THR A 346 28.23 -33.16 5.48
N ASN A 347 28.26 -31.86 5.79
CA ASN A 347 27.34 -31.22 6.75
C ASN A 347 27.33 -31.94 8.10
N VAL A 348 28.53 -32.26 8.61
CA VAL A 348 28.64 -33.09 9.79
C VAL A 348 27.97 -32.47 11.02
N ASN A 349 27.80 -31.14 11.07
CA ASN A 349 27.11 -30.51 12.19
C ASN A 349 25.69 -30.09 11.86
N GLY A 350 25.07 -30.71 10.85
CA GLY A 350 23.77 -30.31 10.39
C GLY A 350 23.87 -29.30 9.26
N GLY A 351 22.74 -29.09 8.59
CA GLY A 351 22.68 -28.18 7.47
C GLY A 351 21.43 -27.30 7.46
N ALA A 352 21.22 -26.57 6.36
CA ALA A 352 20.24 -25.50 6.33
C ALA A 352 18.82 -25.98 6.62
N ILE A 353 18.51 -27.26 6.32
CA ILE A 353 17.16 -27.76 6.61
C ILE A 353 16.85 -27.59 8.08
N ALA A 354 17.83 -27.82 8.93
CA ALA A 354 17.66 -27.66 10.37
C ALA A 354 18.12 -26.32 10.88
N LEU A 355 19.21 -25.77 10.30
CA LEU A 355 19.83 -24.56 10.82
C LEU A 355 19.26 -23.28 10.19
N GLY A 356 18.78 -23.33 8.96
CA GLY A 356 18.17 -22.18 8.32
C GLY A 356 19.03 -21.61 7.20
N HIS A 357 18.40 -20.72 6.40
CA HIS A 357 18.97 -20.26 5.14
C HIS A 357 18.76 -18.75 5.00
N PRO A 358 19.50 -17.93 5.77
CA PRO A 358 19.43 -16.47 5.56
C PRO A 358 20.15 -16.12 4.27
N VAL A 359 19.39 -15.84 3.20
CA VAL A 359 19.86 -16.11 1.83
C VAL A 359 21.21 -15.43 1.56
N GLY A 360 21.29 -14.11 1.79
CA GLY A 360 22.52 -13.38 1.50
C GLY A 360 23.71 -13.71 2.39
N ALA A 361 23.49 -14.45 3.47
CA ALA A 361 24.57 -14.78 4.38
C ALA A 361 24.99 -16.24 4.34
N SER A 362 24.11 -17.14 3.87
CA SER A 362 24.38 -18.58 3.98
C SER A 362 25.71 -18.97 3.35
N GLY A 363 26.10 -18.31 2.26
CA GLY A 363 27.36 -18.66 1.59
C GLY A 363 28.57 -18.41 2.47
N ASN A 364 28.52 -17.34 3.29
CA ASN A 364 29.55 -17.17 4.31
C ASN A 364 29.32 -18.08 5.50
N ARG A 365 28.06 -18.26 5.90
CA ARG A 365 27.73 -19.09 7.06
C ARG A 365 28.33 -20.49 6.95
N ILE A 366 28.14 -21.14 5.80
CA ILE A 366 28.60 -22.52 5.68
C ILE A 366 30.13 -22.55 5.61
N THR A 367 30.75 -21.46 5.15
CA THR A 367 32.20 -21.41 5.17
C THR A 367 32.71 -21.27 6.60
N VAL A 368 32.01 -20.52 7.46
CA VAL A 368 32.44 -20.37 8.85
C VAL A 368 32.32 -21.70 9.58
N THR A 369 31.21 -22.41 9.36
CA THR A 369 31.01 -23.71 9.98
C THR A 369 32.05 -24.73 9.50
N LEU A 370 32.40 -24.68 8.22
CA LEU A 370 33.44 -25.57 7.70
C LEU A 370 34.79 -25.29 8.36
N ILE A 371 35.16 -24.01 8.47
CA ILE A 371 36.44 -23.64 9.06
C ILE A 371 36.56 -24.14 10.49
N TYR A 372 35.53 -23.92 11.31
CA TYR A 372 35.67 -24.33 12.70
C TYR A 372 35.64 -25.84 12.86
N GLU A 373 34.91 -26.57 12.02
CA GLU A 373 35.00 -28.02 12.11
C GLU A 373 36.36 -28.50 11.58
N MET A 374 36.93 -27.83 10.56
CA MET A 374 38.31 -28.13 10.16
C MET A 374 39.27 -28.04 11.33
N LYS A 375 39.13 -26.99 12.16
CA LYS A 375 40.10 -26.81 13.24
C LYS A 375 39.91 -27.82 14.36
N LYS A 376 38.66 -28.15 14.70
CA LYS A 376 38.42 -29.20 15.69
C LYS A 376 39.00 -30.53 15.23
N ARG A 377 38.79 -30.89 13.95
CA ARG A 377 39.19 -32.19 13.44
C ARG A 377 40.66 -32.24 13.00
N GLY A 378 41.28 -31.09 12.77
CA GLY A 378 42.67 -31.11 12.33
C GLY A 378 42.84 -31.74 10.96
N VAL A 379 41.86 -31.61 10.09
CA VAL A 379 41.92 -32.12 8.72
C VAL A 379 42.72 -31.14 7.87
N GLU A 380 43.15 -31.58 6.69
CA GLU A 380 43.92 -30.68 5.84
C GLU A 380 43.05 -29.86 4.88
N TYR A 381 42.06 -30.49 4.25
CA TYR A 381 41.27 -29.87 3.18
C TYR A 381 39.78 -29.97 3.46
N GLY A 382 39.06 -28.87 3.23
CA GLY A 382 37.62 -28.77 3.39
C GLY A 382 37.04 -28.06 2.18
N LEU A 383 35.85 -28.46 1.71
CA LEU A 383 35.21 -27.87 0.54
C LEU A 383 33.85 -27.32 0.96
N ALA A 384 33.56 -26.08 0.55
CA ALA A 384 32.26 -25.45 0.80
C ALA A 384 31.64 -25.03 -0.53
N SER A 385 30.34 -25.25 -0.70
CA SER A 385 29.69 -24.88 -1.95
C SER A 385 28.18 -24.81 -1.74
N LEU A 386 27.52 -24.06 -2.62
CA LEU A 386 26.06 -23.94 -2.52
C LEU A 386 25.46 -23.49 -3.84
N CYS A 387 24.23 -23.89 -4.08
CA CYS A 387 23.43 -23.49 -5.22
C CYS A 387 22.90 -22.07 -5.05
N ILE A 388 22.51 -21.45 -6.18
CA ILE A 388 22.19 -20.03 -6.27
C ILE A 388 20.97 -19.84 -7.16
N GLY A 389 20.02 -19.02 -6.72
CA GLY A 389 18.85 -18.74 -7.56
C GLY A 389 19.26 -18.07 -8.86
N GLY A 390 18.60 -18.48 -9.94
CA GLY A 390 19.00 -18.11 -11.29
C GLY A 390 19.86 -19.14 -11.99
N GLY A 391 20.31 -20.17 -11.29
CA GLY A 391 21.08 -21.23 -11.92
C GLY A 391 22.59 -21.07 -11.81
N MET A 392 23.12 -20.90 -10.60
CA MET A 392 24.55 -20.72 -10.44
C MET A 392 24.99 -21.51 -9.21
N GLY A 393 26.30 -21.55 -8.98
CA GLY A 393 26.87 -22.07 -7.75
C GLY A 393 28.17 -21.34 -7.49
N THR A 394 28.61 -21.40 -6.23
CA THR A 394 29.96 -20.97 -5.86
C THR A 394 30.59 -22.04 -4.98
N ALA A 395 31.93 -22.09 -5.02
CA ALA A 395 32.69 -23.08 -4.25
C ALA A 395 34.00 -22.50 -3.77
N LEU A 396 34.48 -22.99 -2.63
CA LEU A 396 35.78 -22.63 -2.07
C LEU A 396 36.49 -23.91 -1.61
N ILE A 397 37.77 -24.02 -1.96
CA ILE A 397 38.61 -25.07 -1.40
C ILE A 397 39.52 -24.46 -0.34
N LEU A 398 39.53 -25.04 0.85
CA LEU A 398 40.28 -24.50 1.98
C LEU A 398 41.33 -25.50 2.44
N LYS A 399 42.44 -24.98 2.95
CA LYS A 399 43.55 -25.80 3.46
C LYS A 399 43.90 -25.35 4.87
N ASN A 400 43.92 -26.30 5.80
CA ASN A 400 44.24 -25.98 7.21
C ASN A 400 45.65 -25.40 7.33
N VAL A 401 45.84 -24.51 8.31
CA VAL A 401 47.13 -23.89 8.58
C VAL A 401 47.62 -24.34 9.95
N LYS A 402 48.68 -25.14 9.96
CA LYS A 402 49.28 -25.67 11.18
C LYS A 402 50.00 -24.58 11.98
N MET B 1 51.49 -10.38 -13.98
CA MET B 1 50.03 -10.24 -14.14
C MET B 1 49.68 -9.60 -15.48
N SER B 2 48.56 -10.04 -16.06
CA SER B 2 48.14 -9.56 -17.37
C SER B 2 47.67 -8.11 -17.32
N LYS B 3 47.93 -7.39 -18.40
CA LYS B 3 47.30 -6.09 -18.60
C LYS B 3 45.79 -6.28 -18.75
N VAL B 4 45.03 -5.22 -18.48
CA VAL B 4 43.58 -5.26 -18.61
C VAL B 4 43.18 -4.27 -19.70
N TYR B 5 42.54 -4.77 -20.76
CA TYR B 5 42.13 -3.97 -21.89
C TYR B 5 40.60 -3.84 -21.96
N VAL B 6 40.13 -2.67 -22.33
CA VAL B 6 38.73 -2.51 -22.73
C VAL B 6 38.63 -2.80 -24.22
N VAL B 7 37.91 -3.87 -24.58
CA VAL B 7 37.76 -4.28 -25.97
C VAL B 7 36.39 -3.94 -26.55
N ALA B 8 35.45 -3.47 -25.74
CA ALA B 8 34.20 -2.91 -26.24
C ALA B 8 33.63 -1.94 -25.21
N ALA B 9 32.79 -1.03 -25.68
CA ALA B 9 32.21 0.00 -24.82
C ALA B 9 30.96 0.55 -25.48
N LYS B 10 29.80 0.38 -24.83
CA LYS B 10 28.54 0.84 -25.38
C LYS B 10 27.65 1.26 -24.22
N ARG B 11 26.78 2.23 -24.49
CA ARG B 11 25.86 2.73 -23.47
C ARG B 11 24.54 3.02 -24.15
N SER B 12 23.48 3.05 -23.34
CA SER B 12 22.24 3.59 -23.89
C SER B 12 22.33 5.11 -23.93
N ALA B 13 21.50 5.72 -24.76
CA ALA B 13 21.15 7.10 -24.46
C ALA B 13 20.46 7.14 -23.10
N ILE B 14 20.54 8.29 -22.44
CA ILE B 14 20.03 8.42 -21.09
C ILE B 14 18.62 8.98 -21.14
N GLY B 15 17.68 8.28 -20.50
CA GLY B 15 16.31 8.71 -20.49
C GLY B 15 16.00 9.68 -19.36
N SER B 16 15.00 10.53 -19.60
CA SER B 16 14.45 11.38 -18.57
C SER B 16 13.58 10.58 -17.61
N PHE B 17 13.38 11.15 -16.44
CA PHE B 17 12.55 10.50 -15.41
C PHE B 17 11.12 10.37 -15.91
N LEU B 18 10.60 9.15 -15.92
CA LEU B 18 9.31 8.84 -16.53
C LEU B 18 9.30 9.17 -18.02
N GLY B 19 10.47 9.14 -18.65
CA GLY B 19 10.68 9.47 -20.06
C GLY B 19 10.71 8.26 -20.94
N THR B 20 11.56 8.29 -21.97
CA THR B 20 11.42 7.30 -23.03
C THR B 20 11.81 5.88 -22.58
N LEU B 21 12.77 5.74 -21.67
CA LEU B 21 13.17 4.41 -21.22
C LEU B 21 12.33 3.89 -20.05
N SER B 22 11.40 4.69 -19.55
CA SER B 22 10.68 4.33 -18.34
C SER B 22 9.94 2.98 -18.39
N PRO B 23 9.44 2.49 -19.53
CA PRO B 23 8.76 1.17 -19.50
C PRO B 23 9.69 -0.04 -19.34
N LEU B 24 10.99 0.12 -19.56
CA LEU B 24 11.92 -1.01 -19.54
C LEU B 24 12.41 -1.30 -18.12
N LYS B 25 12.32 -2.56 -17.74
CA LYS B 25 12.94 -3.02 -16.51
C LYS B 25 14.46 -2.95 -16.63
N PRO B 26 15.16 -2.76 -15.51
CA PRO B 26 16.63 -2.56 -15.60
C PRO B 26 17.36 -3.75 -16.20
N GLY B 27 16.90 -4.98 -15.95
CA GLY B 27 17.54 -6.13 -16.55
C GLY B 27 17.35 -6.15 -18.06
N ASP B 28 16.16 -5.74 -18.52
CA ASP B 28 15.88 -5.71 -19.95
C ASP B 28 16.68 -4.60 -20.64
N LEU B 29 16.67 -3.39 -20.07
CA LEU B 29 17.48 -2.29 -20.59
C LEU B 29 18.95 -2.70 -20.70
N GLY B 30 19.52 -3.25 -19.63
CA GLY B 30 20.93 -3.62 -19.65
C GLY B 30 21.23 -4.69 -20.68
N ALA B 31 20.37 -5.70 -20.78
CA ALA B 31 20.56 -6.76 -21.77
C ALA B 31 20.64 -6.20 -23.19
N GLN B 32 19.83 -5.19 -23.51
CA GLN B 32 19.89 -4.67 -24.88
C GLN B 32 21.27 -4.09 -25.19
N ILE B 33 21.91 -3.45 -24.21
CA ILE B 33 23.25 -2.89 -24.43
C ILE B 33 24.30 -3.99 -24.52
N VAL B 34 24.20 -5.00 -23.67
CA VAL B 34 25.13 -6.13 -23.73
C VAL B 34 24.97 -6.87 -25.05
N LYS B 35 23.72 -7.02 -25.52
CA LYS B 35 23.49 -7.69 -26.80
C LYS B 35 24.10 -6.89 -27.95
N ASN B 36 24.03 -5.56 -27.88
CA ASN B 36 24.70 -4.74 -28.89
C ASN B 36 26.20 -5.03 -28.91
N ILE B 37 26.83 -5.07 -27.72
CA ILE B 37 28.25 -5.41 -27.65
C ILE B 37 28.50 -6.78 -28.26
N LEU B 38 27.63 -7.75 -27.94
CA LEU B 38 27.82 -9.11 -28.45
C LEU B 38 27.73 -9.14 -29.97
N GLU B 39 26.74 -8.47 -30.54
CA GLU B 39 26.58 -8.46 -31.98
C GLU B 39 27.70 -7.71 -32.70
N GLU B 40 28.28 -6.68 -32.05
CA GLU B 40 29.37 -5.92 -32.67
C GLU B 40 30.70 -6.67 -32.63
N THR B 41 31.07 -7.23 -31.47
CA THR B 41 32.35 -7.91 -31.35
C THR B 41 32.31 -9.28 -32.02
N LYS B 42 31.13 -9.87 -32.13
CA LYS B 42 30.91 -11.22 -32.66
C LYS B 42 31.65 -12.30 -31.84
N VAL B 43 31.97 -12.02 -30.59
CA VAL B 43 32.52 -13.03 -29.69
C VAL B 43 31.45 -14.08 -29.38
N ASP B 44 31.87 -15.32 -29.26
CA ASP B 44 30.99 -16.37 -28.77
C ASP B 44 30.69 -16.12 -27.31
N PRO B 45 29.44 -15.86 -26.92
CA PRO B 45 29.13 -15.53 -25.51
C PRO B 45 29.62 -16.58 -24.53
N ALA B 46 29.72 -17.84 -24.94
CA ALA B 46 30.20 -18.91 -24.08
C ALA B 46 31.64 -18.73 -23.64
N ASN B 47 32.39 -17.82 -24.29
CA ASN B 47 33.76 -17.52 -23.89
C ASN B 47 33.87 -16.40 -22.86
N ILE B 48 32.76 -15.79 -22.47
CA ILE B 48 32.78 -14.80 -21.39
C ILE B 48 32.87 -15.55 -20.07
N ASP B 49 33.64 -15.01 -19.13
CA ASP B 49 33.81 -15.66 -17.84
C ASP B 49 32.70 -15.29 -16.85
N GLU B 50 32.35 -14.02 -16.76
CA GLU B 50 31.13 -13.63 -16.07
C GLU B 50 30.71 -12.23 -16.48
N VAL B 51 29.50 -11.86 -16.07
CA VAL B 51 28.96 -10.53 -16.27
C VAL B 51 28.73 -9.90 -14.89
N ILE B 52 29.27 -8.71 -14.68
CA ILE B 52 29.15 -8.02 -13.40
C ILE B 52 28.41 -6.72 -13.65
N VAL B 53 27.29 -6.52 -12.94
CA VAL B 53 26.34 -5.45 -13.26
C VAL B 53 26.07 -4.59 -12.04
N GLY B 54 26.49 -3.32 -12.08
CA GLY B 54 26.03 -2.37 -11.09
C GLY B 54 24.53 -2.15 -11.20
N ASN B 55 23.88 -2.09 -10.04
CA ASN B 55 22.44 -1.85 -9.94
C ASN B 55 22.10 -1.55 -8.49
N VAL B 56 21.33 -0.48 -8.23
CA VAL B 56 21.06 -0.03 -6.87
C VAL B 56 19.62 -0.36 -6.46
N LEU B 57 18.65 -0.01 -7.30
CA LEU B 57 17.23 -0.19 -6.96
C LEU B 57 16.80 -1.56 -7.47
N SER B 58 17.03 -2.57 -6.65
CA SER B 58 16.85 -3.98 -6.98
C SER B 58 15.45 -4.49 -6.67
N ALA B 59 14.61 -3.69 -6.00
CA ALA B 59 13.36 -4.20 -5.46
C ALA B 59 12.34 -4.39 -6.57
N GLY B 60 11.58 -5.48 -6.46
CA GLY B 60 10.52 -5.73 -7.41
C GLY B 60 10.98 -6.17 -8.79
N GLN B 61 12.19 -6.68 -8.92
CA GLN B 61 12.66 -7.07 -10.28
C GLN B 61 12.70 -8.60 -10.40
N ALA B 62 12.43 -9.27 -9.27
CA ALA B 62 12.62 -10.72 -9.08
C ALA B 62 14.14 -11.03 -9.01
N GLN B 63 14.51 -12.29 -8.95
CA GLN B 63 15.93 -12.59 -8.73
C GLN B 63 16.91 -12.03 -9.77
N GLY B 64 17.96 -11.43 -9.22
CA GLY B 64 19.23 -10.98 -9.84
C GLY B 64 19.18 -10.22 -11.14
N VAL B 65 19.21 -8.91 -11.01
CA VAL B 65 19.19 -8.01 -12.18
C VAL B 65 20.41 -8.32 -13.06
N GLY B 66 21.57 -8.51 -12.45
CA GLY B 66 22.79 -8.84 -13.21
C GLY B 66 22.56 -10.07 -14.05
N ARG B 67 22.02 -11.12 -13.44
CA ARG B 67 21.79 -12.34 -14.21
C ARG B 67 20.77 -12.10 -15.33
N GLN B 68 19.74 -11.30 -15.06
CA GLN B 68 18.77 -11.01 -16.12
C GLN B 68 19.44 -10.34 -17.30
N VAL B 69 20.31 -9.37 -17.03
CA VAL B 69 21.06 -8.71 -18.11
C VAL B 69 21.74 -9.75 -19.00
N ALA B 70 22.43 -10.71 -18.38
CA ALA B 70 23.18 -11.69 -19.16
C ALA B 70 22.27 -12.64 -19.94
N ILE B 71 21.27 -13.22 -19.26
CA ILE B 71 20.40 -14.21 -19.89
C ILE B 71 19.64 -13.60 -21.06
N ARG B 72 19.07 -12.41 -20.84
CA ARG B 72 18.25 -11.76 -21.86
C ARG B 72 19.09 -11.15 -22.97
N ALA B 73 20.39 -10.99 -22.76
CA ALA B 73 21.32 -10.63 -23.83
C ALA B 73 21.73 -11.82 -24.69
N GLY B 74 21.30 -13.04 -24.37
CA GLY B 74 21.77 -14.21 -25.09
C GLY B 74 23.03 -14.86 -24.56
N ILE B 75 23.41 -14.59 -23.31
CA ILE B 75 24.62 -15.23 -22.76
C ILE B 75 24.23 -16.55 -22.11
N PRO B 76 24.90 -17.66 -22.43
CA PRO B 76 24.42 -18.98 -21.97
C PRO B 76 24.43 -19.11 -20.45
N TYR B 77 23.65 -20.10 -19.98
CA TYR B 77 23.44 -20.33 -18.56
C TYR B 77 24.74 -20.59 -17.82
N GLU B 78 25.70 -21.24 -18.48
CA GLU B 78 26.93 -21.64 -17.80
C GLU B 78 27.80 -20.44 -17.41
N VAL B 79 27.49 -19.25 -17.93
CA VAL B 79 28.28 -18.05 -17.66
C VAL B 79 27.64 -17.31 -16.49
N PRO B 80 28.27 -17.26 -15.31
CA PRO B 80 27.63 -16.62 -14.16
C PRO B 80 27.55 -15.11 -14.30
N ALA B 81 26.56 -14.52 -13.62
CA ALA B 81 26.23 -13.10 -13.77
C ALA B 81 25.55 -12.63 -12.49
N TYR B 82 25.96 -11.46 -12.01
CA TYR B 82 25.44 -10.99 -10.73
C TYR B 82 25.54 -9.48 -10.72
N SER B 83 25.24 -8.88 -9.58
CA SER B 83 25.11 -7.44 -9.47
C SER B 83 25.83 -6.95 -8.22
N VAL B 84 26.19 -5.66 -8.24
CA VAL B 84 26.92 -5.02 -7.14
C VAL B 84 26.25 -3.69 -6.84
N ASN B 85 26.28 -3.30 -5.57
CA ASN B 85 25.67 -2.05 -5.13
C ASN B 85 26.65 -1.29 -4.24
N ILE B 86 27.28 -0.29 -4.83
CA ILE B 86 28.10 0.74 -4.16
C ILE B 86 27.48 2.07 -4.63
N ILE B 87 26.16 2.09 -4.63
CA ILE B 87 25.34 3.26 -5.01
C ILE B 87 25.86 3.81 -6.34
N CYS B 88 26.22 5.06 -6.36
CA CYS B 88 26.60 5.82 -7.56
C CYS B 88 27.83 5.21 -8.25
N GLY B 89 28.70 4.53 -7.53
CA GLY B 89 29.89 3.97 -8.17
C GLY B 89 29.70 2.58 -8.74
N SER B 90 28.48 2.04 -8.69
CA SER B 90 28.25 0.63 -8.98
C SER B 90 28.67 0.28 -10.41
N GLY B 91 28.42 1.17 -11.36
CA GLY B 91 28.82 0.91 -12.73
C GLY B 91 30.30 1.04 -12.99
N MET B 92 31.05 1.69 -12.09
CA MET B 92 32.51 1.70 -12.23
C MET B 92 33.13 0.58 -11.38
N LYS B 93 32.53 0.28 -10.23
CA LYS B 93 33.08 -0.73 -9.33
C LYS B 93 33.03 -2.12 -9.96
N SER B 94 32.02 -2.39 -10.78
CA SER B 94 31.97 -3.66 -11.51
C SER B 94 33.20 -3.84 -12.40
N VAL B 95 33.63 -2.76 -13.06
CA VAL B 95 34.82 -2.79 -13.91
C VAL B 95 36.07 -2.99 -13.07
N ILE B 96 36.17 -2.26 -11.95
CA ILE B 96 37.28 -2.41 -11.02
C ILE B 96 37.42 -3.87 -10.59
N THR B 97 36.29 -4.51 -10.27
CA THR B 97 36.32 -5.93 -9.89
C THR B 97 36.71 -6.82 -11.07
N ALA B 98 36.22 -6.51 -12.28
CA ALA B 98 36.70 -7.22 -13.47
C ALA B 98 38.21 -7.05 -13.63
N PHE B 99 38.72 -5.83 -13.41
CA PHE B 99 40.15 -5.56 -13.49
C PHE B 99 40.92 -6.43 -12.51
N SER B 100 40.44 -6.52 -11.26
CA SER B 100 41.06 -7.41 -10.28
C SER B 100 40.98 -8.87 -10.72
N ASN B 101 39.83 -9.31 -11.24
CA ASN B 101 39.68 -10.71 -11.62
C ASN B 101 40.66 -11.09 -12.73
N ILE B 102 40.84 -10.23 -13.73
CA ILE B 102 41.78 -10.54 -14.79
C ILE B 102 43.22 -10.52 -14.26
N LYS B 103 43.57 -9.46 -13.52
CA LYS B 103 44.89 -9.36 -12.90
C LYS B 103 45.23 -10.59 -12.07
N ALA B 104 44.27 -11.10 -11.31
CA ALA B 104 44.51 -12.26 -10.45
C ALA B 104 44.49 -13.58 -11.20
N GLY B 105 44.20 -13.59 -12.50
CA GLY B 105 44.08 -14.84 -13.21
C GLY B 105 42.84 -15.64 -12.89
N GLU B 106 41.83 -15.00 -12.32
CA GLU B 106 40.53 -15.61 -12.10
C GLU B 106 39.60 -15.49 -13.30
N ALA B 107 39.94 -14.68 -14.30
CA ALA B 107 39.12 -14.52 -15.49
C ALA B 107 39.98 -14.00 -16.64
N ASP B 108 39.47 -14.16 -17.86
CA ASP B 108 40.09 -13.59 -19.05
C ASP B 108 39.19 -12.67 -19.85
N LEU B 109 37.87 -12.86 -19.80
CA LEU B 109 36.95 -12.04 -20.58
C LEU B 109 35.75 -11.74 -19.70
N VAL B 110 35.46 -10.48 -19.47
CA VAL B 110 34.38 -10.07 -18.57
C VAL B 110 33.60 -8.92 -19.18
N ILE B 111 32.28 -8.96 -19.05
CA ILE B 111 31.39 -7.85 -19.32
C ILE B 111 31.10 -7.16 -17.99
N ALA B 112 31.36 -5.87 -17.90
CA ALA B 112 31.11 -5.16 -16.64
C ALA B 112 30.49 -3.81 -16.95
N GLY B 113 29.38 -3.52 -16.29
CA GLY B 113 28.71 -2.24 -16.45
C GLY B 113 27.74 -1.99 -15.34
N GLY B 114 26.67 -1.29 -15.66
CA GLY B 114 25.64 -0.99 -14.69
C GLY B 114 24.36 -0.69 -15.42
N THR B 115 23.26 -0.73 -14.68
CA THR B 115 21.95 -0.46 -15.24
C THR B 115 21.04 0.05 -14.14
N GLU B 116 20.20 1.03 -14.48
CA GLU B 116 19.32 1.60 -13.48
C GLU B 116 18.08 2.12 -14.18
N SER B 117 16.92 1.70 -13.67
CA SER B 117 15.65 2.30 -14.08
C SER B 117 15.09 2.98 -12.83
N MET B 118 15.50 4.24 -12.63
CA MET B 118 14.99 5.07 -11.55
C MET B 118 13.48 5.29 -11.72
N SER B 119 13.00 5.38 -12.97
CA SER B 119 11.56 5.52 -13.24
C SER B 119 10.78 4.31 -12.73
N GLY B 120 11.36 3.11 -12.85
CA GLY B 120 10.67 1.88 -12.51
C GLY B 120 10.69 1.50 -11.05
N ALA B 121 11.43 2.23 -10.21
CA ALA B 121 11.54 1.91 -8.78
C ALA B 121 10.22 2.17 -8.08
N GLY B 122 9.85 1.26 -7.17
CA GLY B 122 8.52 1.26 -6.53
C GLY B 122 8.47 1.95 -5.18
N PHE B 123 7.57 1.49 -4.33
CA PHE B 123 7.37 2.06 -3.00
C PHE B 123 7.25 0.92 -1.99
N ILE B 124 7.78 1.14 -0.79
CA ILE B 124 8.10 0.05 0.13
C ILE B 124 7.21 0.16 1.36
N LEU B 125 6.31 -0.82 1.53
CA LEU B 125 5.68 -1.03 2.82
C LEU B 125 6.63 -1.83 3.71
N PRO B 126 6.96 -1.36 4.92
CA PRO B 126 8.03 -2.00 5.69
C PRO B 126 7.63 -3.35 6.26
N GLY B 127 8.62 -4.23 6.37
CA GLY B 127 8.41 -5.60 6.83
C GLY B 127 7.89 -5.72 8.25
N ALA B 128 7.97 -4.65 9.05
CA ALA B 128 7.38 -4.71 10.39
C ALA B 128 5.90 -5.09 10.34
N ILE B 129 5.25 -4.88 9.19
CA ILE B 129 3.84 -5.24 9.01
C ILE B 129 3.60 -6.74 9.18
N ARG B 130 4.63 -7.56 8.99
CA ARG B 130 4.44 -9.02 9.01
C ARG B 130 3.99 -9.47 10.39
N GLY B 131 4.51 -8.84 11.45
CA GLY B 131 4.10 -9.06 12.82
C GLY B 131 2.84 -8.33 13.23
N GLY B 132 2.25 -7.56 12.33
CA GLY B 132 1.02 -6.86 12.62
C GLY B 132 1.24 -5.35 12.71
N HIS B 133 0.15 -4.62 12.51
CA HIS B 133 0.13 -3.17 12.59
C HIS B 133 -1.26 -2.79 13.12
N LYS B 134 -1.35 -2.59 14.44
CA LYS B 134 -2.65 -2.54 15.09
C LYS B 134 -3.49 -1.35 14.60
N MET B 135 -2.85 -0.21 14.44
CA MET B 135 -3.55 1.01 13.99
C MET B 135 -2.55 2.06 13.57
N ALA B 136 -3.11 3.15 13.10
CA ALA B 136 -2.46 4.40 12.66
C ALA B 136 -1.95 4.33 11.23
N ASP B 137 -1.49 5.46 10.82
CA ASP B 137 -1.13 5.60 9.43
C ASP B 137 0.05 4.71 9.06
N LEU B 138 0.01 4.26 7.82
CA LEU B 138 1.05 3.42 7.24
C LEU B 138 1.74 4.19 6.13
N THR B 139 3.05 4.36 6.23
CA THR B 139 3.81 5.11 5.25
C THR B 139 4.59 4.16 4.35
N MET B 140 4.43 4.32 3.05
CA MET B 140 5.25 3.63 2.06
C MET B 140 6.36 4.56 1.58
N LYS B 141 7.61 4.11 1.74
CA LYS B 141 8.77 4.90 1.32
C LYS B 141 9.02 4.76 -0.17
N ASP B 142 9.40 5.87 -0.80
CA ASP B 142 9.87 5.84 -2.18
C ASP B 142 11.18 5.05 -2.26
N HIS B 143 11.15 3.92 -2.98
CA HIS B 143 12.33 3.06 -3.10
C HIS B 143 13.50 3.83 -3.72
N MET B 144 13.23 4.66 -4.73
N MET B 144 13.25 4.65 -4.74
CA MET B 144 14.27 5.46 -5.39
CA MET B 144 14.36 5.40 -5.32
C MET B 144 14.90 6.45 -4.42
C MET B 144 14.93 6.40 -4.32
N ILE B 145 14.07 7.24 -3.74
CA ILE B 145 14.56 8.31 -2.88
C ILE B 145 15.29 7.74 -1.66
N LEU B 146 14.74 6.69 -1.07
CA LEU B 146 15.31 6.20 0.18
C LEU B 146 16.56 5.39 -0.07
N ASP B 147 16.51 4.47 -1.04
CA ASP B 147 17.56 3.49 -1.18
C ASP B 147 18.66 3.92 -2.15
N ALA B 148 18.41 4.93 -2.98
CA ALA B 148 19.47 5.49 -3.83
C ALA B 148 19.89 6.89 -3.43
N LEU B 149 19.00 7.70 -2.84
CA LEU B 149 19.27 9.11 -2.62
C LEU B 149 19.32 9.55 -1.16
N THR B 150 19.06 8.66 -0.20
CA THR B 150 18.98 9.05 1.20
C THR B 150 20.14 8.47 1.99
N ASP B 151 20.86 9.32 2.70
CA ASP B 151 21.97 8.85 3.53
C ASP B 151 21.46 7.97 4.66
N ALA B 152 22.20 6.89 4.93
CA ALA B 152 21.76 5.92 5.92
C ALA B 152 22.21 6.28 7.34
N TYR B 153 23.02 7.34 7.48
CA TYR B 153 23.57 7.74 8.77
C TYR B 153 23.01 9.07 9.26
N HIS B 154 22.61 9.94 8.34
CA HIS B 154 22.03 11.22 8.73
C HIS B 154 20.62 11.42 8.20
N ASN B 155 20.06 10.43 7.51
CA ASN B 155 18.72 10.51 6.91
C ASN B 155 18.52 11.81 6.12
N ILE B 156 19.52 12.14 5.30
CA ILE B 156 19.45 13.35 4.49
C ILE B 156 19.58 12.97 3.01
N HIS B 157 18.91 13.74 2.17
CA HIS B 157 19.03 13.64 0.73
C HIS B 157 20.44 13.99 0.28
N MET B 158 20.90 13.39 -0.83
CA MET B 158 22.22 13.75 -1.35
C MET B 158 22.32 15.25 -1.64
N GLY B 159 21.20 15.92 -1.93
CA GLY B 159 21.24 17.35 -2.16
C GLY B 159 21.65 18.14 -0.94
N ILE B 160 21.38 17.62 0.26
CA ILE B 160 21.89 18.25 1.48
C ILE B 160 23.41 18.13 1.55
N THR B 161 23.96 16.95 1.22
CA THR B 161 25.42 16.84 1.22
C THR B 161 26.06 17.79 0.20
N ALA B 162 25.34 18.13 -0.87
CA ALA B 162 25.84 19.16 -1.78
C ALA B 162 25.83 20.52 -1.11
N GLU B 163 24.77 20.84 -0.36
CA GLU B 163 24.78 22.08 0.41
C GLU B 163 25.98 22.13 1.35
N ASN B 164 26.30 21.01 2.00
CA ASN B 164 27.41 21.05 2.95
C ASN B 164 28.73 21.32 2.25
N ILE B 165 28.91 20.80 1.04
CA ILE B 165 30.13 21.14 0.30
C ILE B 165 30.11 22.62 -0.10
N ALA B 166 28.98 23.10 -0.62
CA ALA B 166 28.89 24.50 -1.03
C ALA B 166 29.17 25.44 0.14
N GLU B 167 28.57 25.16 1.30
CA GLU B 167 28.83 25.97 2.49
C GLU B 167 30.28 25.86 2.94
N ARG B 168 30.81 24.63 3.04
CA ARG B 168 32.15 24.45 3.60
C ARG B 168 33.24 25.00 2.67
N TYR B 169 33.00 25.04 1.37
CA TYR B 169 34.01 25.53 0.42
C TYR B 169 33.69 26.91 -0.15
N GLY B 170 32.58 27.51 0.24
CA GLY B 170 32.25 28.84 -0.25
C GLY B 170 31.94 28.89 -1.74
N ILE B 171 31.33 27.83 -2.27
CA ILE B 171 30.94 27.77 -3.67
C ILE B 171 29.58 28.47 -3.80
N THR B 172 29.56 29.61 -4.50
CA THR B 172 28.40 30.47 -4.53
C THR B 172 27.33 29.93 -5.46
N ARG B 173 26.10 30.41 -5.24
CA ARG B 173 25.00 30.07 -6.13
C ARG B 173 25.35 30.36 -7.58
N GLU B 174 25.97 31.53 -7.81
CA GLU B 174 26.25 31.95 -9.18
C GLU B 174 27.34 31.08 -9.80
N GLU B 175 28.36 30.71 -9.03
CA GLU B 175 29.37 29.78 -9.53
C GLU B 175 28.74 28.45 -9.92
N GLN B 176 27.76 27.99 -9.14
CA GLN B 176 27.09 26.73 -9.44
C GLN B 176 26.27 26.82 -10.73
N ASP B 177 25.49 27.90 -10.86
CA ASP B 177 24.62 28.02 -12.03
C ASP B 177 25.41 28.23 -13.31
N ALA B 178 26.62 28.81 -13.22
CA ALA B 178 27.47 28.94 -14.40
C ALA B 178 28.03 27.58 -14.82
N PHE B 179 28.49 26.79 -13.84
CA PHE B 179 28.91 25.42 -14.11
C PHE B 179 27.79 24.63 -14.78
N ALA B 180 26.57 24.76 -14.24
CA ALA B 180 25.43 24.02 -14.79
C ALA B 180 25.13 24.43 -16.24
N LEU B 181 25.07 25.73 -16.49
CA LEU B 181 24.80 26.22 -17.84
C LEU B 181 25.87 25.73 -18.82
N ASP B 182 27.14 25.92 -18.46
CA ASP B 182 28.22 25.43 -19.32
C ASP B 182 28.06 23.95 -19.63
N SER B 183 27.67 23.15 -18.63
CA SER B 183 27.43 21.72 -18.85
C SER B 183 26.32 21.50 -19.87
N GLN B 184 25.22 22.25 -19.75
CA GLN B 184 24.13 22.13 -20.72
C GLN B 184 24.61 22.46 -22.14
N LEU B 185 25.42 23.52 -22.28
CA LEU B 185 25.88 23.95 -23.60
C LEU B 185 26.82 22.93 -24.22
N LYS B 186 27.77 22.41 -23.44
CA LYS B 186 28.67 21.37 -23.95
C LYS B 186 27.89 20.11 -24.34
N ALA B 187 26.90 19.74 -23.53
CA ALA B 187 26.10 18.55 -23.82
C ALA B 187 25.29 18.72 -25.11
N ILE B 188 24.61 19.86 -25.24
CA ILE B 188 23.81 20.10 -26.43
C ILE B 188 24.71 20.13 -27.66
N ALA B 189 25.87 20.79 -27.54
CA ALA B 189 26.84 20.80 -28.62
C ALA B 189 27.19 19.40 -29.07
N ALA B 190 27.50 18.52 -28.11
CA ALA B 190 27.94 17.16 -28.44
C ALA B 190 26.81 16.34 -29.04
N VAL B 191 25.61 16.43 -28.47
CA VAL B 191 24.46 15.68 -28.99
C VAL B 191 24.21 16.06 -30.44
N ASP B 192 24.14 17.36 -30.71
CA ASP B 192 23.75 17.83 -32.04
C ASP B 192 24.88 17.74 -33.05
N SER B 193 26.12 17.61 -32.62
CA SER B 193 27.21 17.39 -33.56
C SER B 193 27.45 15.91 -33.84
N GLY B 194 26.63 15.02 -33.28
CA GLY B 194 26.85 13.61 -33.50
C GLY B 194 27.99 13.02 -32.73
N ARG B 195 28.48 13.72 -31.70
CA ARG B 195 29.66 13.26 -30.94
C ARG B 195 29.39 11.95 -30.21
N PHE B 196 28.15 11.71 -29.81
CA PHE B 196 27.83 10.50 -29.06
C PHE B 196 27.46 9.33 -29.95
N LYS B 197 27.43 9.52 -31.27
CA LYS B 197 26.87 8.49 -32.14
C LYS B 197 27.62 7.16 -32.00
N ASP B 198 28.94 7.22 -31.90
CA ASP B 198 29.73 6.00 -31.81
C ASP B 198 29.39 5.21 -30.54
N GLU B 199 29.29 5.90 -29.41
CA GLU B 199 29.23 5.19 -28.13
C GLU B 199 27.83 4.73 -27.76
N ILE B 200 26.79 5.24 -28.41
CA ILE B 200 25.42 4.94 -28.02
C ILE B 200 24.90 3.72 -28.77
N ALA B 201 24.42 2.71 -28.01
CA ALA B 201 23.72 1.60 -28.63
C ALA B 201 22.23 1.88 -28.61
N PRO B 202 21.53 1.78 -29.76
CA PRO B 202 20.09 2.06 -29.78
C PRO B 202 19.31 1.07 -28.93
N VAL B 203 18.24 1.56 -28.30
CA VAL B 203 17.41 0.76 -27.41
C VAL B 203 15.98 0.78 -27.96
N VAL B 204 15.35 -0.39 -27.97
CA VAL B 204 14.00 -0.57 -28.53
C VAL B 204 13.00 -0.74 -27.40
N ILE B 205 12.06 0.17 -27.34
CA ILE B 205 11.00 0.12 -26.30
C ILE B 205 9.76 -0.41 -26.99
N PRO B 206 9.23 -1.56 -26.56
CA PRO B 206 8.18 -2.25 -27.25
C PRO B 206 6.84 -1.56 -27.42
N ASN B 207 6.57 -0.45 -26.73
CA ASN B 207 5.34 0.35 -26.96
C ASN B 207 5.05 0.48 -28.46
N GLY B 210 3.51 0.34 -32.36
CA GLY B 210 4.82 0.35 -32.97
C GLY B 210 5.99 0.55 -32.01
N ASP B 211 7.11 -0.12 -32.28
CA ASP B 211 8.25 -0.06 -31.39
C ASP B 211 8.96 1.29 -31.52
N ILE B 212 9.45 1.78 -30.38
CA ILE B 212 10.20 3.04 -30.32
C ILE B 212 11.70 2.72 -30.34
N ILE B 213 12.45 3.45 -31.17
CA ILE B 213 13.90 3.40 -31.17
C ILE B 213 14.42 4.64 -30.45
N PHE B 214 15.18 4.44 -29.38
CA PHE B 214 15.73 5.51 -28.55
C PHE B 214 17.25 5.49 -28.70
N ASP B 215 17.82 6.57 -29.26
CA ASP B 215 19.26 6.64 -29.45
C ASP B 215 19.85 8.03 -29.19
N THR B 216 19.09 8.96 -28.61
CA THR B 216 19.51 10.34 -28.43
C THR B 216 19.25 10.75 -26.98
N ASP B 217 20.29 11.22 -26.29
CA ASP B 217 20.11 11.71 -24.93
C ASP B 217 19.02 12.77 -24.91
N GLU B 218 18.03 12.58 -24.04
CA GLU B 218 16.83 13.41 -24.02
C GLU B 218 16.77 14.33 -22.81
N TYR B 219 17.73 14.25 -21.90
CA TYR B 219 17.68 15.10 -20.72
C TYR B 219 18.23 16.51 -20.90
N PRO B 220 19.20 16.78 -21.80
CA PRO B 220 19.70 18.16 -21.95
C PRO B 220 18.59 19.19 -22.13
N ASN B 221 18.65 20.27 -21.34
CA ASN B 221 17.62 21.31 -21.27
C ASN B 221 18.00 22.42 -22.24
N ARG B 222 17.32 22.46 -23.39
CA ARG B 222 17.64 23.43 -24.44
C ARG B 222 16.92 24.75 -24.26
N LYS B 223 16.07 24.91 -23.24
CA LYS B 223 15.32 26.14 -23.06
C LYS B 223 15.70 26.89 -21.79
N THR B 224 16.85 26.58 -21.20
CA THR B 224 17.31 27.27 -20.01
C THR B 224 18.46 28.20 -20.38
N ASP B 225 18.66 29.23 -19.55
CA ASP B 225 19.79 30.14 -19.70
C ASP B 225 20.12 30.73 -18.34
N ALA B 226 21.07 31.67 -18.35
CA ALA B 226 21.64 32.17 -17.10
C ALA B 226 20.57 32.76 -16.19
N GLU B 227 19.66 33.56 -16.75
CA GLU B 227 18.70 34.22 -15.87
C GLU B 227 17.58 33.27 -15.43
N LYS B 228 17.20 32.32 -16.28
CA LYS B 228 16.25 31.31 -15.85
C LYS B 228 16.82 30.45 -14.74
N LEU B 229 18.12 30.16 -14.81
CA LEU B 229 18.76 29.39 -13.75
C LEU B 229 18.85 30.20 -12.46
N ALA B 230 19.05 31.52 -12.56
CA ALA B 230 19.18 32.35 -11.36
C ALA B 230 17.87 32.50 -10.61
N LYS B 231 16.73 32.22 -11.25
CA LYS B 231 15.43 32.41 -10.64
C LYS B 231 14.83 31.12 -10.10
N LEU B 232 15.58 30.02 -10.06
CA LEU B 232 15.04 28.78 -9.53
C LEU B 232 15.04 28.79 -8.00
N LYS B 233 14.02 28.17 -7.42
CA LYS B 233 14.01 28.08 -5.97
C LYS B 233 15.00 27.02 -5.48
N PRO B 234 15.49 27.14 -4.25
CA PRO B 234 16.28 26.05 -3.66
C PRO B 234 15.47 24.76 -3.59
N ALA B 235 16.12 23.64 -3.88
CA ALA B 235 15.43 22.35 -3.94
C ALA B 235 15.56 21.51 -2.67
N PHE B 236 16.48 21.83 -1.76
CA PHE B 236 16.73 20.91 -0.67
C PHE B 236 16.73 21.56 0.72
N LYS B 237 17.10 22.84 0.81
CA LYS B 237 17.05 23.48 2.10
C LYS B 237 16.71 24.95 1.92
N LYS B 238 15.99 25.49 2.92
CA LYS B 238 15.72 26.92 2.98
C LYS B 238 17.02 27.70 2.86
N ASP B 239 17.00 28.75 2.06
CA ASP B 239 18.15 29.64 1.85
C ASP B 239 19.35 28.94 1.20
N GLY B 240 19.18 27.71 0.71
CA GLY B 240 20.29 26.98 0.13
C GLY B 240 20.63 27.46 -1.28
N SER B 241 21.70 26.85 -1.84
CA SER B 241 22.18 27.19 -3.18
C SER B 241 21.90 26.12 -4.23
N VAL B 242 21.64 24.88 -3.83
CA VAL B 242 21.38 23.79 -4.76
C VAL B 242 19.95 23.88 -5.27
N THR B 243 19.79 23.80 -6.59
CA THR B 243 18.49 23.85 -7.25
C THR B 243 18.36 22.64 -8.17
N ALA B 244 17.16 22.48 -8.74
CA ALA B 244 17.00 21.45 -9.76
C ALA B 244 17.83 21.76 -11.00
N GLY B 245 18.17 23.03 -11.23
CA GLY B 245 18.93 23.43 -12.40
C GLY B 245 20.44 23.26 -12.27
N ASN B 246 20.97 23.21 -11.04
CA ASN B 246 22.40 22.97 -10.87
C ASN B 246 22.69 21.64 -10.21
N ALA B 247 21.71 20.73 -10.17
CA ALA B 247 21.88 19.39 -9.67
C ALA B 247 21.60 18.39 -10.78
N SER B 248 22.14 17.17 -10.64
CA SER B 248 21.84 16.12 -11.59
C SER B 248 20.33 15.79 -11.55
N GLY B 249 19.89 15.01 -12.54
CA GLY B 249 18.50 14.62 -12.63
C GLY B 249 18.25 13.20 -12.14
N LEU B 250 16.99 12.80 -12.21
CA LEU B 250 16.59 11.42 -12.03
C LEU B 250 16.43 10.80 -13.43
N ASN B 251 17.12 9.68 -13.67
CA ASN B 251 17.25 9.22 -15.05
C ASN B 251 17.28 7.71 -15.14
N ASP B 252 17.05 7.19 -16.34
CA ASP B 252 17.21 5.77 -16.63
C ASP B 252 18.34 5.60 -17.62
N GLY B 253 19.08 4.50 -17.50
CA GLY B 253 20.09 4.18 -18.51
C GLY B 253 20.92 2.99 -18.10
N ALA B 254 21.67 2.47 -19.07
CA ALA B 254 22.59 1.37 -18.82
C ALA B 254 23.87 1.63 -19.62
N SER B 255 24.93 0.88 -19.27
CA SER B 255 26.24 1.12 -19.86
C SER B 255 27.21 0.00 -19.49
N PHE B 256 27.96 -0.53 -20.46
CA PHE B 256 28.80 -1.70 -20.22
C PHE B 256 30.12 -1.60 -20.97
N LEU B 257 31.13 -2.26 -20.42
CA LEU B 257 32.39 -2.51 -21.09
C LEU B 257 32.64 -4.02 -21.14
N MET B 258 33.42 -4.44 -22.12
N MET B 258 33.44 -4.43 -22.11
CA MET B 258 33.99 -5.79 -22.11
CA MET B 258 34.02 -5.76 -22.15
C MET B 258 35.48 -5.67 -21.85
C MET B 258 35.49 -5.62 -21.82
N LEU B 259 35.97 -6.41 -20.86
CA LEU B 259 37.36 -6.39 -20.42
C LEU B 259 38.03 -7.70 -20.78
N ALA B 260 39.28 -7.62 -21.24
CA ALA B 260 39.97 -8.81 -21.72
C ALA B 260 41.41 -8.85 -21.25
N SER B 261 41.85 -10.03 -20.84
CA SER B 261 43.25 -10.31 -20.58
C SER B 261 44.05 -10.22 -21.88
N GLU B 262 45.38 -10.20 -21.74
CA GLU B 262 46.24 -10.30 -22.92
C GLU B 262 45.97 -11.62 -23.67
N GLU B 263 45.83 -12.72 -22.94
CA GLU B 263 45.53 -14.01 -23.55
C GLU B 263 44.23 -13.97 -24.35
N ALA B 264 43.21 -13.27 -23.82
CA ALA B 264 41.91 -13.22 -24.48
C ALA B 264 41.97 -12.39 -25.75
N VAL B 265 42.69 -11.27 -25.71
CA VAL B 265 42.86 -10.43 -26.90
C VAL B 265 43.41 -11.26 -28.05
N LYS B 266 44.47 -12.03 -27.78
CA LYS B 266 45.06 -12.88 -28.82
C LYS B 266 44.13 -14.01 -29.23
N LYS B 267 43.58 -14.73 -28.24
CA LYS B 267 42.82 -15.93 -28.54
C LYS B 267 41.53 -15.63 -29.32
N TYR B 268 40.89 -14.48 -29.08
CA TYR B 268 39.58 -14.19 -29.66
C TYR B 268 39.62 -13.05 -30.68
N ASN B 269 40.80 -12.60 -31.09
CA ASN B 269 40.94 -11.55 -32.11
C ASN B 269 40.15 -10.30 -31.75
N LEU B 270 40.40 -9.76 -30.56
CA LEU B 270 39.79 -8.52 -30.09
C LEU B 270 40.82 -7.40 -30.11
N LYS B 271 40.44 -6.22 -30.62
CA LYS B 271 41.34 -5.09 -30.61
C LYS B 271 41.01 -4.19 -29.43
N PRO B 272 41.93 -3.98 -28.50
CA PRO B 272 41.67 -3.05 -27.40
C PRO B 272 41.37 -1.64 -27.92
N LEU B 273 40.42 -0.98 -27.26
CA LEU B 273 40.25 0.46 -27.39
C LEU B 273 41.24 1.20 -26.49
N VAL B 274 41.29 0.84 -25.21
CA VAL B 274 42.18 1.46 -24.24
C VAL B 274 42.62 0.39 -23.24
N GLU B 275 43.60 0.75 -22.42
CA GLU B 275 44.03 -0.09 -21.31
C GLU B 275 43.64 0.55 -19.99
N ILE B 276 43.19 -0.25 -19.04
CA ILE B 276 43.00 0.22 -17.68
C ILE B 276 44.35 0.13 -16.96
N VAL B 277 44.93 1.28 -16.62
CA VAL B 277 46.23 1.32 -15.96
C VAL B 277 46.09 1.08 -14.46
N ALA B 278 45.13 1.73 -13.82
CA ALA B 278 44.99 1.63 -12.38
C ALA B 278 43.56 1.95 -11.99
N THR B 279 43.19 1.50 -10.80
CA THR B 279 41.90 1.81 -10.21
C THR B 279 42.11 2.44 -8.83
N GLY B 280 41.08 3.12 -8.36
CA GLY B 280 41.07 3.65 -7.01
C GLY B 280 39.69 3.63 -6.39
N THR B 281 39.60 3.30 -5.11
CA THR B 281 38.35 3.38 -4.38
C THR B 281 38.63 4.05 -3.04
N GLY B 282 37.97 5.19 -2.79
CA GLY B 282 38.26 5.99 -1.61
C GLY B 282 37.01 6.21 -0.76
N GLY B 283 37.26 6.69 0.46
CA GLY B 283 36.18 7.00 1.38
C GLY B 283 36.38 8.37 2.01
N VAL B 284 35.26 9.08 2.23
CA VAL B 284 35.20 10.39 2.87
C VAL B 284 34.00 10.38 3.81
N ASP B 285 33.81 11.50 4.50
CA ASP B 285 32.69 11.65 5.43
C ASP B 285 31.37 11.64 4.66
N PRO B 286 30.39 10.83 5.08
CA PRO B 286 29.09 10.83 4.39
C PRO B 286 28.47 12.20 4.24
N LEU B 287 28.73 13.12 5.17
CA LEU B 287 28.13 14.46 5.13
C LEU B 287 28.60 15.27 3.93
N VAL B 288 29.80 14.98 3.42
CA VAL B 288 30.32 15.66 2.24
C VAL B 288 30.69 14.60 1.21
N MET B 289 29.79 13.64 0.98
CA MET B 289 30.10 12.47 0.15
C MET B 289 30.64 12.87 -1.22
N GLY B 290 30.22 14.03 -1.72
CA GLY B 290 30.61 14.50 -3.04
C GLY B 290 32.10 14.73 -3.22
N MET B 291 32.87 14.73 -2.12
N MET B 291 32.87 14.72 -2.14
CA MET B 291 34.33 14.82 -2.14
CA MET B 291 34.33 14.84 -2.25
C MET B 291 35.00 13.48 -2.39
C MET B 291 35.00 13.49 -2.47
N GLY B 292 34.21 12.41 -2.52
CA GLY B 292 34.76 11.08 -2.69
C GLY B 292 35.80 10.89 -3.78
N PRO B 293 35.66 11.54 -4.95
CA PRO B 293 36.70 11.36 -5.97
C PRO B 293 38.11 11.75 -5.52
N VAL B 294 38.27 12.50 -4.43
CA VAL B 294 39.62 12.97 -4.09
C VAL B 294 40.48 11.81 -3.55
N PRO B 295 40.04 11.02 -2.56
CA PRO B 295 40.86 9.85 -2.19
C PRO B 295 40.89 8.78 -3.26
N ALA B 296 39.81 8.64 -4.03
CA ALA B 296 39.78 7.65 -5.11
C ALA B 296 40.85 7.96 -6.14
N ILE B 297 40.92 9.22 -6.60
CA ILE B 297 41.94 9.62 -7.55
C ILE B 297 43.33 9.43 -6.96
N ARG B 298 43.56 9.96 -5.76
CA ARG B 298 44.84 9.83 -5.08
C ARG B 298 45.31 8.37 -4.98
N LYS B 299 44.40 7.46 -4.59
CA LYS B 299 44.79 6.06 -4.48
C LYS B 299 45.11 5.47 -5.84
N ALA B 300 44.44 5.93 -6.90
CA ALA B 300 44.73 5.42 -8.23
C ALA B 300 46.11 5.87 -8.72
N PHE B 301 46.41 7.16 -8.61
CA PHE B 301 47.71 7.64 -9.12
C PHE B 301 48.87 7.04 -8.33
N ASN B 302 48.68 6.81 -7.03
CA ASN B 302 49.74 6.33 -6.18
C ASN B 302 50.16 4.90 -6.52
N LYS B 303 49.43 4.23 -7.39
CA LYS B 303 49.83 2.93 -7.89
C LYS B 303 50.63 3.02 -9.18
N THR B 304 50.82 4.22 -9.71
CA THR B 304 51.48 4.44 -10.99
C THR B 304 52.57 5.48 -10.84
N ASP B 305 53.31 5.67 -11.94
CA ASP B 305 54.29 6.73 -12.05
C ASP B 305 53.71 7.97 -12.72
N LEU B 306 52.39 8.02 -12.85
CA LEU B 306 51.70 9.11 -13.51
C LEU B 306 51.22 10.13 -12.47
N LYS B 307 51.00 11.35 -12.95
CA LYS B 307 50.47 12.43 -12.14
C LYS B 307 49.20 12.94 -12.81
N LEU B 308 48.38 13.67 -12.04
CA LEU B 308 47.19 14.29 -12.61
C LEU B 308 47.55 15.12 -13.84
N LYS B 309 48.73 15.76 -13.82
CA LYS B 309 49.17 16.59 -14.94
C LYS B 309 49.32 15.78 -16.22
N ASP B 310 49.48 14.47 -16.14
CA ASP B 310 49.59 13.65 -17.34
C ASP B 310 48.25 13.41 -18.01
N MET B 311 47.15 13.73 -17.35
CA MET B 311 45.82 13.41 -17.84
C MET B 311 45.44 14.41 -18.93
N GLU B 312 45.08 13.92 -20.14
CA GLU B 312 44.64 14.82 -21.20
C GLU B 312 43.13 14.98 -21.29
N LEU B 313 42.35 14.04 -20.75
CA LEU B 313 40.90 14.18 -20.69
C LEU B 313 40.44 13.70 -19.32
N ILE B 314 39.38 14.31 -18.82
CA ILE B 314 38.84 13.91 -17.53
C ILE B 314 37.32 13.85 -17.63
N GLU B 315 36.74 12.80 -17.06
CA GLU B 315 35.32 12.75 -16.76
C GLU B 315 35.17 12.73 -15.24
N LEU B 316 34.47 13.73 -14.70
CA LEU B 316 34.07 13.74 -13.30
C LEU B 316 32.55 13.93 -13.25
N ASN B 317 31.85 12.98 -12.65
CA ASN B 317 30.40 13.01 -12.71
C ASN B 317 29.83 14.21 -11.97
N GLU B 318 28.85 14.87 -12.60
CA GLU B 318 28.23 16.07 -12.01
C GLU B 318 26.96 15.68 -11.25
N ALA B 319 27.20 15.09 -10.06
CA ALA B 319 26.09 14.87 -9.14
C ALA B 319 25.42 16.20 -8.80
N PHE B 320 26.23 17.20 -8.46
CA PHE B 320 25.76 18.55 -8.15
C PHE B 320 26.87 19.51 -8.56
N ALA B 321 26.51 20.65 -9.15
CA ALA B 321 27.53 21.65 -9.47
C ALA B 321 28.35 22.00 -8.24
N ALA B 322 27.68 22.14 -7.08
CA ALA B 322 28.40 22.40 -5.83
C ALA B 322 29.42 21.30 -5.54
N GLN B 323 29.02 20.05 -5.74
CA GLN B 323 29.92 18.92 -5.47
C GLN B 323 31.12 18.94 -6.41
N SER B 324 30.87 19.16 -7.71
CA SER B 324 31.95 19.07 -8.69
C SER B 324 32.93 20.24 -8.57
N LEU B 325 32.44 21.44 -8.24
CA LEU B 325 33.35 22.56 -8.06
C LEU B 325 34.22 22.35 -6.83
N GLY B 326 33.66 21.78 -5.76
CA GLY B 326 34.45 21.49 -4.58
C GLY B 326 35.52 20.45 -4.84
N VAL B 327 35.18 19.41 -5.62
CA VAL B 327 36.19 18.44 -6.02
C VAL B 327 37.30 19.14 -6.81
N ILE B 328 36.91 19.95 -7.80
CA ILE B 328 37.90 20.64 -8.62
C ILE B 328 38.78 21.55 -7.76
N LYS B 329 38.16 22.30 -6.84
CA LYS B 329 38.93 23.16 -5.95
C LYS B 329 39.98 22.36 -5.20
N GLU B 330 39.60 21.18 -4.69
CA GLU B 330 40.52 20.38 -3.89
C GLU B 330 41.57 19.69 -4.75
N LEU B 331 41.17 19.22 -5.95
CA LEU B 331 42.15 18.57 -6.81
C LEU B 331 43.26 19.53 -7.20
N CYS B 332 42.92 20.79 -7.48
CA CYS B 332 43.91 21.79 -7.85
C CYS B 332 44.98 21.95 -6.78
N LYS B 333 44.55 22.09 -5.51
CA LYS B 333 45.51 22.26 -4.42
C LYS B 333 46.42 21.05 -4.28
N GLU B 334 45.83 19.85 -4.29
CA GLU B 334 46.62 18.65 -4.02
C GLU B 334 47.58 18.33 -5.16
N HIS B 335 47.14 18.50 -6.40
CA HIS B 335 47.93 18.05 -7.55
C HIS B 335 48.64 19.18 -8.29
N GLY B 336 48.50 20.43 -7.83
CA GLY B 336 49.21 21.54 -8.41
C GLY B 336 48.84 21.82 -9.85
N VAL B 337 47.54 21.82 -10.15
CA VAL B 337 47.03 22.23 -11.45
C VAL B 337 46.04 23.36 -11.23
N THR B 338 45.81 24.13 -12.26
CA THR B 338 44.92 25.26 -12.07
C THR B 338 43.49 24.87 -12.40
N PRO B 339 42.50 25.59 -11.84
CA PRO B 339 41.10 25.33 -12.23
C PRO B 339 40.85 25.45 -13.72
N GLU B 340 41.52 26.40 -14.39
CA GLU B 340 41.37 26.56 -15.82
C GLU B 340 41.86 25.33 -16.56
N TRP B 341 42.99 24.77 -16.12
CA TRP B 341 43.54 23.57 -16.74
C TRP B 341 42.58 22.39 -16.60
N ILE B 342 41.95 22.23 -15.42
CA ILE B 342 41.01 21.13 -15.23
C ILE B 342 39.78 21.32 -16.11
N LYS B 343 39.20 22.52 -16.09
CA LYS B 343 37.89 22.70 -16.70
C LYS B 343 37.97 22.62 -18.23
N GLU B 344 39.11 22.98 -18.81
CA GLU B 344 39.26 22.90 -20.26
C GLU B 344 39.32 21.47 -20.76
N ARG B 345 39.58 20.49 -19.89
CA ARG B 345 39.70 19.10 -20.30
C ARG B 345 38.73 18.16 -19.58
N THR B 346 37.82 18.70 -18.77
CA THR B 346 36.88 17.88 -18.00
C THR B 346 35.50 17.98 -18.61
N ASN B 347 34.82 16.83 -18.72
CA ASN B 347 33.43 16.77 -19.16
C ASN B 347 33.23 17.58 -20.44
N VAL B 348 34.11 17.34 -21.43
CA VAL B 348 34.13 18.20 -22.61
C VAL B 348 32.88 18.06 -23.45
N ASN B 349 32.15 16.95 -23.31
CA ASN B 349 30.89 16.76 -24.01
C ASN B 349 29.69 16.95 -23.09
N GLY B 350 29.85 17.66 -21.98
CA GLY B 350 28.80 17.85 -21.02
C GLY B 350 28.85 16.78 -19.93
N GLY B 351 28.11 17.05 -18.84
CA GLY B 351 28.02 16.12 -17.74
C GLY B 351 26.60 15.86 -17.24
N ALA B 352 26.50 15.24 -16.06
CA ALA B 352 25.25 14.68 -15.57
C ALA B 352 24.17 15.73 -15.33
N ILE B 353 24.56 16.99 -15.06
CA ILE B 353 23.55 18.03 -14.92
C ILE B 353 22.70 18.12 -16.18
N ALA B 354 23.36 18.05 -17.33
CA ALA B 354 22.67 18.09 -18.61
C ALA B 354 22.26 16.71 -19.10
N LEU B 355 23.14 15.71 -18.94
CA LEU B 355 22.93 14.40 -19.57
C LEU B 355 22.15 13.42 -18.70
N GLY B 356 22.16 13.61 -17.39
CA GLY B 356 21.40 12.74 -16.52
C GLY B 356 22.31 11.79 -15.73
N HIS B 357 21.75 11.26 -14.64
CA HIS B 357 22.52 10.51 -13.65
C HIS B 357 21.82 9.20 -13.32
N PRO B 358 21.78 8.23 -14.26
CA PRO B 358 21.25 6.90 -13.91
C PRO B 358 22.16 6.16 -12.93
N VAL B 359 21.80 6.22 -11.63
CA VAL B 359 22.76 6.05 -10.52
C VAL B 359 23.61 4.79 -10.70
N GLY B 360 22.97 3.61 -10.75
CA GLY B 360 23.73 2.37 -10.90
C GLY B 360 24.54 2.26 -12.19
N ALA B 361 24.25 3.10 -13.18
CA ALA B 361 24.93 3.03 -14.47
C ALA B 361 25.96 4.13 -14.67
N SER B 362 25.85 5.24 -13.93
CA SER B 362 26.60 6.44 -14.29
C SER B 362 28.11 6.22 -14.26
N GLY B 363 28.61 5.42 -13.31
CA GLY B 363 30.05 5.19 -13.22
C GLY B 363 30.61 4.48 -14.43
N ASN B 364 29.81 3.62 -15.07
CA ASN B 364 30.24 3.07 -16.33
C ASN B 364 30.01 4.06 -17.47
N ARG B 365 28.88 4.78 -17.42
CA ARG B 365 28.52 5.73 -18.48
C ARG B 365 29.66 6.73 -18.73
N ILE B 366 30.16 7.37 -17.65
CA ILE B 366 31.20 8.38 -17.85
C ILE B 366 32.50 7.76 -18.32
N THR B 367 32.72 6.48 -18.04
CA THR B 367 33.90 5.83 -18.58
C THR B 367 33.76 5.58 -20.07
N VAL B 368 32.56 5.18 -20.50
CA VAL B 368 32.31 5.01 -21.93
C VAL B 368 32.49 6.34 -22.66
N THR B 369 32.00 7.43 -22.08
CA THR B 369 32.11 8.73 -22.72
C THR B 369 33.57 9.18 -22.81
N LEU B 370 34.38 8.83 -21.80
CA LEU B 370 35.79 9.16 -21.82
C LEU B 370 36.50 8.41 -22.94
N ILE B 371 36.21 7.11 -23.06
CA ILE B 371 36.92 6.24 -23.99
C ILE B 371 36.76 6.73 -25.41
N TYR B 372 35.53 7.06 -25.81
CA TYR B 372 35.29 7.47 -27.19
C TYR B 372 35.88 8.85 -27.47
N GLU B 373 35.82 9.76 -26.51
CA GLU B 373 36.45 11.06 -26.69
C GLU B 373 37.97 10.93 -26.71
N MET B 374 38.54 10.05 -25.86
CA MET B 374 39.95 9.71 -25.98
C MET B 374 40.28 9.26 -27.41
N LYS B 375 39.43 8.42 -28.00
CA LYS B 375 39.75 7.91 -29.34
C LYS B 375 39.65 9.03 -30.37
N LYS B 376 38.61 9.86 -30.28
CA LYS B 376 38.45 10.92 -31.26
C LYS B 376 39.64 11.90 -31.23
N ARG B 377 40.08 12.28 -30.03
CA ARG B 377 41.18 13.25 -29.91
C ARG B 377 42.55 12.61 -30.05
N GLY B 378 42.64 11.28 -30.01
CA GLY B 378 43.93 10.63 -30.11
C GLY B 378 44.86 10.86 -28.96
N VAL B 379 44.36 11.22 -27.78
CA VAL B 379 45.20 11.50 -26.62
C VAL B 379 45.65 10.18 -26.01
N GLU B 380 46.58 10.24 -25.06
CA GLU B 380 47.15 9.03 -24.46
C GLU B 380 46.48 8.64 -23.14
N TYR B 381 46.20 9.60 -22.26
CA TYR B 381 45.79 9.29 -20.89
C TYR B 381 44.49 10.01 -20.55
N GLY B 382 43.56 9.28 -19.93
CA GLY B 382 42.34 9.88 -19.42
C GLY B 382 42.03 9.36 -18.04
N LEU B 383 41.16 10.10 -17.34
CA LEU B 383 40.78 9.80 -15.97
C LEU B 383 39.28 9.92 -15.81
N ALA B 384 38.65 8.91 -15.20
CA ALA B 384 37.23 8.94 -14.87
C ALA B 384 37.05 8.76 -13.38
N SER B 385 36.14 9.52 -12.78
CA SER B 385 35.90 9.41 -11.34
C SER B 385 34.56 10.02 -10.97
N LEU B 386 33.94 9.44 -9.93
CA LEU B 386 32.67 9.98 -9.46
C LEU B 386 32.50 9.74 -7.97
N CYS B 387 31.67 10.58 -7.36
CA CYS B 387 31.31 10.52 -5.96
C CYS B 387 30.19 9.49 -5.74
N ILE B 388 30.03 9.06 -4.48
CA ILE B 388 29.20 7.90 -4.15
C ILE B 388 28.47 8.17 -2.85
N GLY B 389 27.16 7.93 -2.84
CA GLY B 389 26.37 7.94 -1.62
C GLY B 389 26.98 7.15 -0.48
N GLY B 390 26.97 7.71 0.73
CA GLY B 390 27.63 7.11 1.86
C GLY B 390 29.06 7.56 2.07
N GLY B 391 29.61 8.36 1.16
CA GLY B 391 30.92 8.93 1.36
C GLY B 391 32.07 8.12 0.79
N MET B 392 32.03 7.84 -0.52
CA MET B 392 33.06 7.09 -1.21
C MET B 392 33.28 7.71 -2.58
N GLY B 393 34.34 7.26 -3.25
CA GLY B 393 34.56 7.57 -4.65
C GLY B 393 35.21 6.38 -5.32
N THR B 394 35.13 6.38 -6.65
CA THR B 394 35.91 5.42 -7.44
C THR B 394 36.57 6.15 -8.59
N ALA B 395 37.65 5.56 -9.11
CA ALA B 395 38.38 6.22 -10.19
C ALA B 395 39.07 5.18 -11.05
N LEU B 396 39.13 5.47 -12.36
CA LEU B 396 39.89 4.68 -13.32
C LEU B 396 40.86 5.58 -14.07
N ILE B 397 42.10 5.11 -14.19
CA ILE B 397 43.08 5.74 -15.09
C ILE B 397 43.19 4.89 -16.35
N LEU B 398 43.01 5.52 -17.51
CA LEU B 398 43.01 4.81 -18.78
C LEU B 398 44.17 5.26 -19.67
N LYS B 399 44.67 4.33 -20.49
CA LYS B 399 45.74 4.61 -21.45
C LYS B 399 45.27 4.21 -22.84
N ASN B 400 45.46 5.11 -23.81
CA ASN B 400 45.02 4.81 -25.17
C ASN B 400 45.84 3.66 -25.76
N VAL B 401 45.16 2.80 -26.52
CA VAL B 401 45.81 1.74 -27.27
C VAL B 401 45.57 2.07 -28.74
N LYS B 402 46.54 2.73 -29.35
CA LYS B 402 46.35 3.26 -30.69
C LYS B 402 46.71 2.20 -31.72
N MET C 1 -52.01 9.53 13.26
CA MET C 1 -50.71 8.87 13.13
C MET C 1 -50.56 7.75 14.16
N SER C 2 -49.89 6.67 13.78
CA SER C 2 -49.74 5.51 14.65
C SER C 2 -48.72 5.75 15.75
N LYS C 3 -48.95 5.10 16.90
CA LYS C 3 -47.89 4.96 17.89
C LYS C 3 -46.80 4.03 17.35
N VAL C 4 -45.58 4.21 17.84
CA VAL C 4 -44.42 3.45 17.38
C VAL C 4 -43.94 2.57 18.51
N TYR C 5 -44.02 1.25 18.32
CA TYR C 5 -43.69 0.29 19.36
C TYR C 5 -42.40 -0.45 19.06
N VAL C 6 -41.63 -0.73 20.10
CA VAL C 6 -40.50 -1.64 20.01
C VAL C 6 -41.02 -3.03 20.36
N VAL C 7 -41.04 -3.92 19.35
CA VAL C 7 -41.53 -5.28 19.55
C VAL C 7 -40.41 -6.29 19.64
N ALA C 8 -39.15 -5.88 19.45
CA ALA C 8 -38.02 -6.78 19.63
C ALA C 8 -36.77 -5.94 19.82
N ALA C 9 -35.80 -6.52 20.51
CA ALA C 9 -34.59 -5.79 20.87
C ALA C 9 -33.51 -6.79 21.24
N LYS C 10 -32.40 -6.78 20.50
CA LYS C 10 -31.31 -7.71 20.73
C LYS C 10 -29.99 -7.06 20.31
N ARG C 11 -28.91 -7.46 20.97
CA ARG C 11 -27.57 -6.97 20.64
C ARG C 11 -26.59 -8.11 20.76
N SER C 12 -25.44 -7.96 20.10
CA SER C 12 -24.30 -8.81 20.40
C SER C 12 -23.70 -8.39 21.73
N ALA C 13 -22.98 -9.31 22.37
CA ALA C 13 -21.97 -8.87 23.32
C ALA C 13 -20.96 -8.03 22.55
N ILE C 14 -20.28 -7.13 23.25
CA ILE C 14 -19.37 -6.21 22.59
C ILE C 14 -17.97 -6.79 22.63
N GLY C 15 -17.33 -6.85 21.47
CA GLY C 15 -15.99 -7.42 21.37
C GLY C 15 -14.89 -6.37 21.54
N SER C 16 -13.77 -6.82 22.10
CA SER C 16 -12.61 -5.95 22.24
C SER C 16 -11.94 -5.76 20.88
N PHE C 17 -11.12 -4.71 20.78
CA PHE C 17 -10.39 -4.45 19.54
C PHE C 17 -9.49 -5.62 19.22
N LEU C 18 -9.62 -6.15 18.00
CA LEU C 18 -8.93 -7.37 17.59
C LEU C 18 -9.29 -8.57 18.47
N GLY C 19 -10.43 -8.51 19.16
CA GLY C 19 -10.88 -9.58 20.05
C GLY C 19 -11.76 -10.61 19.36
N THR C 20 -12.70 -11.17 20.13
CA THR C 20 -13.41 -12.37 19.68
C THR C 20 -14.20 -12.13 18.39
N LEU C 21 -14.78 -10.95 18.23
CA LEU C 21 -15.61 -10.69 17.05
C LEU C 21 -14.80 -10.24 15.84
N SER C 22 -13.51 -10.01 16.01
CA SER C 22 -12.72 -9.39 14.94
C SER C 22 -12.74 -10.14 13.60
N PRO C 23 -12.85 -11.48 13.53
CA PRO C 23 -12.91 -12.12 12.19
C PRO C 23 -14.20 -11.81 11.41
N LEU C 24 -15.25 -11.30 12.03
CA LEU C 24 -16.55 -11.14 11.37
C LEU C 24 -16.69 -9.78 10.71
N LYS C 25 -17.06 -9.79 9.43
CA LYS C 25 -17.40 -8.57 8.71
C LYS C 25 -18.66 -7.94 9.29
N PRO C 26 -18.81 -6.62 9.18
CA PRO C 26 -19.97 -5.95 9.82
C PRO C 26 -21.31 -6.46 9.32
N GLY C 27 -21.41 -6.85 8.04
CA GLY C 27 -22.69 -7.35 7.55
C GLY C 27 -23.03 -8.73 8.09
N ASP C 28 -22.01 -9.58 8.26
CA ASP C 28 -22.22 -10.90 8.85
C ASP C 28 -22.61 -10.80 10.32
N LEU C 29 -21.87 -9.98 11.07
CA LEU C 29 -22.16 -9.74 12.48
C LEU C 29 -23.59 -9.25 12.67
N GLY C 30 -23.97 -8.19 11.94
CA GLY C 30 -25.32 -7.66 12.05
C GLY C 30 -26.38 -8.68 11.68
N ALA C 31 -26.12 -9.47 10.63
CA ALA C 31 -27.10 -10.45 10.18
C ALA C 31 -27.40 -11.48 11.27
N GLN C 32 -26.38 -11.90 12.01
CA GLN C 32 -26.60 -12.86 13.08
C GLN C 32 -27.58 -12.32 14.12
N ILE C 33 -27.51 -11.01 14.41
CA ILE C 33 -28.39 -10.43 15.42
C ILE C 33 -29.80 -10.26 14.87
N VAL C 34 -29.92 -9.84 13.60
CA VAL C 34 -31.25 -9.74 13.00
C VAL C 34 -31.89 -11.11 12.90
N LYS C 35 -31.09 -12.13 12.56
CA LYS C 35 -31.61 -13.48 12.46
C LYS C 35 -32.12 -13.99 13.81
N ASN C 36 -31.44 -13.63 14.90
CA ASN C 36 -31.96 -13.94 16.23
C ASN C 36 -33.34 -13.32 16.44
N ILE C 37 -33.47 -12.03 16.11
CA ILE C 37 -34.78 -11.36 16.26
C ILE C 37 -35.83 -12.08 15.43
N LEU C 38 -35.45 -12.52 14.23
CA LEU C 38 -36.40 -13.20 13.37
C LEU C 38 -36.84 -14.54 13.98
N GLU C 39 -35.88 -15.30 14.55
CA GLU C 39 -36.23 -16.60 15.11
C GLU C 39 -37.08 -16.45 16.37
N GLU C 40 -36.78 -15.45 17.21
CA GLU C 40 -37.53 -15.30 18.45
C GLU C 40 -38.96 -14.85 18.20
N THR C 41 -39.16 -13.86 17.33
CA THR C 41 -40.48 -13.30 17.11
C THR C 41 -41.33 -14.14 16.16
N LYS C 42 -40.71 -15.02 15.37
CA LYS C 42 -41.39 -15.89 14.42
C LYS C 42 -42.15 -15.12 13.33
N VAL C 43 -41.85 -13.83 13.14
CA VAL C 43 -42.48 -13.07 12.06
C VAL C 43 -41.93 -13.55 10.72
N ASP C 44 -42.82 -13.67 9.74
CA ASP C 44 -42.39 -13.94 8.37
C ASP C 44 -41.58 -12.75 7.86
N PRO C 45 -40.28 -12.93 7.58
CA PRO C 45 -39.44 -11.81 7.12
C PRO C 45 -40.02 -11.02 5.97
N ALA C 46 -40.85 -11.66 5.12
CA ALA C 46 -41.46 -10.98 3.98
C ALA C 46 -42.41 -9.88 4.40
N ASN C 47 -42.82 -9.82 5.67
CA ASN C 47 -43.71 -8.75 6.13
C ASN C 47 -42.95 -7.56 6.70
N ILE C 48 -41.62 -7.60 6.72
CA ILE C 48 -40.82 -6.43 7.08
C ILE C 48 -40.83 -5.47 5.91
N ASP C 49 -40.97 -4.18 6.20
CA ASP C 49 -41.02 -3.20 5.12
C ASP C 49 -39.63 -2.74 4.70
N GLU C 50 -38.69 -2.75 5.64
CA GLU C 50 -37.38 -2.18 5.38
C GLU C 50 -36.46 -2.51 6.53
N VAL C 51 -35.16 -2.59 6.22
CA VAL C 51 -34.11 -2.75 7.22
C VAL C 51 -33.18 -1.53 7.10
N ILE C 52 -32.96 -0.84 8.22
CA ILE C 52 -32.15 0.38 8.24
C ILE C 52 -30.99 0.13 9.20
N VAL C 53 -29.76 0.19 8.70
CA VAL C 53 -28.60 -0.26 9.46
C VAL C 53 -27.56 0.86 9.57
N GLY C 54 -27.31 1.31 10.80
CA GLY C 54 -26.21 2.22 11.03
C GLY C 54 -24.89 1.51 10.79
N ASN C 55 -23.96 2.23 10.16
CA ASN C 55 -22.64 1.69 9.85
C ASN C 55 -21.77 2.85 9.36
N VAL C 56 -20.57 2.98 9.92
CA VAL C 56 -19.67 4.09 9.60
C VAL C 56 -18.56 3.65 8.66
N LEU C 57 -17.92 2.53 8.96
CA LEU C 57 -16.70 2.11 8.26
C LEU C 57 -17.11 1.09 7.19
N SER C 58 -17.55 1.61 6.04
CA SER C 58 -18.13 0.79 4.99
C SER C 58 -17.12 0.35 3.95
N ALA C 59 -15.87 0.79 4.06
CA ALA C 59 -14.86 0.49 3.03
C ALA C 59 -14.46 -0.98 3.05
N GLY C 60 -14.32 -1.55 1.86
CA GLY C 60 -13.85 -2.91 1.75
C GLY C 60 -14.88 -3.97 2.06
N GLN C 61 -16.17 -3.62 2.10
CA GLN C 61 -17.22 -4.60 2.48
C GLN C 61 -17.99 -5.13 1.25
N ALA C 62 -17.75 -4.46 0.12
CA ALA C 62 -18.52 -4.58 -1.15
C ALA C 62 -19.85 -3.83 -0.98
N GLN C 63 -20.73 -3.84 -1.96
CA GLN C 63 -21.95 -2.99 -1.86
C GLN C 63 -22.80 -3.21 -0.61
N GLY C 64 -23.13 -2.08 0.02
CA GLY C 64 -24.11 -1.88 1.11
C GLY C 64 -24.11 -2.87 2.26
N VAL C 65 -23.53 -2.44 3.36
CA VAL C 65 -23.53 -3.25 4.61
C VAL C 65 -24.99 -3.49 5.05
N GLY C 66 -25.86 -2.51 4.92
CA GLY C 66 -27.27 -2.68 5.30
C GLY C 66 -27.90 -3.85 4.57
N ARG C 67 -27.79 -3.86 3.26
CA ARG C 67 -28.41 -4.97 2.54
C ARG C 67 -27.77 -6.30 2.91
N GLN C 68 -26.46 -6.32 3.18
CA GLN C 68 -25.84 -7.57 3.61
C GLN C 68 -26.45 -8.07 4.91
N VAL C 69 -26.67 -7.17 5.88
CA VAL C 69 -27.30 -7.58 7.12
C VAL C 69 -28.62 -8.30 6.83
N ALA C 70 -29.46 -7.70 5.97
CA ALA C 70 -30.80 -8.24 5.76
C ALA C 70 -30.76 -9.57 5.00
N ILE C 71 -30.01 -9.61 3.89
CA ILE C 71 -29.96 -10.81 3.06
C ILE C 71 -29.41 -11.99 3.86
N ARG C 72 -28.26 -11.79 4.51
CA ARG C 72 -27.64 -12.89 5.25
C ARG C 72 -28.40 -13.26 6.52
N ALA C 73 -29.36 -12.44 6.95
CA ALA C 73 -30.25 -12.80 8.05
C ALA C 73 -31.45 -13.60 7.60
N GLY C 74 -31.61 -13.82 6.29
CA GLY C 74 -32.73 -14.56 5.76
C GLY C 74 -33.92 -13.73 5.32
N ILE C 75 -33.74 -12.43 5.11
CA ILE C 75 -34.84 -11.55 4.70
C ILE C 75 -34.92 -11.50 3.18
N PRO C 76 -36.12 -11.64 2.60
CA PRO C 76 -36.23 -11.83 1.14
C PRO C 76 -35.71 -10.63 0.36
N TYR C 77 -35.37 -10.89 -0.92
CA TYR C 77 -34.86 -9.86 -1.82
C TYR C 77 -35.81 -8.67 -1.92
N GLU C 78 -37.11 -8.93 -1.88
CA GLU C 78 -38.12 -7.89 -2.05
C GLU C 78 -38.15 -6.86 -0.92
N VAL C 79 -37.48 -7.12 0.20
CA VAL C 79 -37.47 -6.21 1.35
C VAL C 79 -36.25 -5.31 1.21
N PRO C 80 -36.41 -4.01 0.94
CA PRO C 80 -35.23 -3.13 0.82
C PRO C 80 -34.51 -2.94 2.16
N ALA C 81 -33.20 -2.71 2.05
CA ALA C 81 -32.30 -2.61 3.19
C ALA C 81 -31.13 -1.72 2.80
N TYR C 82 -30.70 -0.86 3.72
CA TYR C 82 -29.64 0.09 3.41
C TYR C 82 -29.01 0.56 4.72
N SER C 83 -28.05 1.49 4.60
CA SER C 83 -27.28 1.92 5.74
C SER C 83 -27.27 3.44 5.85
N VAL C 84 -27.00 3.92 7.07
CA VAL C 84 -26.93 5.34 7.37
C VAL C 84 -25.66 5.61 8.16
N ASN C 85 -25.10 6.82 7.98
CA ASN C 85 -23.87 7.18 8.65
C ASN C 85 -24.03 8.59 9.22
N ILE C 86 -24.27 8.64 10.50
CA ILE C 86 -24.27 9.87 11.32
C ILE C 86 -23.29 9.53 12.45
N ILE C 87 -22.17 8.97 12.05
CA ILE C 87 -21.07 8.53 12.94
C ILE C 87 -21.64 7.78 14.15
N CYS C 88 -21.35 8.26 15.33
CA CYS C 88 -21.68 7.55 16.58
C CYS C 88 -23.19 7.35 16.74
N GLY C 89 -24.03 8.26 16.25
CA GLY C 89 -25.45 8.08 16.45
C GLY C 89 -26.12 7.20 15.43
N SER C 90 -25.34 6.47 14.63
CA SER C 90 -25.89 5.80 13.45
C SER C 90 -26.89 4.71 13.84
N GLY C 91 -26.59 3.92 14.86
CA GLY C 91 -27.55 2.94 15.30
C GLY C 91 -28.77 3.52 15.98
N MET C 92 -28.75 4.78 16.37
CA MET C 92 -29.96 5.37 16.92
C MET C 92 -30.72 6.16 15.86
N LYS C 93 -30.00 6.82 14.94
CA LYS C 93 -30.69 7.54 13.86
C LYS C 93 -31.54 6.60 13.01
N SER C 94 -31.07 5.36 12.82
CA SER C 94 -31.84 4.39 12.04
C SER C 94 -33.20 4.13 12.67
N VAL C 95 -33.26 4.04 14.00
CA VAL C 95 -34.54 3.89 14.70
C VAL C 95 -35.38 5.13 14.50
N ILE C 96 -34.75 6.32 14.59
CA ILE C 96 -35.45 7.60 14.47
C ILE C 96 -36.10 7.73 13.11
N THR C 97 -35.41 7.29 12.05
CA THR C 97 -36.00 7.25 10.71
C THR C 97 -37.13 6.22 10.61
N ALA C 98 -36.93 5.04 11.21
CA ALA C 98 -38.03 4.08 11.26
C ALA C 98 -39.23 4.66 11.98
N PHE C 99 -38.99 5.39 13.07
CA PHE C 99 -40.06 6.08 13.78
C PHE C 99 -40.79 7.03 12.85
N SER C 100 -40.04 7.83 12.09
CA SER C 100 -40.63 8.74 11.12
C SER C 100 -41.45 7.99 10.07
N ASN C 101 -40.88 6.93 9.50
CA ASN C 101 -41.56 6.18 8.44
C ASN C 101 -42.92 5.65 8.93
N ILE C 102 -42.95 5.10 10.15
CA ILE C 102 -44.21 4.55 10.68
C ILE C 102 -45.22 5.66 10.91
N LYS C 103 -44.81 6.78 11.53
CA LYS C 103 -45.72 7.89 11.76
C LYS C 103 -46.27 8.45 10.47
N ALA C 104 -45.44 8.48 9.42
CA ALA C 104 -45.87 9.00 8.13
C ALA C 104 -46.73 8.02 7.35
N GLY C 105 -46.83 6.78 7.79
CA GLY C 105 -47.55 5.77 7.05
C GLY C 105 -46.79 5.19 5.88
N GLU C 106 -45.49 5.45 5.81
CA GLU C 106 -44.61 4.87 4.80
C GLU C 106 -44.20 3.45 5.14
N ALA C 107 -44.37 3.01 6.38
CA ALA C 107 -43.94 1.69 6.81
C ALA C 107 -44.81 1.24 7.96
N ASP C 108 -44.91 -0.07 8.13
CA ASP C 108 -45.57 -0.68 9.29
C ASP C 108 -44.65 -1.49 10.18
N LEU C 109 -43.67 -2.20 9.61
CA LEU C 109 -42.77 -3.06 10.36
C LEU C 109 -41.35 -2.81 9.87
N VAL C 110 -40.46 -2.33 10.76
CA VAL C 110 -39.09 -1.94 10.40
C VAL C 110 -38.12 -2.59 11.37
N ILE C 111 -37.02 -3.14 10.83
CA ILE C 111 -35.86 -3.51 11.63
C ILE C 111 -34.84 -2.40 11.49
N ALA C 112 -34.39 -1.85 12.63
CA ALA C 112 -33.48 -0.71 12.60
C ALA C 112 -32.44 -0.89 13.69
N GLY C 113 -31.17 -0.70 13.30
CA GLY C 113 -30.09 -0.89 14.23
C GLY C 113 -28.80 -0.36 13.68
N GLY C 114 -27.71 -1.02 14.05
CA GLY C 114 -26.40 -0.63 13.58
C GLY C 114 -25.45 -1.78 13.79
N THR C 115 -24.34 -1.74 13.05
CA THR C 115 -23.32 -2.76 13.15
C THR C 115 -21.98 -2.12 12.83
N GLU C 116 -20.93 -2.60 13.48
CA GLU C 116 -19.63 -1.97 13.29
C GLU C 116 -18.56 -2.97 13.64
N SER C 117 -17.60 -3.17 12.73
CA SER C 117 -16.42 -3.97 13.04
C SER C 117 -15.25 -3.02 12.88
N MET C 118 -14.91 -2.33 13.98
CA MET C 118 -13.73 -1.47 14.03
C MET C 118 -12.46 -2.28 13.78
N SER C 119 -12.43 -3.56 14.19
CA SER C 119 -11.24 -4.41 13.98
C SER C 119 -10.97 -4.64 12.49
N GLY C 120 -12.03 -4.84 11.72
CA GLY C 120 -11.87 -5.18 10.31
C GLY C 120 -11.64 -4.01 9.39
N ALA C 121 -11.68 -2.79 9.91
CA ALA C 121 -11.47 -1.61 9.07
C ALA C 121 -10.03 -1.60 8.54
N GLY C 122 -9.87 -1.17 7.30
CA GLY C 122 -8.59 -1.27 6.60
C GLY C 122 -7.82 0.03 6.59
N PHE C 123 -7.01 0.22 5.55
CA PHE C 123 -6.20 1.42 5.41
C PHE C 123 -6.32 1.91 3.96
N ILE C 124 -6.32 3.24 3.79
CA ILE C 124 -6.76 3.89 2.55
C ILE C 124 -5.55 4.49 1.82
N LEU C 125 -5.22 3.95 0.66
CA LEU C 125 -4.39 4.71 -0.28
C LEU C 125 -5.28 5.72 -1.01
N PRO C 126 -4.92 7.00 -1.04
CA PRO C 126 -5.83 8.02 -1.59
C PRO C 126 -5.98 7.91 -3.10
N GLY C 127 -7.17 8.31 -3.57
CA GLY C 127 -7.48 8.20 -4.99
C GLY C 127 -6.66 9.09 -5.89
N ALA C 128 -5.89 10.02 -5.34
CA ALA C 128 -5.09 10.92 -6.16
C ALA C 128 -4.00 10.17 -6.92
N ILE C 129 -3.66 8.93 -6.51
CA ILE C 129 -2.66 8.17 -7.25
C ILE C 129 -3.21 7.67 -8.56
N ARG C 130 -4.53 7.69 -8.75
CA ARG C 130 -5.09 7.33 -10.05
C ARG C 130 -4.52 8.20 -11.15
N GLY C 131 -4.34 9.49 -10.87
CA GLY C 131 -3.71 10.40 -11.80
C GLY C 131 -2.20 10.37 -11.81
N GLY C 132 -1.60 9.58 -10.94
CA GLY C 132 -0.15 9.51 -10.87
C GLY C 132 0.38 9.96 -9.52
N HIS C 133 1.55 9.44 -9.16
CA HIS C 133 2.31 9.84 -7.96
C HIS C 133 3.79 9.75 -8.36
N LYS C 134 4.34 10.87 -8.83
CA LYS C 134 5.61 10.86 -9.54
C LYS C 134 6.74 10.36 -8.64
N MET C 135 6.81 10.77 -7.29
CA MET C 135 7.81 10.34 -6.28
C MET C 135 7.42 10.75 -4.85
N ALA C 136 7.84 10.16 -3.87
CA ALA C 136 7.80 10.68 -2.44
C ALA C 136 7.10 9.66 -1.51
N ASP C 137 7.07 9.82 -0.15
CA ASP C 137 6.41 8.72 0.51
C ASP C 137 4.91 8.80 0.25
N LEU C 138 4.27 7.63 0.35
CA LEU C 138 2.84 7.48 0.18
C LEU C 138 2.27 7.03 1.51
N THR C 139 1.34 7.78 2.06
CA THR C 139 0.77 7.45 3.35
C THR C 139 -0.60 6.81 3.16
N MET C 140 -0.77 5.62 3.73
CA MET C 140 -2.08 5.01 3.85
C MET C 140 -2.70 5.40 5.18
N LYS C 141 -3.91 5.96 5.13
CA LYS C 141 -4.61 6.40 6.33
C LYS C 141 -5.37 5.23 6.95
N ASP C 142 -5.35 5.16 8.27
CA ASP C 142 -6.17 4.19 8.97
C ASP C 142 -7.64 4.57 8.77
N HIS C 143 -8.40 3.66 8.14
CA HIS C 143 -9.81 3.91 7.85
C HIS C 143 -10.60 4.15 9.12
N MET C 144 -10.31 3.38 10.18
CA MET C 144 -10.98 3.52 11.48
C MET C 144 -10.73 4.90 12.08
N ILE C 145 -9.46 5.27 12.23
CA ILE C 145 -9.10 6.50 12.91
C ILE C 145 -9.60 7.71 12.13
N LEU C 146 -9.34 7.74 10.82
CA LEU C 146 -9.71 8.89 10.01
C LEU C 146 -11.23 9.02 9.92
N ASP C 147 -11.90 7.97 9.46
CA ASP C 147 -13.31 8.07 9.09
C ASP C 147 -14.27 7.89 10.25
N ALA C 148 -13.87 7.23 11.34
CA ALA C 148 -14.74 7.20 12.51
C ALA C 148 -14.31 8.16 13.61
N LEU C 149 -13.02 8.43 13.78
CA LEU C 149 -12.55 9.11 14.97
C LEU C 149 -11.97 10.50 14.72
N THR C 150 -11.86 10.96 13.48
CA THR C 150 -11.16 12.19 13.17
C THR C 150 -12.14 13.26 12.69
N ASP C 151 -12.14 14.41 13.35
CA ASP C 151 -13.01 15.51 12.97
C ASP C 151 -12.63 16.03 11.59
N ALA C 152 -13.62 16.34 10.76
CA ALA C 152 -13.33 16.67 9.37
C ALA C 152 -13.00 18.14 9.17
N TYR C 153 -13.15 18.97 10.22
CA TYR C 153 -12.97 20.41 10.17
C TYR C 153 -11.73 20.89 10.91
N HIS C 154 -11.33 20.22 11.98
CA HIS C 154 -10.13 20.58 12.70
C HIS C 154 -9.08 19.50 12.68
N ASN C 155 -9.34 18.37 12.01
CA ASN C 155 -8.38 17.28 11.89
C ASN C 155 -7.82 16.87 13.25
N ILE C 156 -8.70 16.76 14.24
CA ILE C 156 -8.32 16.36 15.58
C ILE C 156 -9.07 15.08 15.94
N HIS C 157 -8.44 14.28 16.78
CA HIS C 157 -9.07 13.09 17.32
C HIS C 157 -10.25 13.45 18.23
N MET C 158 -11.24 12.56 18.29
CA MET C 158 -12.35 12.71 19.22
C MET C 158 -11.85 12.94 20.64
N GLY C 159 -10.72 12.33 21.01
CA GLY C 159 -10.18 12.53 22.34
C GLY C 159 -9.80 13.97 22.61
N ILE C 160 -9.40 14.72 21.57
CA ILE C 160 -9.08 16.13 21.75
C ILE C 160 -10.34 16.93 22.06
N THR C 161 -11.46 16.57 21.43
CA THR C 161 -12.75 17.24 21.75
C THR C 161 -13.11 16.95 23.21
N ALA C 162 -12.69 15.80 23.73
CA ALA C 162 -12.94 15.47 25.15
C ALA C 162 -12.12 16.43 26.03
N GLU C 163 -10.87 16.67 25.65
CA GLU C 163 -10.00 17.62 26.38
C GLU C 163 -10.65 18.99 26.37
N ASN C 164 -11.23 19.38 25.24
CA ASN C 164 -11.82 20.71 25.16
C ASN C 164 -12.99 20.84 26.13
N ILE C 165 -13.78 19.77 26.28
CA ILE C 165 -14.86 19.83 27.26
C ILE C 165 -14.29 19.80 28.68
N ALA C 166 -13.29 18.95 28.93
CA ALA C 166 -12.67 18.92 30.25
C ALA C 166 -12.14 20.29 30.64
N GLU C 167 -11.60 21.03 29.67
CA GLU C 167 -11.09 22.37 29.96
C GLU C 167 -12.23 23.37 30.17
N ARG C 168 -13.13 23.49 29.19
CA ARG C 168 -14.15 24.53 29.24
C ARG C 168 -15.07 24.39 30.45
N TYR C 169 -15.37 23.16 30.88
CA TYR C 169 -16.33 22.91 31.94
C TYR C 169 -15.69 22.51 33.25
N GLY C 170 -14.37 22.54 33.35
CA GLY C 170 -13.68 22.28 34.60
C GLY C 170 -13.80 20.85 35.10
N ILE C 171 -13.72 19.86 34.22
CA ILE C 171 -13.76 18.46 34.60
C ILE C 171 -12.32 18.01 34.89
N THR C 172 -12.02 17.73 36.15
CA THR C 172 -10.68 17.35 36.55
C THR C 172 -10.38 15.90 36.20
N ARG C 173 -9.08 15.58 36.14
CA ARG C 173 -8.65 14.20 35.94
C ARG C 173 -9.25 13.28 36.99
N GLU C 174 -9.26 13.72 38.25
CA GLU C 174 -9.76 12.86 39.32
C GLU C 174 -11.23 12.55 39.15
N GLU C 175 -12.03 13.55 38.74
CA GLU C 175 -13.43 13.29 38.49
C GLU C 175 -13.63 12.34 37.32
N GLN C 176 -12.76 12.41 36.32
CA GLN C 176 -12.91 11.51 35.17
C GLN C 176 -12.59 10.07 35.55
N ASP C 177 -11.56 9.87 36.37
CA ASP C 177 -11.19 8.50 36.77
C ASP C 177 -12.16 7.94 37.81
N ALA C 178 -12.80 8.80 38.60
CA ALA C 178 -13.88 8.31 39.46
C ALA C 178 -15.03 7.78 38.61
N PHE C 179 -15.51 8.58 37.65
CA PHE C 179 -16.56 8.16 36.73
C PHE C 179 -16.17 6.87 36.00
N ALA C 180 -14.92 6.79 35.54
CA ALA C 180 -14.47 5.62 34.79
C ALA C 180 -14.50 4.36 35.65
N LEU C 181 -13.93 4.44 36.86
CA LEU C 181 -13.92 3.29 37.75
C LEU C 181 -15.34 2.83 38.10
N ASP C 182 -16.22 3.78 38.42
CA ASP C 182 -17.60 3.40 38.75
C ASP C 182 -18.27 2.72 37.56
N SER C 183 -18.00 3.19 36.34
CA SER C 183 -18.51 2.50 35.16
C SER C 183 -18.01 1.06 35.09
N GLN C 184 -16.72 0.85 35.34
CA GLN C 184 -16.18 -0.52 35.34
C GLN C 184 -16.91 -1.39 36.35
N LEU C 185 -17.03 -0.91 37.59
CA LEU C 185 -17.62 -1.70 38.66
C LEU C 185 -19.06 -2.07 38.35
N LYS C 186 -19.84 -1.12 37.81
CA LYS C 186 -21.25 -1.39 37.48
C LYS C 186 -21.37 -2.38 36.33
N ALA C 187 -20.50 -2.29 35.33
CA ALA C 187 -20.55 -3.22 34.19
C ALA C 187 -20.22 -4.65 34.63
N ILE C 188 -19.13 -4.81 35.40
CA ILE C 188 -18.74 -6.12 35.92
C ILE C 188 -19.87 -6.71 36.74
N ALA C 189 -20.49 -5.89 37.60
CA ALA C 189 -21.62 -6.33 38.40
C ALA C 189 -22.75 -6.83 37.51
N ALA C 190 -23.09 -6.08 36.47
CA ALA C 190 -24.16 -6.49 35.56
C ALA C 190 -23.79 -7.73 34.78
N VAL C 191 -22.58 -7.79 34.25
CA VAL C 191 -22.16 -8.97 33.51
C VAL C 191 -22.22 -10.19 34.41
N ASP C 192 -21.66 -10.09 35.61
CA ASP C 192 -21.49 -11.27 36.45
C ASP C 192 -22.78 -11.71 37.11
N SER C 193 -23.76 -10.82 37.26
CA SER C 193 -25.05 -11.23 37.80
C SER C 193 -25.99 -11.77 36.75
N GLY C 194 -25.61 -11.75 35.47
CA GLY C 194 -26.52 -12.23 34.44
C GLY C 194 -27.48 -11.18 33.94
N ARG C 195 -27.24 -9.91 34.26
CA ARG C 195 -28.17 -8.83 33.92
C ARG C 195 -28.34 -8.67 32.41
N PHE C 196 -27.30 -8.94 31.64
CA PHE C 196 -27.35 -8.75 30.19
C PHE C 196 -27.86 -9.99 29.46
N LYS C 197 -28.13 -11.07 30.18
CA LYS C 197 -28.41 -12.35 29.53
C LYS C 197 -29.62 -12.25 28.60
N ASP C 198 -30.66 -11.51 29.01
CA ASP C 198 -31.85 -11.38 28.17
C ASP C 198 -31.54 -10.64 26.87
N GLU C 199 -30.74 -9.58 26.93
CA GLU C 199 -30.63 -8.71 25.77
C GLU C 199 -29.58 -9.17 24.76
N ILE C 200 -28.69 -10.10 25.13
CA ILE C 200 -27.59 -10.46 24.26
C ILE C 200 -27.97 -11.67 23.41
N ALA C 201 -27.86 -11.52 22.05
CA ALA C 201 -27.99 -12.65 21.14
C ALA C 201 -26.61 -13.28 20.93
N PRO C 202 -26.46 -14.59 21.16
CA PRO C 202 -25.15 -15.21 20.97
C PRO C 202 -24.69 -15.09 19.53
N VAL C 203 -23.39 -14.95 19.34
CA VAL C 203 -22.78 -14.82 18.02
C VAL C 203 -21.80 -15.99 17.83
N VAL C 204 -21.90 -16.65 16.67
CA VAL C 204 -21.05 -17.78 16.32
C VAL C 204 -19.97 -17.32 15.35
N ILE C 205 -18.71 -17.48 15.74
CA ILE C 205 -17.58 -17.14 14.89
C ILE C 205 -16.97 -18.44 14.37
N PRO C 206 -16.78 -18.58 13.06
CA PRO C 206 -16.15 -19.80 12.54
C PRO C 206 -14.66 -19.80 12.89
N ASN C 207 -14.19 -20.96 13.35
CA ASN C 207 -12.84 -21.09 13.84
C ASN C 207 -12.33 -22.48 13.45
N LYS C 208 -11.00 -22.60 13.37
CA LYS C 208 -10.40 -23.83 12.83
C LYS C 208 -10.70 -25.04 13.71
N LYS C 209 -10.55 -24.90 15.03
CA LYS C 209 -10.89 -25.97 15.96
C LYS C 209 -12.35 -26.38 15.80
N GLY C 210 -13.20 -25.39 15.62
CA GLY C 210 -14.63 -25.47 15.82
C GLY C 210 -15.13 -24.09 16.17
N ASP C 211 -16.44 -23.91 16.04
CA ASP C 211 -16.98 -22.56 16.10
C ASP C 211 -17.00 -22.03 17.53
N ILE C 212 -16.64 -20.75 17.67
CA ILE C 212 -16.68 -20.04 18.95
C ILE C 212 -18.06 -19.43 19.13
N ILE C 213 -18.63 -19.60 20.32
CA ILE C 213 -19.87 -18.93 20.72
C ILE C 213 -19.47 -17.76 21.61
N PHE C 214 -19.87 -16.55 21.23
CA PHE C 214 -19.52 -15.32 21.95
C PHE C 214 -20.81 -14.70 22.48
N ASP C 215 -20.94 -14.61 23.81
CA ASP C 215 -22.17 -14.09 24.40
C ASP C 215 -21.94 -13.24 25.65
N THR C 216 -20.70 -12.91 25.97
CA THR C 216 -20.35 -12.21 27.22
C THR C 216 -19.45 -11.05 26.87
N ASP C 217 -19.85 -9.85 27.27
CA ASP C 217 -19.07 -8.65 27.01
C ASP C 217 -17.66 -8.83 27.56
N GLU C 218 -16.66 -8.62 26.71
CA GLU C 218 -15.28 -8.97 27.06
C GLU C 218 -14.39 -7.76 27.32
N TYR C 219 -14.89 -6.53 27.14
CA TYR C 219 -14.08 -5.32 27.32
C TYR C 219 -13.98 -4.80 28.76
N PRO C 220 -14.94 -5.08 29.67
CA PRO C 220 -14.76 -4.60 31.05
C PRO C 220 -13.45 -5.05 31.66
N ASN C 221 -12.73 -4.10 32.25
CA ASN C 221 -11.38 -4.29 32.77
C ASN C 221 -11.46 -4.70 34.24
N ARG C 222 -11.22 -5.97 34.53
CA ARG C 222 -11.36 -6.46 35.90
C ARG C 222 -10.10 -6.29 36.73
N LYS C 223 -9.07 -5.65 36.18
CA LYS C 223 -7.80 -5.52 36.86
C LYS C 223 -7.46 -4.07 37.18
N THR C 224 -8.34 -3.13 36.87
CA THR C 224 -8.03 -1.74 37.12
C THR C 224 -8.62 -1.29 38.46
N ASP C 225 -8.08 -0.19 38.98
CA ASP C 225 -8.52 0.37 40.25
C ASP C 225 -8.12 1.85 40.25
N ALA C 226 -8.41 2.53 41.36
CA ALA C 226 -8.18 3.98 41.43
C ALA C 226 -6.73 4.33 41.17
N GLU C 227 -5.79 3.60 41.78
CA GLU C 227 -4.40 4.00 41.66
C GLU C 227 -3.84 3.67 40.28
N LYS C 228 -4.25 2.54 39.70
CA LYS C 228 -3.83 2.24 38.34
C LYS C 228 -4.39 3.26 37.37
N LEU C 229 -5.60 3.75 37.62
CA LEU C 229 -6.19 4.74 36.74
C LEU C 229 -5.48 6.07 36.86
N ALA C 230 -5.11 6.46 38.08
CA ALA C 230 -4.41 7.72 38.30
C ALA C 230 -3.01 7.71 37.72
N LYS C 231 -2.40 6.55 37.53
CA LYS C 231 -1.05 6.42 37.02
C LYS C 231 -0.99 6.41 35.49
N LEU C 232 -2.12 6.30 34.81
CA LEU C 232 -2.08 6.30 33.36
C LEU C 232 -1.65 7.68 32.84
N LYS C 233 -1.04 7.68 31.68
CA LYS C 233 -0.55 8.94 31.13
C LYS C 233 -1.52 9.48 30.08
N PRO C 234 -1.45 10.79 29.79
CA PRO C 234 -2.37 11.37 28.80
C PRO C 234 -2.29 10.65 27.47
N ALA C 235 -3.46 10.41 26.86
CA ALA C 235 -3.54 9.65 25.62
C ALA C 235 -3.60 10.52 24.37
N PHE C 236 -4.09 11.75 24.46
CA PHE C 236 -4.28 12.59 23.28
C PHE C 236 -3.59 13.93 23.34
N LYS C 237 -3.28 14.46 24.53
CA LYS C 237 -2.76 15.82 24.68
C LYS C 237 -1.69 15.82 25.75
N LYS C 238 -0.53 16.38 25.43
CA LYS C 238 0.47 16.70 26.45
C LYS C 238 -0.19 17.44 27.60
N ASP C 239 0.03 16.95 28.82
CA ASP C 239 -0.55 17.50 30.03
C ASP C 239 -2.07 17.38 30.09
N GLY C 240 -2.69 16.51 29.30
CA GLY C 240 -4.13 16.41 29.28
C GLY C 240 -4.68 15.59 30.42
N SER C 241 -6.01 15.51 30.48
CA SER C 241 -6.69 14.69 31.49
C SER C 241 -7.30 13.40 30.94
N VAL C 242 -7.47 13.29 29.63
CA VAL C 242 -8.09 12.11 29.03
C VAL C 242 -7.05 11.03 28.81
N THR C 243 -7.35 9.81 29.28
CA THR C 243 -6.48 8.64 29.13
C THR C 243 -7.26 7.49 28.52
N ALA C 244 -6.54 6.40 28.22
CA ALA C 244 -7.20 5.18 27.79
C ALA C 244 -8.06 4.60 28.89
N GLY C 245 -7.79 4.96 30.14
CA GLY C 245 -8.59 4.47 31.24
C GLY C 245 -9.92 5.17 31.43
N ASN C 246 -10.01 6.46 31.09
CA ASN C 246 -11.26 7.21 31.25
C ASN C 246 -11.90 7.54 29.91
N ALA C 247 -11.52 6.82 28.84
CA ALA C 247 -12.15 6.94 27.53
C ALA C 247 -12.74 5.59 27.13
N SER C 248 -13.70 5.63 26.20
CA SER C 248 -14.22 4.39 25.64
C SER C 248 -13.14 3.70 24.80
N GLY C 249 -13.41 2.45 24.42
CA GLY C 249 -12.48 1.68 23.64
C GLY C 249 -12.83 1.62 22.16
N LEU C 250 -11.98 0.91 21.42
CA LEU C 250 -12.28 0.49 20.06
C LEU C 250 -12.88 -0.91 20.14
N ASN C 251 -14.04 -1.11 19.52
CA ASN C 251 -14.83 -2.31 19.74
C ASN C 251 -15.66 -2.70 18.52
N ASP C 252 -16.09 -3.95 18.49
CA ASP C 252 -16.95 -4.47 17.44
C ASP C 252 -18.28 -4.85 18.06
N GLY C 253 -19.36 -4.73 17.31
CA GLY C 253 -20.65 -5.12 17.87
C GLY C 253 -21.76 -4.71 16.93
N ALA C 254 -22.95 -5.25 17.21
CA ALA C 254 -24.18 -4.89 16.49
C ALA C 254 -25.35 -4.92 17.47
N SER C 255 -26.46 -4.30 17.05
CA SER C 255 -27.61 -4.16 17.93
C SER C 255 -28.80 -3.70 17.11
N PHE C 256 -29.97 -4.31 17.33
CA PHE C 256 -31.12 -4.05 16.49
C PHE C 256 -32.40 -4.02 17.31
N LEU C 257 -33.34 -3.18 16.87
CA LEU C 257 -34.72 -3.15 17.32
C LEU C 257 -35.61 -3.51 16.15
N MET C 258 -36.77 -4.07 16.46
CA MET C 258 -37.87 -4.17 15.51
C MET C 258 -38.93 -3.15 15.93
N LEU C 259 -39.38 -2.35 14.97
CA LEU C 259 -40.37 -1.31 15.21
C LEU C 259 -41.64 -1.62 14.44
N ALA C 260 -42.79 -1.39 15.09
CA ALA C 260 -44.07 -1.80 14.56
C ALA C 260 -45.12 -0.72 14.78
N SER C 261 -45.96 -0.51 13.77
CA SER C 261 -47.17 0.30 13.89
C SER C 261 -48.19 -0.41 14.78
N GLU C 262 -49.34 0.24 15.00
CA GLU C 262 -50.40 -0.44 15.74
C GLU C 262 -51.06 -1.54 14.91
N GLU C 263 -51.25 -1.31 13.59
CA GLU C 263 -51.76 -2.37 12.72
C GLU C 263 -50.86 -3.59 12.76
N ALA C 264 -49.55 -3.37 12.66
CA ALA C 264 -48.62 -4.49 12.61
C ALA C 264 -48.72 -5.32 13.88
N VAL C 265 -48.75 -4.66 15.04
CA VAL C 265 -48.81 -5.39 16.30
C VAL C 265 -50.03 -6.31 16.32
N LYS C 266 -51.18 -5.81 15.85
CA LYS C 266 -52.39 -6.64 15.83
C LYS C 266 -52.33 -7.67 14.71
N LYS C 267 -51.88 -7.27 13.52
CA LYS C 267 -51.91 -8.18 12.38
C LYS C 267 -50.93 -9.34 12.53
N TYR C 268 -49.80 -9.10 13.19
CA TYR C 268 -48.76 -10.11 13.31
C TYR C 268 -48.65 -10.68 14.72
N ASN C 269 -49.53 -10.26 15.62
CA ASN C 269 -49.51 -10.65 17.03
C ASN C 269 -48.11 -10.50 17.62
N LEU C 270 -47.61 -9.28 17.58
CA LEU C 270 -46.36 -8.91 18.21
C LEU C 270 -46.63 -8.30 19.58
N LYS C 271 -45.72 -8.51 20.52
CA LYS C 271 -45.93 -7.98 21.86
C LYS C 271 -44.98 -6.82 22.12
N PRO C 272 -45.47 -5.59 22.18
CA PRO C 272 -44.57 -4.45 22.44
C PRO C 272 -43.82 -4.59 23.75
N LEU C 273 -42.52 -4.31 23.71
CA LEU C 273 -41.73 -4.14 24.91
C LEU C 273 -41.91 -2.74 25.47
N VAL C 274 -41.72 -1.72 24.62
CA VAL C 274 -41.84 -0.32 25.00
C VAL C 274 -42.43 0.45 23.81
N GLU C 275 -42.78 1.70 24.08
CA GLU C 275 -43.20 2.64 23.04
C GLU C 275 -42.17 3.76 22.94
N ILE C 276 -41.88 4.18 21.70
CA ILE C 276 -41.05 5.36 21.47
C ILE C 276 -41.95 6.60 21.49
N VAL C 277 -41.73 7.47 22.48
CA VAL C 277 -42.59 8.64 22.66
C VAL C 277 -42.14 9.79 21.76
N ALA C 278 -40.84 10.05 21.70
CA ALA C 278 -40.32 11.17 20.93
C ALA C 278 -38.85 10.92 20.63
N THR C 279 -38.35 11.66 19.65
CA THR C 279 -36.97 11.58 19.22
C THR C 279 -36.38 12.98 19.23
N GLY C 280 -35.04 13.03 19.25
CA GLY C 280 -34.36 14.31 19.12
C GLY C 280 -33.04 14.18 18.42
N THR C 281 -32.73 15.12 17.54
CA THR C 281 -31.44 15.19 16.87
C THR C 281 -30.96 16.62 17.03
N GLY C 282 -29.76 16.81 17.57
CA GLY C 282 -29.25 18.13 17.86
C GLY C 282 -27.85 18.33 17.29
N GLY C 283 -27.42 19.59 17.29
CA GLY C 283 -26.10 19.94 16.81
C GLY C 283 -25.41 20.92 17.74
N VAL C 284 -24.08 20.80 17.82
CA VAL C 284 -23.21 21.66 18.64
C VAL C 284 -21.93 21.90 17.85
N ASP C 285 -21.01 22.64 18.45
CA ASP C 285 -19.71 22.87 17.83
C ASP C 285 -18.93 21.57 17.72
N PRO C 286 -18.37 21.25 16.55
CA PRO C 286 -17.52 20.05 16.44
C PRO C 286 -16.42 19.99 17.50
N LEU C 287 -15.84 21.12 17.86
CA LEU C 287 -14.77 21.21 18.88
C LEU C 287 -15.21 20.66 20.24
N VAL C 288 -16.53 20.64 20.47
CA VAL C 288 -17.08 20.08 21.74
C VAL C 288 -18.17 19.07 21.38
N MET C 289 -17.91 18.23 20.37
CA MET C 289 -18.90 17.19 19.93
C MET C 289 -19.65 16.64 21.14
N GLY C 290 -18.93 16.31 22.22
CA GLY C 290 -19.55 15.68 23.40
C GLY C 290 -20.81 16.35 23.88
N MET C 291 -20.98 17.65 23.64
CA MET C 291 -22.15 18.39 24.18
C MET C 291 -23.39 18.11 23.31
N GLY C 292 -23.30 17.18 22.35
CA GLY C 292 -24.42 16.93 21.48
C GLY C 292 -25.69 16.41 22.11
N PRO C 293 -25.61 15.59 23.18
CA PRO C 293 -26.85 15.17 23.84
C PRO C 293 -27.70 16.30 24.38
N VAL C 294 -27.14 17.49 24.63
CA VAL C 294 -27.92 18.55 25.28
C VAL C 294 -28.98 19.13 24.35
N PRO C 295 -28.69 19.62 23.15
CA PRO C 295 -29.80 20.06 22.29
C PRO C 295 -30.69 18.91 21.88
N ALA C 296 -30.14 17.71 21.72
CA ALA C 296 -30.95 16.58 21.28
C ALA C 296 -31.97 16.18 22.35
N ILE C 297 -31.54 16.14 23.61
CA ILE C 297 -32.49 15.87 24.69
C ILE C 297 -33.54 16.97 24.78
N ARG C 298 -33.10 18.24 24.72
CA ARG C 298 -34.02 19.36 24.73
C ARG C 298 -35.08 19.25 23.62
N LYS C 299 -34.65 18.90 22.41
CA LYS C 299 -35.60 18.81 21.30
C LYS C 299 -36.59 17.67 21.51
N ALA C 300 -36.11 16.52 22.00
CA ALA C 300 -37.00 15.41 22.31
C ALA C 300 -38.05 15.80 23.35
N PHE C 301 -37.64 16.49 24.42
CA PHE C 301 -38.62 16.82 25.45
C PHE C 301 -39.57 17.91 25.00
N ASN C 302 -39.11 18.83 24.15
CA ASN C 302 -39.97 19.90 23.66
C ASN C 302 -41.10 19.39 22.78
N LYS C 303 -41.10 18.11 22.41
CA LYS C 303 -42.20 17.50 21.67
C LYS C 303 -43.19 16.79 22.58
N THR C 304 -43.03 16.86 23.90
CA THR C 304 -43.83 16.10 24.84
C THR C 304 -44.29 17.02 25.96
N ASP C 305 -45.19 16.48 26.79
CA ASP C 305 -45.51 17.06 28.09
C ASP C 305 -44.68 16.43 29.20
N LEU C 306 -43.53 15.86 28.87
CA LEU C 306 -42.64 15.25 29.83
C LEU C 306 -41.44 16.16 30.09
N LYS C 307 -40.93 16.10 31.32
CA LYS C 307 -39.69 16.75 31.69
C LYS C 307 -38.64 15.70 32.04
N LEU C 308 -37.37 16.12 31.98
CA LEU C 308 -36.28 15.18 32.30
C LEU C 308 -36.54 14.49 33.64
N LYS C 309 -37.10 15.22 34.61
CA LYS C 309 -37.36 14.65 35.93
C LYS C 309 -38.36 13.51 35.87
N ASP C 310 -39.07 13.34 34.78
CA ASP C 310 -40.01 12.19 34.67
C ASP C 310 -39.28 10.89 34.35
N MET C 311 -38.00 10.96 33.99
CA MET C 311 -37.25 9.74 33.58
C MET C 311 -36.87 8.89 34.80
N GLU C 312 -37.08 7.59 34.75
CA GLU C 312 -36.69 6.66 35.84
C GLU C 312 -35.35 5.98 35.56
N LEU C 313 -34.99 5.88 34.27
CA LEU C 313 -33.69 5.32 33.88
C LEU C 313 -33.14 6.15 32.73
N ILE C 314 -31.84 6.30 32.71
CA ILE C 314 -31.20 7.07 31.62
C ILE C 314 -29.98 6.30 31.14
N GLU C 315 -29.78 6.22 29.82
CA GLU C 315 -28.53 5.71 29.22
C GLU C 315 -27.89 6.85 28.44
N LEU C 316 -26.70 7.26 28.85
CA LEU C 316 -25.92 8.32 28.18
C LEU C 316 -24.58 7.69 27.83
N ASN C 317 -24.31 7.56 26.55
CA ASN C 317 -23.09 6.87 26.06
C ASN C 317 -21.84 7.54 26.61
N GLU C 318 -20.94 6.69 27.07
CA GLU C 318 -19.68 7.18 27.64
C GLU C 318 -18.57 7.17 26.58
N ALA C 319 -18.65 8.12 25.65
CA ALA C 319 -17.53 8.35 24.74
C ALA C 319 -16.25 8.63 25.51
N PHE C 320 -16.34 9.53 26.49
CA PHE C 320 -15.23 9.89 27.36
C PHE C 320 -15.82 10.34 28.69
N ALA C 321 -15.15 9.99 29.80
CA ALA C 321 -15.62 10.45 31.10
C ALA C 321 -15.78 11.96 31.12
N ALA C 322 -14.82 12.69 30.53
CA ALA C 322 -14.93 14.15 30.50
C ALA C 322 -16.19 14.60 29.77
N GLN C 323 -16.51 13.95 28.65
CA GLN C 323 -17.68 14.32 27.87
C GLN C 323 -18.97 14.03 28.64
N SER C 324 -19.08 12.83 29.23
CA SER C 324 -20.29 12.48 29.98
C SER C 324 -20.47 13.37 31.20
N LEU C 325 -19.38 13.68 31.92
CA LEU C 325 -19.51 14.57 33.07
C LEU C 325 -19.94 15.97 32.63
N GLY C 326 -19.43 16.42 31.47
CA GLY C 326 -19.81 17.73 30.95
C GLY C 326 -21.27 17.79 30.56
N VAL C 327 -21.78 16.74 29.92
CA VAL C 327 -23.20 16.68 29.64
C VAL C 327 -23.97 16.73 30.96
N ILE C 328 -23.57 15.91 31.94
CA ILE C 328 -24.29 15.84 33.20
C ILE C 328 -24.38 17.23 33.84
N LYS C 329 -23.26 17.95 33.89
CA LYS C 329 -23.27 19.28 34.50
C LYS C 329 -24.28 20.19 33.82
N GLU C 330 -24.36 20.13 32.49
CA GLU C 330 -25.25 21.02 31.75
C GLU C 330 -26.70 20.56 31.84
N LEU C 331 -26.95 19.25 31.83
CA LEU C 331 -28.32 18.79 31.99
C LEU C 331 -28.88 19.23 33.34
N CYS C 332 -28.06 19.17 34.38
CA CYS C 332 -28.49 19.57 35.72
C CYS C 332 -28.95 21.02 35.75
N LYS C 333 -28.11 21.93 35.20
CA LYS C 333 -28.50 23.33 35.14
C LYS C 333 -29.79 23.52 34.35
N GLU C 334 -29.85 22.99 33.12
CA GLU C 334 -30.98 23.29 32.25
C GLU C 334 -32.29 22.68 32.76
N HIS C 335 -32.24 21.46 33.32
CA HIS C 335 -33.47 20.74 33.67
C HIS C 335 -33.78 20.74 35.16
N GLY C 336 -32.95 21.37 35.98
CA GLY C 336 -33.26 21.50 37.40
C GLY C 336 -33.25 20.17 38.13
N VAL C 337 -32.18 19.40 37.96
CA VAL C 337 -31.98 18.13 38.66
C VAL C 337 -30.58 18.11 39.23
N THR C 338 -30.38 17.32 40.30
CA THR C 338 -29.05 17.30 40.89
C THR C 338 -28.17 16.31 40.16
N PRO C 339 -26.85 16.48 40.25
CA PRO C 339 -25.93 15.43 39.75
C PRO C 339 -26.17 14.10 40.42
N GLU C 340 -26.44 14.10 41.72
CA GLU C 340 -26.74 12.85 42.43
C GLU C 340 -27.95 12.17 41.81
N TRP C 341 -28.98 12.96 41.50
CA TRP C 341 -30.21 12.39 40.95
C TRP C 341 -29.95 11.74 39.60
N ILE C 342 -29.15 12.40 38.75
CA ILE C 342 -28.82 11.83 37.45
C ILE C 342 -28.04 10.53 37.62
N LYS C 343 -27.00 10.57 38.45
CA LYS C 343 -26.03 9.47 38.44
C LYS C 343 -26.59 8.21 39.06
N GLU C 344 -27.56 8.33 39.98
CA GLU C 344 -28.19 7.16 40.57
C GLU C 344 -29.04 6.37 39.59
N ARG C 345 -29.29 6.90 38.40
CA ARG C 345 -30.20 6.25 37.45
C ARG C 345 -29.64 6.22 36.04
N THR C 346 -28.39 6.63 35.85
CA THR C 346 -27.76 6.70 34.53
C THR C 346 -26.77 5.55 34.42
N ASN C 347 -26.81 4.84 33.29
CA ASN C 347 -25.86 3.78 32.97
C ASN C 347 -25.72 2.81 34.14
N VAL C 348 -26.87 2.35 34.65
CA VAL C 348 -26.85 1.60 35.89
C VAL C 348 -26.22 0.22 35.74
N ASN C 349 -26.10 -0.31 34.52
CA ASN C 349 -25.37 -1.55 34.29
C ASN C 349 -23.99 -1.29 33.68
N GLY C 350 -23.44 -0.10 33.87
CA GLY C 350 -22.18 0.27 33.27
C GLY C 350 -22.36 0.93 31.91
N GLY C 351 -21.29 1.56 31.45
CA GLY C 351 -21.29 2.27 30.19
C GLY C 351 -20.07 2.00 29.33
N ALA C 352 -19.97 2.72 28.20
CA ALA C 352 -19.03 2.40 27.13
C ALA C 352 -17.56 2.38 27.57
N ILE C 353 -17.20 3.08 28.65
CA ILE C 353 -15.81 3.00 29.14
C ILE C 353 -15.47 1.56 29.49
N ALA C 354 -16.43 0.86 30.09
CA ALA C 354 -16.24 -0.54 30.46
C ALA C 354 -16.70 -1.48 29.35
N LEU C 355 -17.84 -1.16 28.72
CA LEU C 355 -18.50 -2.10 27.82
C LEU C 355 -18.03 -1.97 26.39
N GLY C 356 -17.50 -0.82 25.98
CA GLY C 356 -17.02 -0.62 24.63
C GLY C 356 -17.92 0.31 23.82
N HIS C 357 -17.40 0.78 22.69
CA HIS C 357 -18.07 1.79 21.89
C HIS C 357 -17.99 1.49 20.39
N PRO C 358 -18.62 0.37 19.93
CA PRO C 358 -18.65 0.10 18.47
C PRO C 358 -19.49 1.14 17.74
N VAL C 359 -18.79 2.11 17.12
CA VAL C 359 -19.34 3.44 16.85
C VAL C 359 -20.73 3.36 16.19
N GLY C 360 -20.84 2.67 15.06
CA GLY C 360 -22.10 2.68 14.33
C GLY C 360 -23.22 1.89 14.97
N ALA C 361 -22.94 1.14 16.05
CA ALA C 361 -23.95 0.37 16.75
C ALA C 361 -24.25 0.84 18.17
N SER C 362 -23.35 1.60 18.80
CA SER C 362 -23.58 2.06 20.17
C SER C 362 -24.92 2.77 20.34
N GLY C 363 -25.31 3.60 19.35
CA GLY C 363 -26.58 4.31 19.44
C GLY C 363 -27.74 3.37 19.66
N ASN C 364 -27.75 2.23 18.96
CA ASN C 364 -28.75 1.20 19.21
C ASN C 364 -28.46 0.40 20.47
N ARG C 365 -27.18 0.09 20.70
CA ARG C 365 -26.79 -0.72 21.84
C ARG C 365 -27.34 -0.15 23.15
N ILE C 366 -27.14 1.16 23.38
CA ILE C 366 -27.54 1.72 24.66
C ILE C 366 -29.05 1.77 24.79
N THR C 367 -29.78 1.72 23.67
CA THR C 367 -31.24 1.67 23.70
C THR C 367 -31.73 0.28 24.12
N VAL C 368 -31.10 -0.78 23.59
CA VAL C 368 -31.44 -2.14 24.02
C VAL C 368 -31.15 -2.33 25.50
N THR C 369 -30.00 -1.84 25.95
CA THR C 369 -29.67 -1.93 27.38
C THR C 369 -30.70 -1.16 28.22
N LEU C 370 -31.15 0.00 27.74
CA LEU C 370 -32.17 0.76 28.47
C LEU C 370 -33.47 -0.04 28.53
N ILE C 371 -33.90 -0.57 27.38
CA ILE C 371 -35.20 -1.24 27.32
C ILE C 371 -35.26 -2.40 28.30
N TYR C 372 -34.22 -3.23 28.35
CA TYR C 372 -34.29 -4.42 29.19
C TYR C 372 -34.22 -4.06 30.67
N GLU C 373 -33.45 -3.02 31.03
CA GLU C 373 -33.44 -2.57 32.41
C GLU C 373 -34.76 -1.91 32.80
N MET C 374 -35.44 -1.20 31.87
CA MET C 374 -36.79 -0.72 32.17
C MET C 374 -37.72 -1.89 32.47
N LYS C 375 -37.65 -2.97 31.67
CA LYS C 375 -38.54 -4.10 31.94
C LYS C 375 -38.24 -4.70 33.31
N LYS C 376 -36.97 -4.95 33.61
CA LYS C 376 -36.63 -5.59 34.87
C LYS C 376 -37.09 -4.76 36.06
N ARG C 377 -36.91 -3.44 36.01
CA ARG C 377 -37.26 -2.56 37.11
C ARG C 377 -38.72 -2.14 37.09
N GLY C 378 -39.41 -2.32 35.97
CA GLY C 378 -40.82 -1.96 35.87
C GLY C 378 -41.09 -0.48 35.85
N VAL C 379 -40.13 0.33 35.45
CA VAL C 379 -40.31 1.78 35.41
C VAL C 379 -41.06 2.19 34.15
N GLU C 380 -41.60 3.40 34.15
CA GLU C 380 -42.46 3.86 33.06
C GLU C 380 -41.70 4.57 31.94
N TYR C 381 -40.69 5.38 32.28
CA TYR C 381 -40.03 6.25 31.30
C TYR C 381 -38.51 6.06 31.38
N GLY C 382 -37.88 5.92 30.22
CA GLY C 382 -36.42 5.88 30.12
C GLY C 382 -35.94 6.79 29.00
N LEU C 383 -34.74 7.36 29.18
CA LEU C 383 -34.15 8.25 28.18
C LEU C 383 -32.80 7.70 27.73
N ALA C 384 -32.57 7.66 26.41
CA ALA C 384 -31.27 7.27 25.88
C ALA C 384 -30.75 8.35 24.93
N SER C 385 -29.47 8.69 25.04
CA SER C 385 -28.92 9.71 24.14
C SER C 385 -27.39 9.57 24.14
N LEU C 386 -26.75 10.15 23.12
CA LEU C 386 -25.30 9.98 22.99
C LEU C 386 -24.75 11.08 22.08
N CYS C 387 -23.45 11.37 22.23
CA CYS C 387 -22.86 12.40 21.39
C CYS C 387 -22.42 11.79 20.05
N ILE C 388 -22.02 12.65 19.12
CA ILE C 388 -21.79 12.25 17.73
C ILE C 388 -20.63 13.04 17.14
N GLY C 389 -19.61 12.36 16.63
CA GLY C 389 -18.51 13.03 15.95
C GLY C 389 -18.97 14.06 14.94
N GLY C 390 -18.36 15.24 14.94
CA GLY C 390 -18.82 16.33 14.10
C GLY C 390 -19.78 17.29 14.78
N GLY C 391 -20.16 17.02 16.03
CA GLY C 391 -20.95 17.95 16.81
C GLY C 391 -22.44 17.76 16.71
N MET C 392 -22.93 16.57 17.07
CA MET C 392 -24.34 16.25 16.98
C MET C 392 -24.69 15.33 18.13
N GLY C 393 -25.98 15.11 18.32
CA GLY C 393 -26.44 14.14 19.29
C GLY C 393 -27.79 13.65 18.83
N THR C 394 -28.18 12.50 19.36
CA THR C 394 -29.53 11.99 19.16
C THR C 394 -30.08 11.56 20.51
N ALA C 395 -31.41 11.55 20.61
CA ALA C 395 -32.08 11.15 21.84
C ALA C 395 -33.36 10.41 21.52
N LEU C 396 -33.71 9.48 22.41
CA LEU C 396 -34.96 8.73 22.34
C LEU C 396 -35.63 8.78 23.71
N ILE C 397 -36.93 9.05 23.74
CA ILE C 397 -37.72 8.95 24.96
C ILE C 397 -38.63 7.74 24.83
N LEU C 398 -38.56 6.83 25.79
CA LEU C 398 -39.29 5.56 25.74
C LEU C 398 -40.27 5.47 26.90
N LYS C 399 -41.36 4.75 26.66
CA LYS C 399 -42.37 4.53 27.70
C LYS C 399 -42.68 3.05 27.77
N ASN C 400 -42.71 2.52 28.98
CA ASN C 400 -42.95 1.09 29.19
C ASN C 400 -44.32 0.68 28.68
N VAL C 401 -44.36 -0.46 28.00
CA VAL C 401 -45.61 -1.13 27.64
C VAL C 401 -45.72 -2.33 28.58
N LYS C 402 -46.30 -2.11 29.74
CA LYS C 402 -46.43 -3.20 30.69
C LYS C 402 -47.69 -3.97 30.34
N MET D 1 -51.52 15.70 7.93
CA MET D 1 -50.24 15.47 7.26
C MET D 1 -49.98 16.43 6.10
N SER D 2 -48.90 17.21 6.23
CA SER D 2 -48.60 18.26 5.25
C SER D 2 -48.11 17.65 3.93
N LYS D 3 -48.55 18.24 2.82
CA LYS D 3 -47.94 18.00 1.53
C LYS D 3 -46.45 18.33 1.58
N VAL D 4 -45.68 17.73 0.68
CA VAL D 4 -44.23 17.92 0.62
C VAL D 4 -43.90 18.60 -0.70
N TYR D 5 -43.30 19.79 -0.62
CA TYR D 5 -42.99 20.59 -1.79
C TYR D 5 -41.49 20.66 -2.03
N VAL D 6 -41.10 20.64 -3.29
CA VAL D 6 -39.73 20.93 -3.68
C VAL D 6 -39.67 22.43 -3.95
N VAL D 7 -38.91 23.15 -3.13
CA VAL D 7 -38.81 24.61 -3.25
C VAL D 7 -37.47 25.05 -3.83
N ALA D 8 -36.52 24.14 -4.00
CA ALA D 8 -35.27 24.43 -4.71
C ALA D 8 -34.73 23.14 -5.32
N ALA D 9 -33.92 23.28 -6.35
CA ALA D 9 -33.38 22.12 -7.05
C ALA D 9 -32.20 22.57 -7.90
N LYS D 10 -31.01 22.04 -7.61
CA LYS D 10 -29.81 22.37 -8.35
C LYS D 10 -28.90 21.15 -8.38
N ARG D 11 -28.13 21.01 -9.45
CA ARG D 11 -27.15 19.95 -9.56
C ARG D 11 -25.86 20.52 -10.11
N SER D 12 -24.75 19.83 -9.83
CA SER D 12 -23.55 20.12 -10.60
C SER D 12 -23.73 19.62 -12.03
N ALA D 13 -22.97 20.19 -12.96
CA ALA D 13 -22.67 19.44 -14.18
C ALA D 13 -21.87 18.20 -13.78
N ILE D 14 -21.93 17.16 -14.60
CA ILE D 14 -21.37 15.87 -14.24
C ILE D 14 -20.01 15.73 -14.90
N GLY D 15 -18.99 15.44 -14.10
CA GLY D 15 -17.64 15.31 -14.61
C GLY D 15 -17.32 13.90 -15.09
N SER D 16 -16.38 13.84 -16.03
CA SER D 16 -15.89 12.54 -16.46
C SER D 16 -14.91 11.98 -15.45
N PHE D 17 -14.64 10.69 -15.56
CA PHE D 17 -13.73 10.02 -14.63
C PHE D 17 -12.34 10.63 -14.77
N LEU D 18 -11.81 11.13 -13.65
CA LEU D 18 -10.53 11.85 -13.60
C LEU D 18 -10.61 13.16 -14.38
N GLY D 19 -11.81 13.72 -14.52
CA GLY D 19 -12.04 14.93 -15.30
C GLY D 19 -12.09 16.18 -14.44
N THR D 20 -12.92 17.15 -14.86
CA THR D 20 -12.81 18.50 -14.33
C THR D 20 -13.14 18.56 -12.84
N LEU D 21 -14.03 17.69 -12.35
CA LEU D 21 -14.37 17.69 -10.93
C LEU D 21 -13.43 16.85 -10.08
N SER D 22 -12.49 16.12 -10.71
CA SER D 22 -11.75 15.11 -9.97
C SER D 22 -10.93 15.64 -8.78
N PRO D 23 -10.44 16.89 -8.77
CA PRO D 23 -9.78 17.39 -7.55
C PRO D 23 -10.68 17.55 -6.33
N LEU D 24 -12.01 17.64 -6.49
CA LEU D 24 -12.90 18.00 -5.40
C LEU D 24 -13.31 16.77 -4.59
N LYS D 25 -13.05 16.82 -3.29
CA LYS D 25 -13.64 15.87 -2.36
C LYS D 25 -15.16 15.95 -2.41
N PRO D 26 -15.86 14.82 -2.16
CA PRO D 26 -17.34 14.85 -2.23
C PRO D 26 -18.00 15.84 -1.28
N GLY D 27 -17.49 15.99 -0.04
CA GLY D 27 -18.07 16.97 0.85
C GLY D 27 -17.96 18.39 0.32
N ASP D 28 -16.82 18.71 -0.33
CA ASP D 28 -16.61 20.05 -0.86
C ASP D 28 -17.46 20.32 -2.08
N LEU D 29 -17.54 19.35 -3.01
CA LEU D 29 -18.38 19.49 -4.18
C LEU D 29 -19.83 19.66 -3.77
N GLY D 30 -20.33 18.78 -2.88
CA GLY D 30 -21.71 18.90 -2.46
C GLY D 30 -22.01 20.22 -1.78
N ALA D 31 -21.04 20.73 -1.00
CA ALA D 31 -21.25 22.00 -0.32
C ALA D 31 -21.45 23.15 -1.30
N GLN D 32 -20.76 23.11 -2.46
CA GLN D 32 -20.95 24.19 -3.43
C GLN D 32 -22.38 24.20 -3.96
N ILE D 33 -22.98 23.03 -4.14
CA ILE D 33 -24.34 23.00 -4.68
C ILE D 33 -25.35 23.49 -3.64
N VAL D 34 -25.21 23.03 -2.40
CA VAL D 34 -26.08 23.51 -1.33
C VAL D 34 -25.90 25.02 -1.14
N LYS D 35 -24.67 25.50 -1.22
CA LYS D 35 -24.48 26.94 -1.07
C LYS D 35 -25.19 27.70 -2.18
N ASN D 36 -25.19 27.14 -3.40
CA ASN D 36 -25.91 27.77 -4.51
C ASN D 36 -27.39 27.87 -4.16
N ILE D 37 -27.97 26.78 -3.64
CA ILE D 37 -29.39 26.77 -3.27
C ILE D 37 -29.66 27.78 -2.17
N LEU D 38 -28.71 27.93 -1.24
CA LEU D 38 -28.88 28.90 -0.15
C LEU D 38 -28.84 30.33 -0.67
N GLU D 39 -27.88 30.64 -1.56
CA GLU D 39 -27.79 32.00 -2.05
C GLU D 39 -28.99 32.40 -2.91
N GLU D 40 -29.58 31.44 -3.64
CA GLU D 40 -30.71 31.80 -4.51
C GLU D 40 -31.99 31.96 -3.71
N THR D 41 -32.31 30.99 -2.85
CA THR D 41 -33.53 31.09 -2.05
C THR D 41 -33.41 32.13 -0.94
N LYS D 42 -32.19 32.44 -0.51
CA LYS D 42 -31.91 33.42 0.56
C LYS D 42 -32.51 33.01 1.91
N VAL D 43 -32.84 31.73 2.08
CA VAL D 43 -33.34 31.23 3.37
C VAL D 43 -32.25 31.35 4.42
N ASP D 44 -32.63 31.77 5.63
CA ASP D 44 -31.69 31.72 6.73
C ASP D 44 -31.35 30.26 6.97
N PRO D 45 -30.09 29.85 6.79
CA PRO D 45 -29.75 28.43 7.00
C PRO D 45 -30.12 27.89 8.38
N ALA D 46 -30.27 28.75 9.40
CA ALA D 46 -30.65 28.31 10.73
C ALA D 46 -32.07 27.75 10.79
N ASN D 47 -32.89 28.00 9.76
CA ASN D 47 -34.25 27.47 9.71
C ASN D 47 -34.32 26.10 9.06
N ILE D 48 -33.21 25.56 8.56
CA ILE D 48 -33.23 24.20 8.03
C ILE D 48 -33.25 23.22 9.18
N ASP D 49 -34.10 22.19 9.08
CA ASP D 49 -34.18 21.18 10.13
C ASP D 49 -33.05 20.15 10.02
N GLU D 50 -32.65 19.80 8.81
CA GLU D 50 -31.68 18.72 8.65
C GLU D 50 -31.16 18.72 7.22
N VAL D 51 -29.96 18.18 7.05
CA VAL D 51 -29.40 17.93 5.71
C VAL D 51 -29.11 16.43 5.59
N ILE D 52 -29.62 15.82 4.51
CA ILE D 52 -29.52 14.37 4.30
C ILE D 52 -28.82 14.15 2.97
N VAL D 53 -27.71 13.41 2.98
CA VAL D 53 -26.79 13.41 1.84
C VAL D 53 -26.49 11.98 1.41
N GLY D 54 -26.94 11.62 0.21
CA GLY D 54 -26.56 10.33 -0.35
C GLY D 54 -25.08 10.30 -0.70
N ASN D 55 -24.39 9.24 -0.28
CA ASN D 55 -22.96 9.10 -0.55
C ASN D 55 -22.55 7.65 -0.35
N VAL D 56 -21.86 7.07 -1.33
CA VAL D 56 -21.49 5.65 -1.29
C VAL D 56 -20.06 5.46 -0.85
N LEU D 57 -19.12 6.21 -1.43
CA LEU D 57 -17.68 5.97 -1.28
C LEU D 57 -17.12 6.94 -0.24
N SER D 58 -17.24 6.53 1.03
CA SER D 58 -16.98 7.41 2.16
C SER D 58 -15.60 7.21 2.75
N ALA D 59 -14.81 6.28 2.22
CA ALA D 59 -13.47 6.04 2.75
C ALA D 59 -12.55 7.22 2.44
N GLY D 60 -11.75 7.59 3.43
CA GLY D 60 -10.72 8.61 3.25
C GLY D 60 -11.20 10.04 3.31
N GLN D 61 -12.42 10.18 3.89
CA GLN D 61 -12.86 11.58 3.79
C GLN D 61 -12.82 12.31 5.13
N ALA D 62 -12.59 11.53 6.18
CA ALA D 62 -12.78 11.92 7.60
C ALA D 62 -14.28 11.87 7.93
N GLN D 63 -14.63 12.09 9.18
CA GLN D 63 -16.02 11.92 9.63
C GLN D 63 -17.07 12.62 8.74
N GLY D 64 -18.11 11.86 8.43
CA GLY D 64 -19.37 12.30 7.79
C GLY D 64 -19.35 13.27 6.62
N VAL D 65 -19.37 12.70 5.43
CA VAL D 65 -19.43 13.49 4.19
C VAL D 65 -20.67 14.38 4.27
N GLY D 66 -21.78 13.82 4.76
CA GLY D 66 -23.02 14.60 4.77
C GLY D 66 -22.91 15.84 5.64
N ARG D 67 -22.33 15.72 6.83
CA ARG D 67 -22.13 16.90 7.66
C ARG D 67 -21.12 17.86 7.05
N GLN D 68 -20.12 17.35 6.33
CA GLN D 68 -19.19 18.26 5.65
C GLN D 68 -19.92 19.10 4.61
N VAL D 69 -20.89 18.50 3.92
CA VAL D 69 -21.65 19.26 2.91
C VAL D 69 -22.36 20.44 3.57
N ALA D 70 -22.96 20.20 4.73
CA ALA D 70 -23.73 21.24 5.39
C ALA D 70 -22.82 22.34 5.93
N ILE D 71 -21.74 21.96 6.62
CA ILE D 71 -20.93 22.97 7.30
C ILE D 71 -20.16 23.81 6.28
N ARG D 72 -19.64 23.18 5.24
CA ARG D 72 -18.88 23.95 4.26
C ARG D 72 -19.78 24.80 3.37
N ALA D 73 -21.09 24.55 3.36
CA ALA D 73 -22.04 25.39 2.65
C ALA D 73 -22.50 26.58 3.49
N GLY D 74 -22.09 26.66 4.75
CA GLY D 74 -22.52 27.73 5.63
C GLY D 74 -23.73 27.40 6.47
N ILE D 75 -24.14 26.15 6.55
CA ILE D 75 -25.25 25.78 7.43
C ILE D 75 -24.72 25.67 8.86
N PRO D 76 -25.38 26.30 9.84
CA PRO D 76 -24.80 26.38 11.20
C PRO D 76 -24.76 25.04 11.92
N TYR D 77 -23.89 24.96 12.93
CA TYR D 77 -23.59 23.70 13.63
C TYR D 77 -24.82 23.08 14.24
N GLU D 78 -25.82 23.89 14.59
CA GLU D 78 -27.02 23.42 15.26
C GLU D 78 -27.92 22.62 14.35
N VAL D 79 -27.71 22.67 13.04
CA VAL D 79 -28.50 21.89 12.08
C VAL D 79 -27.79 20.57 11.84
N PRO D 80 -28.36 19.44 12.24
CA PRO D 80 -27.70 18.16 12.00
C PRO D 80 -27.69 17.82 10.52
N ALA D 81 -26.67 17.04 10.14
CA ALA D 81 -26.46 16.63 8.76
C ALA D 81 -25.75 15.29 8.77
N TYR D 82 -26.16 14.39 7.88
CA TYR D 82 -25.59 13.04 7.88
C TYR D 82 -25.75 12.46 6.48
N SER D 83 -25.36 11.20 6.32
CA SER D 83 -25.29 10.59 5.00
C SER D 83 -25.97 9.23 5.00
N VAL D 84 -26.41 8.80 3.81
CA VAL D 84 -27.11 7.53 3.62
C VAL D 84 -26.50 6.82 2.43
N ASN D 85 -26.57 5.49 2.52
CA ASN D 85 -25.97 4.63 1.50
C ASN D 85 -26.91 3.49 1.13
N ILE D 86 -27.59 3.66 0.01
CA ILE D 86 -28.45 2.67 -0.66
C ILE D 86 -27.94 2.63 -2.10
N ILE D 87 -26.63 2.54 -2.17
CA ILE D 87 -25.81 2.53 -3.41
C ILE D 87 -26.39 3.57 -4.40
N CYS D 88 -26.80 3.12 -5.57
CA CYS D 88 -27.27 4.02 -6.66
C CYS D 88 -28.47 4.89 -6.24
N GLY D 89 -29.39 4.40 -5.44
CA GLY D 89 -30.54 5.21 -5.06
C GLY D 89 -30.30 6.22 -3.95
N SER D 90 -29.04 6.42 -3.54
CA SER D 90 -28.73 7.17 -2.32
C SER D 90 -29.18 8.61 -2.42
N GLY D 91 -29.07 9.22 -3.61
CA GLY D 91 -29.51 10.59 -3.80
C GLY D 91 -31.02 10.78 -3.90
N MET D 92 -31.77 9.71 -4.15
CA MET D 92 -33.23 9.83 -4.10
C MET D 92 -33.75 9.39 -2.73
N LYS D 93 -33.04 8.45 -2.08
CA LYS D 93 -33.50 7.95 -0.80
C LYS D 93 -33.44 9.03 0.27
N SER D 94 -32.43 9.91 0.19
CA SER D 94 -32.38 11.06 1.09
C SER D 94 -33.65 11.90 0.97
N VAL D 95 -34.13 12.10 -0.26
CA VAL D 95 -35.36 12.85 -0.50
C VAL D 95 -36.56 12.11 0.06
N ILE D 96 -36.60 10.79 -0.16
CA ILE D 96 -37.70 9.96 0.33
C ILE D 96 -37.79 10.07 1.85
N THR D 97 -36.63 10.03 2.53
CA THR D 97 -36.60 10.19 3.99
C THR D 97 -37.04 11.59 4.41
N ALA D 98 -36.58 12.64 3.70
CA ALA D 98 -37.08 13.98 4.00
C ALA D 98 -38.60 14.06 3.82
N PHE D 99 -39.11 13.41 2.77
CA PHE D 99 -40.56 13.32 2.56
C PHE D 99 -41.27 12.72 3.77
N SER D 100 -40.72 11.62 4.30
CA SER D 100 -41.29 10.97 5.47
C SER D 100 -41.20 11.88 6.70
N ASN D 101 -40.06 12.56 6.89
CA ASN D 101 -39.91 13.44 8.05
C ASN D 101 -40.92 14.58 8.02
N ILE D 102 -41.16 15.16 6.84
CA ILE D 102 -42.13 16.25 6.74
C ILE D 102 -43.54 15.72 6.95
N LYS D 103 -43.86 14.58 6.33
CA LYS D 103 -45.18 13.99 6.47
C LYS D 103 -45.48 13.63 7.93
N ALA D 104 -44.47 13.13 8.66
CA ALA D 104 -44.66 12.71 10.04
C ALA D 104 -44.59 13.85 11.04
N GLY D 105 -44.42 15.09 10.59
CA GLY D 105 -44.32 16.21 11.52
C GLY D 105 -43.01 16.30 12.27
N GLU D 106 -41.97 15.61 11.81
CA GLU D 106 -40.66 15.68 12.43
C GLU D 106 -39.77 16.76 11.83
N ALA D 107 -40.21 17.44 10.77
CA ALA D 107 -39.40 18.47 10.13
C ALA D 107 -40.28 19.29 9.20
N ASP D 108 -39.81 20.52 8.93
CA ASP D 108 -40.49 21.47 8.05
C ASP D 108 -39.66 21.93 6.86
N LEU D 109 -38.32 21.83 6.94
CA LEU D 109 -37.46 22.36 5.89
C LEU D 109 -36.21 21.49 5.86
N VAL D 110 -35.98 20.78 4.75
CA VAL D 110 -34.92 19.78 4.68
C VAL D 110 -34.17 19.92 3.35
N ILE D 111 -32.85 19.87 3.42
CA ILE D 111 -32.02 19.74 2.21
C ILE D 111 -31.71 18.26 2.06
N ALA D 112 -32.04 17.69 0.90
CA ALA D 112 -31.77 16.27 0.67
C ALA D 112 -31.15 16.07 -0.71
N GLY D 113 -30.06 15.31 -0.76
CA GLY D 113 -29.44 15.05 -2.04
C GLY D 113 -28.42 13.96 -2.00
N GLY D 114 -27.36 14.12 -2.79
CA GLY D 114 -26.33 13.11 -2.92
C GLY D 114 -25.10 13.73 -3.52
N THR D 115 -23.96 13.09 -3.29
CA THR D 115 -22.72 13.61 -3.83
C THR D 115 -21.75 12.45 -3.95
N GLU D 116 -20.97 12.46 -5.03
CA GLU D 116 -20.06 11.35 -5.25
C GLU D 116 -18.86 11.85 -6.02
N SER D 117 -17.67 11.46 -5.59
CA SER D 117 -16.47 11.69 -6.38
C SER D 117 -15.91 10.29 -6.60
N MET D 118 -16.32 9.65 -7.70
CA MET D 118 -15.71 8.37 -8.01
C MET D 118 -14.23 8.55 -8.36
N SER D 119 -13.84 9.72 -8.88
CA SER D 119 -12.42 9.98 -9.15
C SER D 119 -11.58 9.92 -7.87
N GLY D 120 -12.10 10.45 -6.76
CA GLY D 120 -11.30 10.55 -5.56
C GLY D 120 -11.27 9.32 -4.69
N ALA D 121 -12.07 8.31 -5.03
CA ALA D 121 -12.08 7.07 -4.26
C ALA D 121 -10.72 6.37 -4.35
N GLY D 122 -10.23 5.88 -3.22
CA GLY D 122 -8.86 5.32 -3.18
C GLY D 122 -8.84 3.81 -3.24
N PHE D 123 -7.90 3.21 -2.53
CA PHE D 123 -7.67 1.77 -2.59
C PHE D 123 -7.49 1.26 -1.16
N ILE D 124 -8.00 0.05 -0.90
CA ILE D 124 -8.19 -0.46 0.46
C ILE D 124 -7.25 -1.61 0.74
N LEU D 125 -6.35 -1.42 1.70
CA LEU D 125 -5.62 -2.54 2.29
C LEU D 125 -6.48 -3.15 3.40
N PRO D 126 -6.82 -4.43 3.34
CA PRO D 126 -7.81 -4.97 4.27
C PRO D 126 -7.33 -4.94 5.73
N GLY D 127 -8.29 -4.75 6.64
CA GLY D 127 -7.98 -4.65 8.05
C GLY D 127 -7.40 -5.89 8.68
N ALA D 128 -7.46 -7.03 7.97
CA ALA D 128 -6.84 -8.27 8.44
C ALA D 128 -5.34 -8.12 8.63
N ILE D 129 -4.76 -7.04 8.09
CA ILE D 129 -3.35 -6.73 8.27
C ILE D 129 -3.04 -6.29 9.68
N ARG D 130 -4.07 -5.90 10.46
CA ARG D 130 -3.84 -5.44 11.82
C ARG D 130 -3.28 -6.55 12.70
N GLY D 131 -3.74 -7.78 12.48
CA GLY D 131 -3.20 -8.94 13.18
C GLY D 131 -1.95 -9.52 12.56
N GLY D 132 -1.53 -9.05 11.39
CA GLY D 132 -0.33 -9.54 10.77
C GLY D 132 -0.56 -10.08 9.37
N HIS D 133 0.51 -10.08 8.57
CA HIS D 133 0.52 -10.66 7.22
C HIS D 133 1.93 -11.23 7.04
N LYS D 134 2.08 -12.52 7.33
CA LYS D 134 3.40 -13.16 7.39
C LYS D 134 4.14 -13.08 6.05
N MET D 135 3.44 -13.39 4.96
CA MET D 135 4.10 -13.39 3.63
C MET D 135 3.08 -13.40 2.50
N ALA D 136 3.61 -13.26 1.31
CA ALA D 136 2.99 -13.25 -0.03
C ALA D 136 2.34 -11.92 -0.38
N ASP D 137 1.90 -11.86 -1.63
CA ASP D 137 1.23 -10.74 -2.31
C ASP D 137 0.16 -10.12 -1.40
N LEU D 138 0.20 -8.79 -1.34
CA LEU D 138 -0.76 -7.97 -0.62
C LEU D 138 -1.58 -7.22 -1.66
N THR D 139 -2.88 -7.45 -1.68
CA THR D 139 -3.75 -6.85 -2.69
C THR D 139 -4.61 -5.77 -2.06
N MET D 140 -4.55 -4.57 -2.63
CA MET D 140 -5.41 -3.46 -2.24
C MET D 140 -6.59 -3.38 -3.18
N LYS D 141 -7.79 -3.32 -2.62
CA LYS D 141 -9.00 -3.30 -3.42
C LYS D 141 -9.33 -1.88 -3.85
N ASP D 142 -9.81 -1.76 -5.09
CA ASP D 142 -10.29 -0.48 -5.60
C ASP D 142 -11.61 -0.16 -4.90
N HIS D 143 -11.60 0.90 -4.08
CA HIS D 143 -12.77 1.31 -3.29
C HIS D 143 -14.00 1.54 -4.17
N MET D 144 -13.84 2.25 -5.29
N MET D 144 -13.81 2.23 -5.30
CA MET D 144 -15.00 2.48 -6.14
CA MET D 144 -14.90 2.54 -6.24
C MET D 144 -15.54 1.17 -6.68
C MET D 144 -15.51 1.26 -6.79
N ILE D 145 -14.67 0.32 -7.24
CA ILE D 145 -15.14 -0.89 -7.91
C ILE D 145 -15.80 -1.83 -6.90
N LEU D 146 -15.14 -2.07 -5.77
CA LEU D 146 -15.66 -3.02 -4.80
C LEU D 146 -16.90 -2.51 -4.12
N ASP D 147 -16.84 -1.30 -3.55
CA ASP D 147 -17.89 -0.82 -2.67
C ASP D 147 -19.03 -0.11 -3.40
N ALA D 148 -18.81 0.41 -4.61
CA ALA D 148 -19.94 0.95 -5.38
C ALA D 148 -20.40 0.06 -6.52
N LEU D 149 -19.52 -0.78 -7.07
CA LEU D 149 -19.87 -1.50 -8.29
C LEU D 149 -19.89 -3.03 -8.18
N THR D 150 -19.51 -3.62 -7.05
CA THR D 150 -19.39 -5.08 -6.93
C THR D 150 -20.50 -5.63 -6.05
N ASP D 151 -21.23 -6.62 -6.57
CA ASP D 151 -22.29 -7.25 -5.78
C ASP D 151 -21.70 -7.98 -4.59
N ALA D 152 -22.38 -7.89 -3.45
CA ALA D 152 -21.83 -8.41 -2.20
C ALA D 152 -22.14 -9.88 -1.97
N TYR D 153 -23.00 -10.48 -2.81
CA TYR D 153 -23.47 -11.85 -2.68
C TYR D 153 -22.95 -12.76 -3.78
N HIS D 154 -22.72 -12.22 -4.98
CA HIS D 154 -22.20 -13.02 -6.08
C HIS D 154 -20.81 -12.57 -6.53
N ASN D 155 -20.26 -11.51 -5.94
CA ASN D 155 -18.97 -10.98 -6.31
C ASN D 155 -18.87 -10.75 -7.82
N ILE D 156 -19.89 -10.12 -8.39
CA ILE D 156 -19.88 -9.79 -9.81
C ILE D 156 -20.02 -8.28 -9.97
N HIS D 157 -19.40 -7.79 -11.04
CA HIS D 157 -19.59 -6.40 -11.46
C HIS D 157 -21.05 -6.15 -11.81
N MET D 158 -21.47 -4.90 -11.67
CA MET D 158 -22.85 -4.58 -12.02
C MET D 158 -23.08 -4.83 -13.52
N GLY D 159 -22.01 -4.75 -14.33
CA GLY D 159 -22.16 -5.07 -15.74
C GLY D 159 -22.58 -6.51 -15.99
N ILE D 160 -22.22 -7.42 -15.09
CA ILE D 160 -22.70 -8.80 -15.22
C ILE D 160 -24.21 -8.87 -14.99
N THR D 161 -24.71 -8.14 -13.99
CA THR D 161 -26.17 -8.10 -13.80
C THR D 161 -26.87 -7.51 -15.02
N ALA D 162 -26.20 -6.61 -15.75
CA ALA D 162 -26.76 -6.12 -16.99
C ALA D 162 -26.82 -7.21 -18.05
N GLU D 163 -25.75 -8.02 -18.15
CA GLU D 163 -25.77 -9.17 -19.05
C GLU D 163 -26.89 -10.12 -18.66
N ASN D 164 -27.16 -10.25 -17.36
CA ASN D 164 -28.18 -11.17 -16.93
C ASN D 164 -29.55 -10.73 -17.43
N ILE D 165 -29.80 -9.43 -17.42
CA ILE D 165 -31.06 -8.91 -17.95
C ILE D 165 -31.11 -9.06 -19.47
N ALA D 166 -30.00 -8.72 -20.15
CA ALA D 166 -29.93 -8.90 -21.60
C ALA D 166 -30.26 -10.34 -21.99
N GLU D 167 -29.60 -11.30 -21.34
CA GLU D 167 -29.81 -12.70 -21.69
C GLU D 167 -31.22 -13.17 -21.33
N ARG D 168 -31.72 -12.76 -20.18
CA ARG D 168 -33.01 -13.27 -19.73
C ARG D 168 -34.16 -12.75 -20.57
N TYR D 169 -34.09 -11.51 -21.06
CA TYR D 169 -35.17 -10.93 -21.86
C TYR D 169 -34.86 -10.86 -23.35
N GLY D 170 -33.77 -11.47 -23.80
CA GLY D 170 -33.40 -11.41 -25.21
C GLY D 170 -33.23 -10.01 -25.76
N ILE D 171 -32.61 -9.11 -24.99
CA ILE D 171 -32.34 -7.75 -25.45
C ILE D 171 -30.98 -7.77 -26.17
N THR D 172 -31.00 -7.52 -27.48
CA THR D 172 -29.84 -7.79 -28.31
C THR D 172 -28.81 -6.67 -28.23
N ARG D 173 -27.61 -6.97 -28.73
CA ARG D 173 -26.50 -6.01 -28.75
C ARG D 173 -26.91 -4.79 -29.57
N GLU D 174 -27.60 -5.02 -30.68
CA GLU D 174 -28.00 -3.92 -31.60
C GLU D 174 -29.06 -3.08 -30.90
N GLU D 175 -29.98 -3.71 -30.19
CA GLU D 175 -30.99 -2.87 -29.50
C GLU D 175 -30.31 -2.05 -28.39
N GLN D 176 -29.30 -2.62 -27.76
CA GLN D 176 -28.64 -1.84 -26.70
C GLN D 176 -27.90 -0.65 -27.28
N ASP D 177 -27.26 -0.83 -28.42
CA ASP D 177 -26.50 0.23 -29.04
C ASP D 177 -27.39 1.26 -29.70
N ALA D 178 -28.59 0.86 -30.14
CA ALA D 178 -29.54 1.85 -30.61
C ALA D 178 -29.98 2.76 -29.48
N PHE D 179 -30.30 2.15 -28.33
CA PHE D 179 -30.67 2.93 -27.14
C PHE D 179 -29.54 3.87 -26.75
N ALA D 180 -28.30 3.37 -26.74
CA ALA D 180 -27.17 4.18 -26.29
C ALA D 180 -26.94 5.37 -27.21
N LEU D 181 -26.99 5.13 -28.53
CA LEU D 181 -26.77 6.20 -29.49
C LEU D 181 -27.83 7.29 -29.35
N ASP D 182 -29.08 6.88 -29.18
CA ASP D 182 -30.18 7.82 -28.99
C ASP D 182 -29.94 8.68 -27.75
N SER D 183 -29.54 8.04 -26.63
CA SER D 183 -29.30 8.81 -25.41
C SER D 183 -28.20 9.84 -25.62
N GLN D 184 -27.13 9.48 -26.34
CA GLN D 184 -26.08 10.45 -26.69
C GLN D 184 -26.65 11.63 -27.47
N LEU D 185 -27.41 11.33 -28.53
CA LEU D 185 -27.95 12.39 -29.37
C LEU D 185 -28.84 13.32 -28.55
N LYS D 186 -29.73 12.75 -27.74
CA LYS D 186 -30.63 13.57 -26.92
C LYS D 186 -29.84 14.43 -25.95
N ALA D 187 -28.77 13.88 -25.36
CA ALA D 187 -27.99 14.64 -24.39
C ALA D 187 -27.29 15.81 -25.06
N ILE D 188 -26.74 15.59 -26.26
CA ILE D 188 -25.98 16.62 -26.94
C ILE D 188 -26.89 17.77 -27.36
N ALA D 189 -28.10 17.44 -27.81
CA ALA D 189 -29.07 18.48 -28.14
C ALA D 189 -29.44 19.28 -26.91
N ALA D 190 -29.72 18.60 -25.80
CA ALA D 190 -30.04 19.27 -24.55
C ALA D 190 -28.89 20.18 -24.10
N VAL D 191 -27.67 19.67 -24.09
CA VAL D 191 -26.53 20.48 -23.66
C VAL D 191 -26.38 21.71 -24.55
N ASP D 192 -26.33 21.50 -25.88
CA ASP D 192 -25.97 22.58 -26.79
C ASP D 192 -27.08 23.60 -26.94
N SER D 193 -28.33 23.25 -26.63
CA SER D 193 -29.43 24.20 -26.72
C SER D 193 -29.63 25.01 -25.46
N GLY D 194 -28.80 24.80 -24.43
CA GLY D 194 -28.99 25.50 -23.17
C GLY D 194 -30.02 24.89 -22.24
N ARG D 195 -30.54 23.70 -22.57
CA ARG D 195 -31.64 23.08 -21.83
C ARG D 195 -31.30 22.88 -20.35
N PHE D 196 -30.03 22.64 -20.03
CA PHE D 196 -29.61 22.39 -18.66
C PHE D 196 -29.17 23.65 -17.92
N LYS D 197 -29.23 24.82 -18.54
CA LYS D 197 -28.65 26.02 -17.92
C LYS D 197 -29.31 26.35 -16.59
N ASP D 198 -30.64 26.20 -16.51
CA ASP D 198 -31.36 26.59 -15.30
C ASP D 198 -31.02 25.66 -14.14
N GLU D 199 -30.85 24.36 -14.40
CA GLU D 199 -30.69 23.41 -13.32
C GLU D 199 -29.26 23.27 -12.82
N ILE D 200 -28.27 23.72 -13.60
CA ILE D 200 -26.87 23.46 -13.26
C ILE D 200 -26.33 24.60 -12.39
N ALA D 201 -25.80 24.24 -11.22
CA ALA D 201 -25.08 25.23 -10.42
C ALA D 201 -23.60 25.20 -10.81
N PRO D 202 -22.99 26.34 -11.15
CA PRO D 202 -21.56 26.33 -11.49
C PRO D 202 -20.75 25.89 -10.29
N VAL D 203 -19.69 25.13 -10.57
CA VAL D 203 -18.76 24.63 -9.55
C VAL D 203 -17.38 25.19 -9.88
N VAL D 204 -16.72 25.76 -8.86
CA VAL D 204 -15.37 26.31 -9.04
C VAL D 204 -14.36 25.32 -8.48
N ILE D 205 -13.41 24.90 -9.33
CA ILE D 205 -12.37 23.97 -8.90
C ILE D 205 -11.13 24.79 -8.56
N PRO D 206 -10.83 24.98 -7.28
CA PRO D 206 -9.77 25.91 -6.89
C PRO D 206 -8.43 25.45 -7.43
N ASN D 207 -7.63 26.32 -7.90
CA ASN D 207 -6.37 26.09 -8.58
C ASN D 207 -5.43 27.29 -8.44
N LYS D 209 -2.97 28.88 -9.84
CA LYS D 209 -2.83 28.68 -11.29
C LYS D 209 -4.10 29.07 -12.05
N GLY D 210 -5.10 29.56 -11.32
CA GLY D 210 -6.37 29.98 -11.92
C GLY D 210 -7.53 29.06 -11.59
N ASP D 211 -8.55 29.60 -10.92
CA ASP D 211 -9.74 28.82 -10.63
C ASP D 211 -10.48 28.47 -11.90
N ILE D 212 -10.92 27.20 -12.01
CA ILE D 212 -11.69 26.72 -13.16
C ILE D 212 -13.17 26.69 -12.79
N ILE D 213 -14.02 27.17 -13.68
CA ILE D 213 -15.45 27.19 -13.49
C ILE D 213 -16.03 26.08 -14.36
N PHE D 214 -16.75 25.15 -13.73
CA PHE D 214 -17.30 23.97 -14.40
C PHE D 214 -18.82 24.10 -14.41
N ASP D 215 -19.40 24.16 -15.61
CA ASP D 215 -20.84 24.36 -15.71
C ASP D 215 -21.48 23.63 -16.88
N THR D 216 -20.77 22.75 -17.57
CA THR D 216 -21.32 22.06 -18.74
C THR D 216 -20.95 20.59 -18.65
N ASP D 217 -21.97 19.73 -18.62
CA ASP D 217 -21.72 18.29 -18.61
C ASP D 217 -20.70 17.93 -19.68
N GLU D 218 -19.67 17.17 -19.31
CA GLU D 218 -18.53 16.92 -20.19
C GLU D 218 -18.40 15.48 -20.65
N TYR D 219 -19.27 14.56 -20.18
CA TYR D 219 -19.19 13.15 -20.55
C TYR D 219 -19.85 12.77 -21.88
N PRO D 220 -20.87 13.48 -22.39
CA PRO D 220 -21.47 13.08 -23.68
C PRO D 220 -20.43 12.89 -24.77
N ASN D 221 -20.57 11.79 -25.53
CA ASN D 221 -19.62 11.41 -26.57
C ASN D 221 -20.08 11.97 -27.90
N ARG D 222 -19.42 13.04 -28.35
CA ARG D 222 -19.77 13.71 -29.59
C ARG D 222 -19.08 13.10 -30.81
N LYS D 223 -18.30 12.04 -30.64
CA LYS D 223 -17.58 11.40 -31.74
C LYS D 223 -17.86 9.90 -31.78
N THR D 224 -19.15 9.51 -31.70
CA THR D 224 -19.52 8.12 -31.87
C THR D 224 -20.70 8.00 -32.83
N ASP D 225 -21.01 6.76 -33.21
CA ASP D 225 -22.06 6.50 -34.18
C ASP D 225 -22.37 5.00 -34.14
N ALA D 226 -23.38 4.61 -34.91
CA ALA D 226 -23.83 3.22 -34.87
C ALA D 226 -22.69 2.25 -35.20
N GLU D 227 -21.87 2.58 -36.20
CA GLU D 227 -20.83 1.64 -36.60
C GLU D 227 -19.75 1.53 -35.53
N LYS D 228 -19.37 2.67 -34.91
CA LYS D 228 -18.33 2.61 -33.88
C LYS D 228 -18.81 1.86 -32.65
N LEU D 229 -20.07 2.07 -32.27
CA LEU D 229 -20.65 1.34 -31.16
C LEU D 229 -20.65 -0.16 -31.43
N ALA D 230 -20.93 -0.56 -32.66
CA ALA D 230 -21.02 -1.98 -32.97
C ALA D 230 -19.67 -2.67 -32.97
N LYS D 231 -18.57 -1.92 -33.07
CA LYS D 231 -17.23 -2.49 -33.13
C LYS D 231 -16.55 -2.55 -31.77
N LEU D 232 -17.21 -2.08 -30.71
CA LEU D 232 -16.61 -2.14 -29.37
C LEU D 232 -16.61 -3.58 -28.85
N LYS D 233 -15.61 -3.88 -28.01
CA LYS D 233 -15.47 -5.19 -27.38
C LYS D 233 -16.34 -5.28 -26.11
N PRO D 234 -16.83 -6.49 -25.80
CA PRO D 234 -17.58 -6.67 -24.54
C PRO D 234 -16.73 -6.25 -23.34
N ALA D 235 -17.37 -5.58 -22.38
CA ALA D 235 -16.65 -4.95 -21.29
C ALA D 235 -16.60 -5.78 -20.01
N PHE D 236 -17.48 -6.79 -19.87
CA PHE D 236 -17.61 -7.52 -18.61
C PHE D 236 -17.60 -9.03 -18.74
N LYS D 237 -17.95 -9.59 -19.89
CA LYS D 237 -17.88 -11.04 -20.04
C LYS D 237 -17.66 -11.39 -21.51
N LYS D 238 -16.84 -12.43 -21.71
CA LYS D 238 -16.55 -12.97 -23.03
C LYS D 238 -17.84 -13.19 -23.82
N ASP D 239 -17.87 -12.65 -25.04
CA ASP D 239 -19.02 -12.78 -25.93
C ASP D 239 -20.30 -12.20 -25.30
N GLY D 240 -20.15 -11.21 -24.42
CA GLY D 240 -21.29 -10.50 -23.88
C GLY D 240 -21.80 -9.42 -24.83
N SER D 241 -22.86 -8.74 -24.40
CA SER D 241 -23.42 -7.66 -25.19
C SER D 241 -23.19 -6.27 -24.61
N VAL D 242 -22.92 -6.18 -23.30
CA VAL D 242 -22.65 -4.90 -22.65
C VAL D 242 -21.25 -4.43 -22.99
N THR D 243 -21.13 -3.18 -23.43
CA THR D 243 -19.85 -2.58 -23.75
C THR D 243 -19.71 -1.27 -22.99
N ALA D 244 -18.54 -0.65 -23.10
CA ALA D 244 -18.38 0.68 -22.54
C ALA D 244 -19.27 1.69 -23.26
N GLY D 245 -19.68 1.39 -24.50
CA GLY D 245 -20.49 2.33 -25.26
C GLY D 245 -21.96 2.25 -24.94
N ASN D 246 -22.44 1.10 -24.47
CA ASN D 246 -23.85 0.99 -24.08
C ASN D 246 -24.03 0.85 -22.58
N ALA D 247 -22.99 1.13 -21.79
CA ALA D 247 -23.07 1.23 -20.34
C ALA D 247 -22.89 2.68 -19.94
N SER D 248 -23.35 3.01 -18.73
CA SER D 248 -23.06 4.34 -18.21
C SER D 248 -21.58 4.41 -17.82
N GLY D 249 -21.13 5.62 -17.46
CA GLY D 249 -19.74 5.86 -17.15
C GLY D 249 -19.47 5.91 -15.66
N LEU D 250 -18.22 6.20 -15.33
CA LEU D 250 -17.78 6.49 -13.98
C LEU D 250 -17.61 7.99 -13.88
N ASN D 251 -18.25 8.62 -12.90
CA ASN D 251 -18.39 10.06 -12.94
C ASN D 251 -18.43 10.64 -11.53
N ASP D 252 -18.16 11.93 -11.45
CA ASP D 252 -18.26 12.72 -10.22
C ASP D 252 -19.42 13.70 -10.35
N GLY D 253 -20.08 14.00 -9.24
CA GLY D 253 -21.21 14.91 -9.32
C GLY D 253 -21.96 14.99 -8.01
N ALA D 254 -22.81 16.01 -7.92
CA ALA D 254 -23.64 16.23 -6.74
C ALA D 254 -24.94 16.91 -7.17
N SER D 255 -25.97 16.74 -6.34
CA SER D 255 -27.29 17.26 -6.70
C SER D 255 -28.13 17.32 -5.44
N PHE D 256 -28.98 18.34 -5.30
CA PHE D 256 -29.75 18.50 -4.06
C PHE D 256 -31.09 19.15 -4.31
N LEU D 257 -32.05 18.80 -3.46
CA LEU D 257 -33.34 19.47 -3.38
C LEU D 257 -33.49 20.10 -2.00
N MET D 258 -34.28 21.17 -1.94
CA MET D 258 -34.83 21.67 -0.68
C MET D 258 -36.29 21.27 -0.63
N LEU D 259 -36.69 20.62 0.45
CA LEU D 259 -38.07 20.19 0.62
C LEU D 259 -38.70 20.97 1.77
N ALA D 260 -39.96 21.33 1.63
CA ALA D 260 -40.62 22.18 2.61
C ALA D 260 -42.03 21.69 2.88
N SER D 261 -42.45 21.88 4.12
CA SER D 261 -43.82 21.64 4.54
C SER D 261 -44.71 22.76 4.02
N GLU D 262 -46.00 22.67 4.31
CA GLU D 262 -46.91 23.79 3.97
C GLU D 262 -46.54 24.96 4.89
N GLU D 263 -46.31 24.70 6.17
CA GLU D 263 -45.99 25.78 7.12
C GLU D 263 -44.75 26.53 6.64
N ALA D 264 -43.69 25.80 6.26
CA ALA D 264 -42.44 26.44 5.80
C ALA D 264 -42.65 27.25 4.53
N VAL D 265 -43.37 26.73 3.55
CA VAL D 265 -43.62 27.47 2.32
C VAL D 265 -44.18 28.85 2.68
N LYS D 266 -45.20 28.88 3.56
CA LYS D 266 -45.80 30.15 3.92
C LYS D 266 -44.88 30.98 4.83
N LYS D 267 -44.27 30.35 5.84
CA LYS D 267 -43.50 31.11 6.83
C LYS D 267 -42.26 31.76 6.24
N TYR D 268 -41.61 31.11 5.27
CA TYR D 268 -40.35 31.61 4.71
C TYR D 268 -40.50 32.06 3.27
N ASN D 269 -41.74 32.16 2.78
CA ASN D 269 -42.06 32.59 1.44
C ASN D 269 -41.16 31.90 0.40
N LEU D 270 -41.27 30.58 0.38
CA LEU D 270 -40.64 29.77 -0.66
C LEU D 270 -41.74 29.31 -1.59
N LYS D 271 -41.56 29.47 -2.89
CA LYS D 271 -42.62 29.05 -3.78
C LYS D 271 -42.30 27.69 -4.36
N PRO D 272 -43.20 26.71 -4.24
CA PRO D 272 -42.89 25.36 -4.70
C PRO D 272 -42.65 25.31 -6.20
N LEU D 273 -41.65 24.49 -6.58
CA LEU D 273 -41.50 24.09 -7.97
C LEU D 273 -42.49 22.97 -8.30
N VAL D 274 -42.50 21.92 -7.49
CA VAL D 274 -43.35 20.75 -7.68
C VAL D 274 -43.73 20.21 -6.31
N GLU D 275 -44.67 19.28 -6.28
CA GLU D 275 -45.04 18.54 -5.10
C GLU D 275 -44.61 17.09 -5.29
N ILE D 276 -44.10 16.49 -4.21
CA ILE D 276 -43.83 15.06 -4.21
C ILE D 276 -45.11 14.34 -3.78
N VAL D 277 -45.76 13.68 -4.74
CA VAL D 277 -47.02 12.98 -4.48
C VAL D 277 -46.78 11.67 -3.72
N ALA D 278 -45.79 10.89 -4.14
CA ALA D 278 -45.57 9.60 -3.49
C ALA D 278 -44.16 9.12 -3.77
N THR D 279 -43.74 8.14 -2.96
CA THR D 279 -42.43 7.51 -3.01
C THR D 279 -42.60 6.02 -3.08
N GLY D 280 -41.55 5.33 -3.51
CA GLY D 280 -41.52 3.88 -3.53
C GLY D 280 -40.11 3.38 -3.41
N THR D 281 -39.96 2.23 -2.77
CA THR D 281 -38.67 1.56 -2.63
C THR D 281 -38.93 0.07 -2.77
N GLY D 282 -38.31 -0.59 -3.74
CA GLY D 282 -38.57 -1.99 -4.00
C GLY D 282 -37.28 -2.81 -4.01
N GLY D 283 -37.45 -4.12 -3.95
CA GLY D 283 -36.34 -5.05 -4.02
C GLY D 283 -36.61 -6.12 -5.06
N VAL D 284 -35.51 -6.60 -5.67
CA VAL D 284 -35.49 -7.70 -6.64
C VAL D 284 -34.25 -8.55 -6.38
N ASP D 285 -34.10 -9.62 -7.16
CA ASP D 285 -32.91 -10.47 -7.07
C ASP D 285 -31.65 -9.66 -7.38
N PRO D 286 -30.62 -9.69 -6.52
CA PRO D 286 -29.36 -8.98 -6.84
C PRO D 286 -28.79 -9.30 -8.21
N LEU D 287 -29.03 -10.52 -8.72
CA LEU D 287 -28.47 -10.95 -10.00
C LEU D 287 -29.06 -10.18 -11.18
N VAL D 288 -30.23 -9.56 -11.01
CA VAL D 288 -30.84 -8.73 -12.07
C VAL D 288 -31.35 -7.46 -11.40
N MET D 289 -30.44 -6.80 -10.70
CA MET D 289 -30.64 -5.58 -9.90
C MET D 289 -31.25 -4.44 -10.74
N GLY D 290 -30.86 -4.35 -12.02
CA GLY D 290 -31.40 -3.36 -12.97
C GLY D 290 -32.92 -3.36 -13.02
N MET D 291 -33.59 -4.40 -12.63
N MET D 291 -33.59 -4.39 -12.63
CA MET D 291 -35.05 -4.45 -12.64
CA MET D 291 -35.05 -4.37 -12.68
C MET D 291 -35.67 -3.79 -11.42
C MET D 291 -35.66 -3.73 -11.45
N GLY D 292 -34.84 -3.32 -10.48
CA GLY D 292 -35.34 -2.64 -9.30
C GLY D 292 -36.40 -1.54 -9.45
N PRO D 293 -36.39 -0.75 -10.54
CA PRO D 293 -37.47 0.24 -10.69
C PRO D 293 -38.86 -0.36 -10.75
N VAL D 294 -39.01 -1.63 -11.14
CA VAL D 294 -40.35 -2.18 -11.37
C VAL D 294 -41.12 -2.34 -10.06
N PRO D 295 -40.59 -2.97 -9.01
CA PRO D 295 -41.33 -2.93 -7.72
C PRO D 295 -41.39 -1.54 -7.11
N ALA D 296 -40.37 -0.71 -7.32
CA ALA D 296 -40.36 0.64 -6.75
C ALA D 296 -41.49 1.49 -7.34
N ILE D 297 -41.63 1.44 -8.66
CA ILE D 297 -42.67 2.22 -9.33
C ILE D 297 -44.05 1.71 -8.94
N ARG D 298 -44.21 0.38 -8.85
CA ARG D 298 -45.46 -0.24 -8.41
C ARG D 298 -45.88 0.27 -7.04
N LYS D 299 -44.96 0.24 -6.08
CA LYS D 299 -45.31 0.64 -4.73
C LYS D 299 -45.69 2.11 -4.67
N ALA D 300 -45.00 2.96 -5.45
CA ALA D 300 -45.30 4.38 -5.44
C ALA D 300 -46.70 4.66 -5.98
N PHE D 301 -47.05 4.04 -7.11
CA PHE D 301 -48.37 4.28 -7.69
C PHE D 301 -49.48 3.73 -6.82
N ASN D 302 -49.24 2.59 -6.16
CA ASN D 302 -50.28 1.99 -5.31
C ASN D 302 -50.62 2.86 -4.10
N LYS D 303 -49.84 3.91 -3.83
CA LYS D 303 -50.17 4.88 -2.79
C LYS D 303 -51.03 6.03 -3.30
N THR D 304 -51.45 6.00 -4.56
CA THR D 304 -52.12 7.13 -5.19
C THR D 304 -53.30 6.64 -6.00
N ASP D 305 -54.10 7.59 -6.49
CA ASP D 305 -55.10 7.34 -7.51
C ASP D 305 -54.56 7.54 -8.92
N LEU D 306 -53.25 7.57 -9.10
CA LEU D 306 -52.62 7.78 -10.40
C LEU D 306 -52.19 6.44 -10.98
N LYS D 307 -52.05 6.42 -12.30
CA LYS D 307 -51.49 5.28 -13.02
C LYS D 307 -50.31 5.75 -13.85
N LEU D 308 -49.51 4.79 -14.33
CA LEU D 308 -48.36 5.13 -15.16
C LEU D 308 -48.80 5.97 -16.35
N LYS D 309 -50.02 5.77 -16.81
CA LYS D 309 -50.50 6.51 -18.02
C LYS D 309 -50.66 8.00 -17.74
N ASP D 310 -50.69 8.38 -16.47
CA ASP D 310 -50.86 9.79 -16.08
C ASP D 310 -49.54 10.56 -16.21
N MET D 311 -48.42 9.86 -16.15
CA MET D 311 -47.09 10.50 -16.25
C MET D 311 -46.89 11.12 -17.65
N GLU D 312 -46.38 12.36 -17.72
CA GLU D 312 -46.08 13.02 -19.02
C GLU D 312 -44.56 13.12 -19.28
N LEU D 313 -43.76 13.01 -18.23
CA LEU D 313 -42.31 12.95 -18.36
C LEU D 313 -41.82 11.85 -17.45
N ILE D 314 -40.76 11.17 -17.86
CA ILE D 314 -40.20 10.06 -17.08
C ILE D 314 -38.69 10.15 -17.15
N GLU D 315 -38.03 9.94 -16.00
CA GLU D 315 -36.59 9.77 -15.90
C GLU D 315 -36.34 8.38 -15.33
N LEU D 316 -35.73 7.48 -16.12
CA LEU D 316 -35.29 6.17 -15.65
C LEU D 316 -33.79 6.08 -15.86
N ASN D 317 -33.03 6.00 -14.78
CA ASN D 317 -31.59 6.16 -14.90
C ASN D 317 -30.99 5.08 -15.77
N GLU D 318 -30.03 5.46 -16.60
CA GLU D 318 -29.46 4.57 -17.60
C GLU D 318 -28.16 3.98 -17.08
N ALA D 319 -28.28 3.08 -16.11
CA ALA D 319 -27.09 2.34 -15.67
C ALA D 319 -26.49 1.55 -16.83
N PHE D 320 -27.33 0.79 -17.53
CA PHE D 320 -26.92 0.05 -18.72
C PHE D 320 -28.08 0.04 -19.70
N ALA D 321 -27.76 0.14 -20.99
CA ALA D 321 -28.82 0.02 -22.00
C ALA D 321 -29.60 -1.27 -21.83
N ALA D 322 -28.89 -2.38 -21.56
CA ALA D 322 -29.56 -3.65 -21.33
C ALA D 322 -30.56 -3.55 -20.19
N GLN D 323 -30.17 -2.83 -19.12
CA GLN D 323 -30.99 -2.71 -17.93
C GLN D 323 -32.23 -1.85 -18.18
N SER D 324 -32.05 -0.68 -18.81
CA SER D 324 -33.19 0.20 -19.07
C SER D 324 -34.18 -0.43 -20.05
N LEU D 325 -33.67 -1.08 -21.09
CA LEU D 325 -34.60 -1.71 -22.03
C LEU D 325 -35.38 -2.82 -21.34
N GLY D 326 -34.74 -3.56 -20.44
CA GLY D 326 -35.46 -4.61 -19.72
C GLY D 326 -36.52 -4.04 -18.81
N VAL D 327 -36.19 -2.92 -18.15
CA VAL D 327 -37.18 -2.22 -17.32
C VAL D 327 -38.35 -1.75 -18.18
N ILE D 328 -38.04 -1.06 -19.28
CA ILE D 328 -39.10 -0.59 -20.17
C ILE D 328 -39.98 -1.74 -20.61
N LYS D 329 -39.36 -2.87 -20.99
CA LYS D 329 -40.13 -4.03 -21.45
C LYS D 329 -41.13 -4.48 -20.40
N GLU D 330 -40.67 -4.60 -19.14
CA GLU D 330 -41.56 -5.06 -18.07
C GLU D 330 -42.61 -4.02 -17.72
N LEU D 331 -42.23 -2.73 -17.72
CA LEU D 331 -43.19 -1.68 -17.40
C LEU D 331 -44.37 -1.69 -18.35
N CYS D 332 -44.11 -1.98 -19.63
CA CYS D 332 -45.15 -2.04 -20.66
C CYS D 332 -46.17 -3.14 -20.36
N LYS D 333 -45.69 -4.36 -20.09
CA LYS D 333 -46.59 -5.47 -19.77
C LYS D 333 -47.42 -5.14 -18.54
N GLU D 334 -46.78 -4.66 -17.47
CA GLU D 334 -47.51 -4.47 -16.21
C GLU D 334 -48.53 -3.34 -16.31
N HIS D 335 -48.16 -2.21 -16.91
CA HIS D 335 -48.99 -1.01 -16.88
C HIS D 335 -49.80 -0.76 -18.15
N GLY D 336 -49.70 -1.64 -19.14
CA GLY D 336 -50.50 -1.48 -20.34
C GLY D 336 -50.21 -0.22 -21.12
N VAL D 337 -48.93 0.10 -21.29
CA VAL D 337 -48.49 1.18 -22.15
C VAL D 337 -47.57 0.56 -23.18
N THR D 338 -47.44 1.24 -24.32
CA THR D 338 -46.58 0.70 -25.36
C THR D 338 -45.14 1.16 -25.16
N PRO D 339 -44.16 0.39 -25.67
CA PRO D 339 -42.76 0.86 -25.55
C PRO D 339 -42.51 2.18 -26.23
N GLU D 340 -43.24 2.46 -27.31
CA GLU D 340 -43.07 3.74 -27.99
C GLU D 340 -43.60 4.89 -27.14
N TRP D 341 -44.70 4.65 -26.41
CA TRP D 341 -45.25 5.65 -25.50
C TRP D 341 -44.27 5.97 -24.37
N ILE D 342 -43.65 4.93 -23.81
CA ILE D 342 -42.65 5.13 -22.77
C ILE D 342 -41.44 5.88 -23.34
N LYS D 343 -40.90 5.38 -24.45
CA LYS D 343 -39.64 5.91 -24.94
C LYS D 343 -39.77 7.37 -25.36
N GLU D 344 -40.95 7.79 -25.85
CA GLU D 344 -41.11 9.15 -26.36
C GLU D 344 -41.10 10.19 -25.25
N ARG D 345 -41.33 9.79 -23.99
CA ARG D 345 -41.38 10.73 -22.88
C ARG D 345 -40.32 10.45 -21.83
N THR D 346 -39.39 9.54 -22.08
CA THR D 346 -38.42 9.12 -21.09
C THR D 346 -37.04 9.64 -21.47
N ASN D 347 -36.33 10.18 -20.48
CA ASN D 347 -34.97 10.68 -20.64
C ASN D 347 -34.88 11.60 -21.85
N VAL D 348 -35.85 12.52 -21.95
CA VAL D 348 -36.01 13.36 -23.14
C VAL D 348 -34.82 14.28 -23.37
N ASN D 349 -34.01 14.54 -22.33
CA ASN D 349 -32.80 15.33 -22.48
C ASN D 349 -31.53 14.48 -22.46
N GLY D 350 -31.68 13.16 -22.68
CA GLY D 350 -30.56 12.25 -22.55
C GLY D 350 -30.47 11.63 -21.16
N GLY D 351 -29.70 10.55 -21.06
CA GLY D 351 -29.58 9.82 -19.82
C GLY D 351 -28.14 9.45 -19.45
N ALA D 352 -27.98 8.56 -18.47
CA ALA D 352 -26.68 8.37 -17.83
C ALA D 352 -25.63 7.81 -18.79
N ILE D 353 -26.05 7.06 -19.84
CA ILE D 353 -25.10 6.56 -20.81
C ILE D 353 -24.29 7.71 -21.38
N ALA D 354 -24.93 8.85 -21.61
CA ALA D 354 -24.30 10.04 -22.14
C ALA D 354 -23.90 11.04 -21.07
N LEU D 355 -24.72 11.22 -20.04
CA LEU D 355 -24.48 12.27 -19.05
C LEU D 355 -23.60 11.81 -17.89
N GLY D 356 -23.62 10.53 -17.55
CA GLY D 356 -22.77 10.05 -16.48
C GLY D 356 -23.57 9.61 -15.26
N HIS D 357 -22.92 8.82 -14.41
CA HIS D 357 -23.60 8.12 -13.31
C HIS D 357 -22.76 8.21 -12.04
N PRO D 358 -22.69 9.40 -11.43
CA PRO D 358 -22.00 9.50 -10.13
C PRO D 358 -22.90 8.91 -9.04
N VAL D 359 -22.53 7.71 -8.57
CA VAL D 359 -23.51 6.74 -8.04
C VAL D 359 -24.38 7.36 -6.94
N GLY D 360 -23.74 7.88 -5.89
CA GLY D 360 -24.48 8.42 -4.76
C GLY D 360 -25.31 9.66 -5.07
N ALA D 361 -25.11 10.29 -6.23
CA ALA D 361 -25.85 11.51 -6.55
C ALA D 361 -26.87 11.33 -7.64
N SER D 362 -26.77 10.27 -8.47
CA SER D 362 -27.63 10.12 -9.64
C SER D 362 -29.13 10.11 -9.30
N GLY D 363 -29.53 9.44 -8.22
CA GLY D 363 -30.95 9.40 -7.89
C GLY D 363 -31.55 10.77 -7.65
N ASN D 364 -30.73 11.70 -7.14
CA ASN D 364 -31.15 13.10 -7.06
C ASN D 364 -30.96 13.82 -8.39
N ARG D 365 -29.86 13.53 -9.10
CA ARG D 365 -29.60 14.16 -10.39
C ARG D 365 -30.83 14.04 -11.32
N ILE D 366 -31.34 12.81 -11.49
CA ILE D 366 -32.41 12.60 -12.47
C ILE D 366 -33.70 13.25 -12.00
N THR D 367 -33.86 13.46 -10.69
CA THR D 367 -35.04 14.15 -10.18
C THR D 367 -34.97 15.64 -10.48
N VAL D 368 -33.78 16.24 -10.36
CA VAL D 368 -33.61 17.64 -10.74
C VAL D 368 -33.91 17.83 -12.22
N THR D 369 -33.35 16.96 -13.06
CA THR D 369 -33.57 17.05 -14.51
C THR D 369 -35.04 16.90 -14.86
N LEU D 370 -35.75 15.99 -14.19
CA LEU D 370 -37.18 15.86 -14.41
C LEU D 370 -37.91 17.12 -14.02
N ILE D 371 -37.60 17.66 -12.84
CA ILE D 371 -38.30 18.86 -12.36
C ILE D 371 -38.19 20.01 -13.36
N TYR D 372 -36.97 20.30 -13.82
CA TYR D 372 -36.79 21.46 -14.70
C TYR D 372 -37.44 21.24 -16.05
N GLU D 373 -37.47 20.00 -16.56
CA GLU D 373 -38.18 19.76 -17.81
C GLU D 373 -39.69 19.77 -17.62
N MET D 374 -40.20 19.28 -16.48
CA MET D 374 -41.61 19.49 -16.16
C MET D 374 -42.00 20.95 -16.27
N LYS D 375 -41.25 21.84 -15.59
CA LYS D 375 -41.59 23.26 -15.63
C LYS D 375 -41.54 23.82 -17.04
N LYS D 376 -40.53 23.43 -17.84
CA LYS D 376 -40.41 23.98 -19.19
C LYS D 376 -41.60 23.58 -20.06
N ARG D 377 -42.01 22.31 -19.99
CA ARG D 377 -43.11 21.81 -20.81
C ARG D 377 -44.47 22.17 -20.25
N GLY D 378 -44.58 22.39 -18.93
CA GLY D 378 -45.86 22.71 -18.35
C GLY D 378 -46.76 21.52 -18.13
N VAL D 379 -46.17 20.34 -17.94
CA VAL D 379 -46.95 19.13 -17.74
C VAL D 379 -47.21 18.94 -16.25
N GLU D 380 -48.22 18.12 -15.93
CA GLU D 380 -48.66 18.03 -14.54
C GLU D 380 -47.93 16.97 -13.73
N TYR D 381 -47.60 15.80 -14.30
CA TYR D 381 -47.02 14.69 -13.55
C TYR D 381 -45.78 14.12 -14.25
N GLY D 382 -44.79 13.78 -13.43
CA GLY D 382 -43.57 13.17 -13.92
C GLY D 382 -43.07 12.16 -12.91
N LEU D 383 -42.48 11.08 -13.42
CA LEU D 383 -41.99 9.95 -12.63
C LEU D 383 -40.47 9.86 -12.75
N ALA D 384 -39.79 9.69 -11.62
CA ALA D 384 -38.34 9.45 -11.61
C ALA D 384 -38.06 8.16 -10.88
N SER D 385 -37.11 7.35 -11.38
CA SER D 385 -36.83 6.08 -10.73
C SER D 385 -35.50 5.52 -11.26
N LEU D 386 -34.85 4.69 -10.44
CA LEU D 386 -33.58 4.12 -10.87
C LEU D 386 -33.33 2.81 -10.15
N CYS D 387 -32.53 1.94 -10.77
CA CYS D 387 -32.14 0.67 -10.14
C CYS D 387 -30.97 0.90 -9.18
N ILE D 388 -30.76 -0.06 -8.27
CA ILE D 388 -29.88 0.06 -7.10
C ILE D 388 -29.10 -1.23 -6.88
N GLY D 389 -27.78 -1.12 -6.75
CA GLY D 389 -26.95 -2.32 -6.61
C GLY D 389 -27.34 -3.09 -5.36
N GLY D 390 -27.33 -4.42 -5.48
CA GLY D 390 -27.91 -5.27 -4.47
C GLY D 390 -29.35 -5.65 -4.73
N GLY D 391 -29.98 -5.10 -5.77
CA GLY D 391 -31.32 -5.50 -6.11
C GLY D 391 -32.41 -4.65 -5.50
N MET D 392 -32.33 -3.34 -5.68
CA MET D 392 -33.35 -2.44 -5.16
C MET D 392 -33.68 -1.39 -6.20
N GLY D 393 -34.74 -0.65 -5.93
CA GLY D 393 -35.08 0.52 -6.72
C GLY D 393 -35.76 1.52 -5.81
N THR D 394 -35.77 2.78 -6.26
CA THR D 394 -36.55 3.83 -5.64
C THR D 394 -37.26 4.61 -6.73
N ALA D 395 -38.29 5.35 -6.33
CA ALA D 395 -39.14 6.06 -7.27
C ALA D 395 -39.83 7.23 -6.55
N LEU D 396 -40.04 8.31 -7.31
CA LEU D 396 -40.78 9.49 -6.87
C LEU D 396 -41.80 9.84 -7.95
N ILE D 397 -43.03 10.11 -7.50
CA ILE D 397 -44.06 10.69 -8.36
C ILE D 397 -44.18 12.17 -8.02
N LEU D 398 -44.07 13.03 -9.04
CA LEU D 398 -44.03 14.47 -8.84
C LEU D 398 -45.21 15.12 -9.55
N LYS D 399 -45.74 16.19 -8.95
CA LYS D 399 -46.87 16.93 -9.53
C LYS D 399 -46.50 18.39 -9.65
N ASN D 400 -46.75 18.97 -10.82
CA ASN D 400 -46.37 20.35 -11.07
C ASN D 400 -47.19 21.29 -10.20
N VAL D 401 -46.55 22.34 -9.71
CA VAL D 401 -47.21 23.39 -8.96
C VAL D 401 -47.09 24.67 -9.78
N LYS D 402 -48.18 25.05 -10.44
CA LYS D 402 -48.21 26.21 -11.32
C LYS D 402 -47.84 27.50 -10.57
#